data_2JIL
# 
_entry.id   2JIL 
# 
_audit_conform.dict_name       mmcif_pdbx.dic 
_audit_conform.dict_version    5.382 
_audit_conform.dict_location   http://mmcif.pdb.org/dictionaries/ascii/mmcif_pdbx.dic 
# 
loop_
_database_2.database_id 
_database_2.database_code 
_database_2.pdbx_database_accession 
_database_2.pdbx_DOI 
PDB   2JIL         pdb_00002jil 10.2210/pdb2jil/pdb 
PDBE  EBI-33052    ?            ?                   
WWPDB D_1290033052 ?            ?                   
# 
_pdbx_database_status.status_code                     REL 
_pdbx_database_status.entry_id                        2JIL 
_pdbx_database_status.deposit_site                    PDBE 
_pdbx_database_status.process_site                    PDBE 
_pdbx_database_status.SG_entry                        . 
_pdbx_database_status.recvd_initial_deposition_date   2007-06-28 
_pdbx_database_status.pdb_format_compatible           Y 
_pdbx_database_status.status_code_sf                  REL 
_pdbx_database_status.status_code_mr                  ? 
_pdbx_database_status.status_code_cs                  ? 
_pdbx_database_status.methods_development_category    ? 
_pdbx_database_status.status_code_nmr_data            ? 
# 
loop_
_audit_author.name 
_audit_author.pdbx_ordinal 
'Tickle, J.'        1  
'Elkins, J.'        2  
'Pike, A.C.W.'      3  
'Cooper, C.'        4  
'Salah, E.'         5  
'Papagrigoriou, E.' 6  
'von Delft, F.'     7  
'Edwards, A.'       8  
'Arrowsmith, C.H.'  9  
'Weigelt, J.'       10 
'Sundstrom, M.'     11 
'Doyle, D.'         12 
# 
_citation.id                        primary 
_citation.title                     'Crystal Structure of 2Nd Pdz Domain of Glutamate Receptor Interacting Protein-1 (Grip1)' 
_citation.journal_abbrev            'To be Published' 
_citation.journal_volume            ? 
_citation.page_first                ? 
_citation.page_last                 ? 
_citation.year                      ? 
_citation.journal_id_ASTM           ? 
_citation.country                   ? 
_citation.journal_id_ISSN           ? 
_citation.journal_id_CSD            0353 
_citation.book_publisher            ? 
_citation.pdbx_database_id_PubMed   ? 
_citation.pdbx_database_id_DOI      ? 
# 
loop_
_citation_author.citation_id 
_citation_author.name 
_citation_author.ordinal 
_citation_author.identifier_ORCID 
primary 'Tickle, J.'        1  ? 
primary 'Elkins, J.'        2  ? 
primary 'Pike, A.C.W.'      3  ? 
primary 'Cooper, C.'        4  ? 
primary 'Salah, E.'         5  ? 
primary 'Papagrigoriou, E.' 6  ? 
primary 'von Delft, F.'     7  ? 
primary 'Edwards, A.'       8  ? 
primary 'Arrowsmith, C.H.'  9  ? 
primary 'Weigelt, J.'       10 ? 
primary 'Sundstrom, M.'     11 ? 
primary 'Doyle, D.'         12 ? 
# 
_cell.entry_id           2JIL 
_cell.length_a           56.060 
_cell.length_b           61.057 
_cell.length_c           96.397 
_cell.angle_alpha        90.00 
_cell.angle_beta         90.00 
_cell.angle_gamma        90.00 
_cell.Z_PDB              16 
_cell.pdbx_unique_axis   ? 
# 
_symmetry.entry_id                         2JIL 
_symmetry.space_group_name_H-M             'C 2 2 21' 
_symmetry.pdbx_full_space_group_name_H-M   ? 
_symmetry.cell_setting                     ? 
_symmetry.Int_Tables_number                20 
# 
loop_
_entity.id 
_entity.type 
_entity.src_method 
_entity.pdbx_description 
_entity.formula_weight 
_entity.pdbx_number_of_molecules 
_entity.pdbx_ec 
_entity.pdbx_mutation 
_entity.pdbx_fragment 
_entity.details 
1 polymer     man 'GLUTAMATE RECEPTOR INTERACTING PROTEIN-1' 10429.821 2   ? YES 'PDZ DOMAIN 2, RESIDUES 149-239' ? 
2 non-polymer syn 'THIOCYANATE ION'                          58.082    2   ? ?   ?                                ? 
3 non-polymer syn 1,2-ETHANEDIOL                             62.068    3   ? ?   ?                                ? 
4 water       nat water                                      18.015    151 ? ?   ?                                ? 
# 
_entity_name_com.entity_id   1 
_entity_name_com.name        'GRIP1 PROTEIN' 
# 
_entity_poly.entity_id                      1 
_entity_poly.type                           'polypeptide(L)' 
_entity_poly.nstd_linkage                   no 
_entity_poly.nstd_monomer                   no 
_entity_poly.pdbx_seq_one_letter_code       
;SMRTVEVTLHKEGNTFGFVIRGGAHDDRNKSRPVVITSVRPGGPADREGTIKPGDRLLSVDGIRLLGTTHAEAMSILKQC
GQEAALLIEYDVSETAV
;
_entity_poly.pdbx_seq_one_letter_code_can   
;SMRTVEVTLHKEGNTFGFVIRGGAHDDRNKSRPVVITSVRPGGPADREGTIKPGDRLLSVDGIRLLGTTHAEAMSILKQC
GQEAALLIEYDVSETAV
;
_entity_poly.pdbx_strand_id                 A,B 
_entity_poly.pdbx_target_identifier         ? 
# 
loop_
_entity_poly_seq.entity_id 
_entity_poly_seq.num 
_entity_poly_seq.mon_id 
_entity_poly_seq.hetero 
1 1  SER n 
1 2  MET n 
1 3  ARG n 
1 4  THR n 
1 5  VAL n 
1 6  GLU n 
1 7  VAL n 
1 8  THR n 
1 9  LEU n 
1 10 HIS n 
1 11 LYS n 
1 12 GLU n 
1 13 GLY n 
1 14 ASN n 
1 15 THR n 
1 16 PHE n 
1 17 GLY n 
1 18 PHE n 
1 19 VAL n 
1 20 ILE n 
1 21 ARG n 
1 22 GLY n 
1 23 GLY n 
1 24 ALA n 
1 25 HIS n 
1 26 ASP n 
1 27 ASP n 
1 28 ARG n 
1 29 ASN n 
1 30 LYS n 
1 31 SER n 
1 32 ARG n 
1 33 PRO n 
1 34 VAL n 
1 35 VAL n 
1 36 ILE n 
1 37 THR n 
1 38 SER n 
1 39 VAL n 
1 40 ARG n 
1 41 PRO n 
1 42 GLY n 
1 43 GLY n 
1 44 PRO n 
1 45 ALA n 
1 46 ASP n 
1 47 ARG n 
1 48 GLU n 
1 49 GLY n 
1 50 THR n 
1 51 ILE n 
1 52 LYS n 
1 53 PRO n 
1 54 GLY n 
1 55 ASP n 
1 56 ARG n 
1 57 LEU n 
1 58 LEU n 
1 59 SER n 
1 60 VAL n 
1 61 ASP n 
1 62 GLY n 
1 63 ILE n 
1 64 ARG n 
1 65 LEU n 
1 66 LEU n 
1 67 GLY n 
1 68 THR n 
1 69 THR n 
1 70 HIS n 
1 71 ALA n 
1 72 GLU n 
1 73 ALA n 
1 74 MET n 
1 75 SER n 
1 76 ILE n 
1 77 LEU n 
1 78 LYS n 
1 79 GLN n 
1 80 CYS n 
1 81 GLY n 
1 82 GLN n 
1 83 GLU n 
1 84 ALA n 
1 85 ALA n 
1 86 LEU n 
1 87 LEU n 
1 88 ILE n 
1 89 GLU n 
1 90 TYR n 
1 91 ASP n 
1 92 VAL n 
1 93 SER n 
1 94 GLU n 
1 95 THR n 
1 96 ALA n 
1 97 VAL n 
# 
_entity_src_gen.entity_id                          1 
_entity_src_gen.pdbx_src_id                        1 
_entity_src_gen.pdbx_alt_source_flag               sample 
_entity_src_gen.pdbx_seq_type                      ? 
_entity_src_gen.pdbx_beg_seq_num                   ? 
_entity_src_gen.pdbx_end_seq_num                   ? 
_entity_src_gen.gene_src_common_name               HUMAN 
_entity_src_gen.gene_src_genus                     ? 
_entity_src_gen.pdbx_gene_src_gene                 ? 
_entity_src_gen.gene_src_species                   ? 
_entity_src_gen.gene_src_strain                    ? 
_entity_src_gen.gene_src_tissue                    ? 
_entity_src_gen.gene_src_tissue_fraction           ? 
_entity_src_gen.gene_src_details                   ? 
_entity_src_gen.pdbx_gene_src_fragment             ? 
_entity_src_gen.pdbx_gene_src_scientific_name      'HOMO SAPIENS' 
_entity_src_gen.pdbx_gene_src_ncbi_taxonomy_id     9606 
_entity_src_gen.pdbx_gene_src_variant              ? 
_entity_src_gen.pdbx_gene_src_cell_line            ? 
_entity_src_gen.pdbx_gene_src_atcc                 ? 
_entity_src_gen.pdbx_gene_src_organ                ? 
_entity_src_gen.pdbx_gene_src_organelle            ? 
_entity_src_gen.pdbx_gene_src_cell                 ? 
_entity_src_gen.pdbx_gene_src_cellular_location    ? 
_entity_src_gen.host_org_common_name               ? 
_entity_src_gen.pdbx_host_org_scientific_name      'ESCHERICHIA COLI' 
_entity_src_gen.pdbx_host_org_ncbi_taxonomy_id     469008 
_entity_src_gen.host_org_genus                     ? 
_entity_src_gen.pdbx_host_org_gene                 ? 
_entity_src_gen.pdbx_host_org_organ                ? 
_entity_src_gen.host_org_species                   ? 
_entity_src_gen.pdbx_host_org_tissue               ? 
_entity_src_gen.pdbx_host_org_tissue_fraction      ? 
_entity_src_gen.pdbx_host_org_strain               'BL21(DE3)' 
_entity_src_gen.pdbx_host_org_variant              R3-PRARE2 
_entity_src_gen.pdbx_host_org_cell_line            ? 
_entity_src_gen.pdbx_host_org_atcc                 ? 
_entity_src_gen.pdbx_host_org_culture_collection   ? 
_entity_src_gen.pdbx_host_org_cell                 ? 
_entity_src_gen.pdbx_host_org_organelle            ? 
_entity_src_gen.pdbx_host_org_cellular_location    ? 
_entity_src_gen.pdbx_host_org_vector_type          ? 
_entity_src_gen.pdbx_host_org_vector               ? 
_entity_src_gen.host_org_details                   ? 
_entity_src_gen.expression_system_id               ? 
_entity_src_gen.plasmid_name                       PNIC28-BSA4 
_entity_src_gen.plasmid_details                    ? 
_entity_src_gen.pdbx_description                   ? 
# 
loop_
_struct_ref.id 
_struct_ref.db_name 
_struct_ref.db_code 
_struct_ref.entity_id 
_struct_ref.pdbx_seq_one_letter_code 
_struct_ref.pdbx_align_begin 
_struct_ref.pdbx_db_accession 
_struct_ref.pdbx_db_isoform 
1 PDB 2JIL        1 ? ? 2JIL   ? 
2 UNP GRIP1_HUMAN 1 ? ? Q9Y3R0 ? 
# 
loop_
_struct_ref_seq.align_id 
_struct_ref_seq.ref_id 
_struct_ref_seq.pdbx_PDB_id_code 
_struct_ref_seq.pdbx_strand_id 
_struct_ref_seq.seq_align_beg 
_struct_ref_seq.pdbx_seq_align_beg_ins_code 
_struct_ref_seq.seq_align_end 
_struct_ref_seq.pdbx_seq_align_end_ins_code 
_struct_ref_seq.pdbx_db_accession 
_struct_ref_seq.db_align_beg 
_struct_ref_seq.pdbx_db_align_beg_ins_code 
_struct_ref_seq.db_align_end 
_struct_ref_seq.pdbx_db_align_end_ins_code 
_struct_ref_seq.pdbx_auth_seq_align_beg 
_struct_ref_seq.pdbx_auth_seq_align_end 
1 1 2JIL A 1  ? 2  ? 2JIL   -1  ? 0   ? -1  0   
2 2 2JIL A 3  ? 93 ? Q9Y3R0 149 ? 239 ? 149 239 
3 1 2JIL A 94 ? 97 ? 2JIL   240 ? 243 ? 240 243 
4 1 2JIL B 1  ? 2  ? 2JIL   -1  ? 0   ? -1  0   
5 2 2JIL B 3  ? 93 ? Q9Y3R0 149 ? 239 ? 149 239 
6 1 2JIL B 94 ? 97 ? 2JIL   240 ? 243 ? 240 243 
# 
loop_
_struct_ref_seq_dif.align_id 
_struct_ref_seq_dif.pdbx_pdb_id_code 
_struct_ref_seq_dif.mon_id 
_struct_ref_seq_dif.pdbx_pdb_strand_id 
_struct_ref_seq_dif.seq_num 
_struct_ref_seq_dif.pdbx_pdb_ins_code 
_struct_ref_seq_dif.pdbx_seq_db_name 
_struct_ref_seq_dif.pdbx_seq_db_accession_code 
_struct_ref_seq_dif.db_mon_id 
_struct_ref_seq_dif.pdbx_seq_db_seq_num 
_struct_ref_seq_dif.details 
_struct_ref_seq_dif.pdbx_auth_seq_num 
_struct_ref_seq_dif.pdbx_ordinal 
1 2JIL SER A 38 ? UNP Q9Y3R0 CYS 184 'engineered mutation' 184 1 
4 2JIL SER B 38 ? UNP Q9Y3R0 CYS 184 'engineered mutation' 184 2 
# 
loop_
_chem_comp.id 
_chem_comp.type 
_chem_comp.mon_nstd_flag 
_chem_comp.name 
_chem_comp.pdbx_synonyms 
_chem_comp.formula 
_chem_comp.formula_weight 
ALA 'L-peptide linking' y ALANINE           ?                 'C3 H7 N O2'     89.093  
ARG 'L-peptide linking' y ARGININE          ?                 'C6 H15 N4 O2 1' 175.209 
ASN 'L-peptide linking' y ASPARAGINE        ?                 'C4 H8 N2 O3'    132.118 
ASP 'L-peptide linking' y 'ASPARTIC ACID'   ?                 'C4 H7 N O4'     133.103 
CYS 'L-peptide linking' y CYSTEINE          ?                 'C3 H7 N O2 S'   121.158 
EDO non-polymer         . 1,2-ETHANEDIOL    'ETHYLENE GLYCOL' 'C2 H6 O2'       62.068  
GLN 'L-peptide linking' y GLUTAMINE         ?                 'C5 H10 N2 O3'   146.144 
GLU 'L-peptide linking' y 'GLUTAMIC ACID'   ?                 'C5 H9 N O4'     147.129 
GLY 'peptide linking'   y GLYCINE           ?                 'C2 H5 N O2'     75.067  
HIS 'L-peptide linking' y HISTIDINE         ?                 'C6 H10 N3 O2 1' 156.162 
HOH non-polymer         . WATER             ?                 'H2 O'           18.015  
ILE 'L-peptide linking' y ISOLEUCINE        ?                 'C6 H13 N O2'    131.173 
LEU 'L-peptide linking' y LEUCINE           ?                 'C6 H13 N O2'    131.173 
LYS 'L-peptide linking' y LYSINE            ?                 'C6 H15 N2 O2 1' 147.195 
MET 'L-peptide linking' y METHIONINE        ?                 'C5 H11 N O2 S'  149.211 
PHE 'L-peptide linking' y PHENYLALANINE     ?                 'C9 H11 N O2'    165.189 
PRO 'L-peptide linking' y PROLINE           ?                 'C5 H9 N O2'     115.130 
SCN non-polymer         . 'THIOCYANATE ION' ?                 'C N S -1'       58.082  
SER 'L-peptide linking' y SERINE            ?                 'C3 H7 N O3'     105.093 
THR 'L-peptide linking' y THREONINE         ?                 'C4 H9 N O3'     119.119 
TYR 'L-peptide linking' y TYROSINE          ?                 'C9 H11 N O3'    181.189 
VAL 'L-peptide linking' y VALINE            ?                 'C5 H11 N O2'    117.146 
# 
_exptl.entry_id          2JIL 
_exptl.method            'X-RAY DIFFRACTION' 
_exptl.crystals_number   1 
# 
_exptl_crystal.id                    1 
_exptl_crystal.density_meas          ? 
_exptl_crystal.density_Matthews      1.98 
_exptl_crystal.density_percent_sol   38 
_exptl_crystal.description           ? 
# 
_exptl_crystal_grow.crystal_id      1 
_exptl_crystal_grow.method          ? 
_exptl_crystal_grow.temp            ? 
_exptl_crystal_grow.temp_details    ? 
_exptl_crystal_grow.pH              7.50 
_exptl_crystal_grow.pdbx_pH_range   ? 
_exptl_crystal_grow.pdbx_details    '20% PEG3350, 0.20M POTASSIUM THIOCYANATE, 10% ETHYLENE GLYCOL, 0.1M BIS TRIS PROPANE PH 7.5' 
# 
_diffrn.id                     1 
_diffrn.ambient_temp           100.0 
_diffrn.ambient_temp_details   ? 
_diffrn.crystal_id             1 
# 
_diffrn_detector.diffrn_id              1 
_diffrn_detector.detector               CCD 
_diffrn_detector.type                   MARRESEARCH 
_diffrn_detector.pdbx_collection_date   2007-05-10 
_diffrn_detector.details                ? 
# 
_diffrn_radiation.diffrn_id                        1 
_diffrn_radiation.wavelength_id                    1 
_diffrn_radiation.pdbx_monochromatic_or_laue_m_l   M 
_diffrn_radiation.monochromator                    ? 
_diffrn_radiation.pdbx_diffrn_protocol             'SINGLE WAVELENGTH' 
_diffrn_radiation.pdbx_scattering_type             x-ray 
# 
_diffrn_radiation_wavelength.id           1 
_diffrn_radiation_wavelength.wavelength   0.9999 
_diffrn_radiation_wavelength.wt           1.0 
# 
_diffrn_source.diffrn_id                   1 
_diffrn_source.source                      SYNCHROTRON 
_diffrn_source.type                        'SLS BEAMLINE X10SA' 
_diffrn_source.pdbx_synchrotron_site       SLS 
_diffrn_source.pdbx_synchrotron_beamline   X10SA 
_diffrn_source.pdbx_wavelength             0.9999 
_diffrn_source.pdbx_wavelength_list        ? 
# 
_reflns.pdbx_diffrn_id               1 
_reflns.pdbx_ordinal                 1 
_reflns.entry_id                     2JIL 
_reflns.observed_criterion_sigma_I   0.000 
_reflns.observed_criterion_sigma_F   ? 
_reflns.d_resolution_low             41.310 
_reflns.d_resolution_high            1.500 
_reflns.number_obs                   26857 
_reflns.number_all                   ? 
_reflns.percent_possible_obs         99.9 
_reflns.pdbx_Rmerge_I_obs            0.06000 
_reflns.pdbx_Rsym_value              ? 
_reflns.pdbx_netI_over_sigmaI        16.0000 
_reflns.B_iso_Wilson_estimate        21.03 
_reflns.pdbx_redundancy              4.200 
# 
_reflns_shell.pdbx_diffrn_id         1 
_reflns_shell.pdbx_ordinal           1 
_reflns_shell.d_res_high             1.50 
_reflns_shell.d_res_low              1.58 
_reflns_shell.percent_possible_all   99.7 
_reflns_shell.Rmerge_I_obs           0.56000 
_reflns_shell.pdbx_Rsym_value        ? 
_reflns_shell.meanI_over_sigI_obs    1.600 
_reflns_shell.pdbx_redundancy        3.40 
# 
_refine.pdbx_refine_id                           'X-RAY DIFFRACTION' 
_refine.entry_id                                 2JIL 
_refine.pdbx_diffrn_id                           1 
_refine.pdbx_TLS_residual_ADP_flag               'LIKELY RESIDUAL' 
_refine.ls_number_reflns_obs                     24603 
_refine.ls_number_reflns_all                     ? 
_refine.pdbx_ls_sigma_I                          ? 
_refine.pdbx_ls_sigma_F                          ? 
_refine.pdbx_data_cutoff_high_absF               ? 
_refine.pdbx_data_cutoff_low_absF                ? 
_refine.pdbx_data_cutoff_high_rms_absF           ? 
_refine.ls_d_res_low                             48.22 
_refine.ls_d_res_high                            1.50 
_refine.ls_percent_reflns_obs                    99.8 
_refine.ls_R_factor_obs                          0.192 
_refine.ls_R_factor_all                          ? 
_refine.ls_R_factor_R_work                       0.189 
_refine.ls_R_factor_R_free                       0.228 
_refine.ls_R_factor_R_free_error                 ? 
_refine.ls_R_factor_R_free_error_details         ? 
_refine.ls_percent_reflns_R_free                 8.300 
_refine.ls_number_reflns_R_free                  2226 
_refine.ls_number_parameters                     ? 
_refine.ls_number_restraints                     ? 
_refine.occupancy_min                            ? 
_refine.occupancy_max                            ? 
_refine.correlation_coeff_Fo_to_Fc               0.965 
_refine.correlation_coeff_Fo_to_Fc_free          0.954 
_refine.B_iso_mean                               17.94 
_refine.aniso_B[1][1]                            0.89000 
_refine.aniso_B[2][2]                            0.19000 
_refine.aniso_B[3][3]                            -1.08000 
_refine.aniso_B[1][2]                            0.00000 
_refine.aniso_B[1][3]                            0.00000 
_refine.aniso_B[2][3]                            0.00000 
_refine.solvent_model_details                    MASK 
_refine.solvent_model_param_ksol                 ? 
_refine.solvent_model_param_bsol                 ? 
_refine.pdbx_solvent_vdw_probe_radii             1.20 
_refine.pdbx_solvent_ion_probe_radii             0.80 
_refine.pdbx_solvent_shrinkage_radii             0.80 
_refine.pdbx_ls_cross_valid_method               THROUGHOUT 
_refine.details                                  'HYDROGENS HAVE BEEN ADDED IN THE RIDING POSITIONS.' 
_refine.pdbx_starting_model                      'PDB ENTRY 1N7E 1TQ3 1BE9 1MFG 2HE2 1N7F' 
_refine.pdbx_method_to_determine_struct          'MOLECULAR REPLACEMENT' 
_refine.pdbx_isotropic_thermal_model             ? 
_refine.pdbx_stereochemistry_target_values       'MAXIMUM LIKELIHOOD' 
_refine.pdbx_stereochem_target_val_spec_case     ? 
_refine.pdbx_R_Free_selection_details            RANDOM 
_refine.pdbx_overall_ESU_R                       0.087 
_refine.pdbx_overall_ESU_R_Free                  0.090 
_refine.overall_SU_ML                            0.069 
_refine.pdbx_overall_phase_error                 ? 
_refine.overall_SU_B                             3.642 
_refine.overall_SU_R_Cruickshank_DPI             ? 
_refine.pdbx_overall_SU_R_free_Cruickshank_DPI   ? 
_refine.pdbx_overall_SU_R_Blow_DPI               ? 
_refine.pdbx_overall_SU_R_free_Blow_DPI          ? 
# 
_refine_hist.pdbx_refine_id                   'X-RAY DIFFRACTION' 
_refine_hist.cycle_id                         LAST 
_refine_hist.pdbx_number_atoms_protein        1411 
_refine_hist.pdbx_number_atoms_nucleic_acid   0 
_refine_hist.pdbx_number_atoms_ligand         18 
_refine_hist.number_atoms_solvent             151 
_refine_hist.number_atoms_total               1580 
_refine_hist.d_res_high                       1.50 
_refine_hist.d_res_low                        48.22 
# 
loop_
_refine_ls_restr.type 
_refine_ls_restr.dev_ideal 
_refine_ls_restr.dev_ideal_target 
_refine_ls_restr.weight 
_refine_ls_restr.number 
_refine_ls_restr.pdbx_refine_id 
_refine_ls_restr.pdbx_restraint_function 
r_bond_refined_d             0.014  0.021  ? 1487 'X-RAY DIFFRACTION' ? 
r_bond_other_d               0.004  0.020  ? 1020 'X-RAY DIFFRACTION' ? 
r_angle_refined_deg          1.519  1.981  ? 2004 'X-RAY DIFFRACTION' ? 
r_angle_other_deg            1.678  3.000  ? 2490 'X-RAY DIFFRACTION' ? 
r_dihedral_angle_1_deg       5.920  5.000  ? 193  'X-RAY DIFFRACTION' ? 
r_dihedral_angle_2_deg       29.306 21.724 ? 58   'X-RAY DIFFRACTION' ? 
r_dihedral_angle_3_deg       13.705 15.000 ? 259  'X-RAY DIFFRACTION' ? 
r_dihedral_angle_4_deg       20.649 15.000 ? 18   'X-RAY DIFFRACTION' ? 
r_chiral_restr               0.085  0.200  ? 242  'X-RAY DIFFRACTION' ? 
r_gen_planes_refined         0.006  0.020  ? 1635 'X-RAY DIFFRACTION' ? 
r_gen_planes_other           0.001  0.020  ? 295  'X-RAY DIFFRACTION' ? 
r_nbd_refined                0.264  0.200  ? 306  'X-RAY DIFFRACTION' ? 
r_nbd_other                  0.228  0.200  ? 1077 'X-RAY DIFFRACTION' ? 
r_nbtor_refined              0.164  0.200  ? 706  'X-RAY DIFFRACTION' ? 
r_nbtor_other                0.087  0.200  ? 854  'X-RAY DIFFRACTION' ? 
r_xyhbond_nbd_refined        0.156  0.200  ? 93   'X-RAY DIFFRACTION' ? 
r_xyhbond_nbd_other          ?      ?      ? ?    'X-RAY DIFFRACTION' ? 
r_metal_ion_refined          ?      ?      ? ?    'X-RAY DIFFRACTION' ? 
r_metal_ion_other            ?      ?      ? ?    'X-RAY DIFFRACTION' ? 
r_symmetry_vdw_refined       0.367  0.200  ? 39   'X-RAY DIFFRACTION' ? 
r_symmetry_vdw_other         0.377  0.200  ? 91   'X-RAY DIFFRACTION' ? 
r_symmetry_hbond_refined     0.139  0.200  ? 21   'X-RAY DIFFRACTION' ? 
r_symmetry_hbond_other       ?      ?      ? ?    'X-RAY DIFFRACTION' ? 
r_symmetry_metal_ion_refined ?      ?      ? ?    'X-RAY DIFFRACTION' ? 
r_symmetry_metal_ion_other   ?      ?      ? ?    'X-RAY DIFFRACTION' ? 
r_mcbond_it                  2.646  3.000  ? 960  'X-RAY DIFFRACTION' ? 
r_mcbond_other               ?      ?      ? ?    'X-RAY DIFFRACTION' ? 
r_mcangle_it                 4.035  5.000  ? 1552 'X-RAY DIFFRACTION' ? 
r_mcangle_other              ?      ?      ? ?    'X-RAY DIFFRACTION' ? 
r_scbond_it                  6.146  8.000  ? 527  'X-RAY DIFFRACTION' ? 
r_scbond_other               ?      ?      ? ?    'X-RAY DIFFRACTION' ? 
r_scangle_it                 8.437  11.000 ? 450  'X-RAY DIFFRACTION' ? 
r_scangle_other              ?      ?      ? ?    'X-RAY DIFFRACTION' ? 
r_long_range_B_refined       ?      ?      ? ?    'X-RAY DIFFRACTION' ? 
r_long_range_B_other         ?      ?      ? ?    'X-RAY DIFFRACTION' ? 
r_rigid_bond_restr           ?      ?      ? ?    'X-RAY DIFFRACTION' ? 
r_sphericity_free            ?      ?      ? ?    'X-RAY DIFFRACTION' ? 
r_sphericity_bonded          ?      ?      ? ?    'X-RAY DIFFRACTION' ? 
# 
_refine_ls_shell.pdbx_refine_id                   'X-RAY DIFFRACTION' 
_refine_ls_shell.pdbx_total_number_of_bins_used   20 
_refine_ls_shell.d_res_high                       1.50 
_refine_ls_shell.d_res_low                        1.54 
_refine_ls_shell.number_reflns_R_work             1792 
_refine_ls_shell.R_factor_R_work                  0.3140 
_refine_ls_shell.percent_reflns_obs               ? 
_refine_ls_shell.R_factor_R_free                  0.4030 
_refine_ls_shell.R_factor_R_free_error            ? 
_refine_ls_shell.percent_reflns_R_free            ? 
_refine_ls_shell.number_reflns_R_free             166 
_refine_ls_shell.number_reflns_all                ? 
_refine_ls_shell.R_factor_all                     ? 
# 
_struct_ncs_oper.id             1 
_struct_ncs_oper.code           given 
_struct_ncs_oper.details        ? 
_struct_ncs_oper.matrix[1][1]   -0.12779592 
_struct_ncs_oper.matrix[1][2]   0.82130115 
_struct_ncs_oper.matrix[1][3]   0.55599750 
_struct_ncs_oper.matrix[2][1]   0.79750749 
_struct_ncs_oper.matrix[2][2]   -0.24817974 
_struct_ncs_oper.matrix[2][3]   0.54990505 
_struct_ncs_oper.matrix[3][1]   0.58962086 
_struct_ncs_oper.matrix[3][2]   0.51368228 
_struct_ncs_oper.matrix[3][3]   -0.62327434 
_struct_ncs_oper.vector[1]      13.72087 
_struct_ncs_oper.vector[2]      12.53376 
_struct_ncs_oper.vector[3]      9.02281 
# 
_struct.entry_id                  2JIL 
_struct.title                     'Crystal structure of 2nd PDZ domain of glutamate receptor interacting protein-1 (GRIP1)' 
_struct.pdbx_model_details        ? 
_struct.pdbx_CASP_flag            ? 
_struct.pdbx_model_type_details   ? 
# 
_struct_keywords.entry_id        2JIL 
_struct_keywords.pdbx_keywords   'MEMBRANE PROTEIN' 
_struct_keywords.text            'ENDOPLASMIC RETICULUM, POSTSYNAPTIC MEMBRANE, MEMBRANE, MEMBRANE PROTEIN' 
# 
loop_
_struct_asym.id 
_struct_asym.pdbx_blank_PDB_chainid_flag 
_struct_asym.pdbx_modified 
_struct_asym.entity_id 
_struct_asym.details 
A N N 1 ? 
B N N 1 ? 
C N N 2 ? 
D N N 2 ? 
E N N 3 ? 
F N N 3 ? 
G N N 3 ? 
H N N 4 ? 
I N N 4 ? 
# 
_struct_biol.id   1 
# 
loop_
_struct_conf.conf_type_id 
_struct_conf.id 
_struct_conf.pdbx_PDB_helix_id 
_struct_conf.beg_label_comp_id 
_struct_conf.beg_label_asym_id 
_struct_conf.beg_label_seq_id 
_struct_conf.pdbx_beg_PDB_ins_code 
_struct_conf.end_label_comp_id 
_struct_conf.end_label_asym_id 
_struct_conf.end_label_seq_id 
_struct_conf.pdbx_end_PDB_ins_code 
_struct_conf.beg_auth_comp_id 
_struct_conf.beg_auth_asym_id 
_struct_conf.beg_auth_seq_id 
_struct_conf.end_auth_comp_id 
_struct_conf.end_auth_asym_id 
_struct_conf.end_auth_seq_id 
_struct_conf.pdbx_PDB_helix_class 
_struct_conf.details 
_struct_conf.pdbx_PDB_helix_length 
HELX_P HELX_P1 1 GLY A 43 ? GLY A 49 ? GLY A 189 GLY A 195 1 ? 7  
HELX_P HELX_P2 2 THR A 69 ? CYS A 80 ? THR A 215 CYS A 226 1 ? 12 
HELX_P HELX_P3 3 ASP B 27 ? SER B 31 ? ASP B 173 SER B 177 5 ? 5  
HELX_P HELX_P4 4 GLY B 43 ? GLY B 49 ? GLY B 189 GLY B 195 1 ? 7  
HELX_P HELX_P5 5 THR B 69 ? CYS B 80 ? THR B 215 CYS B 226 1 ? 12 
# 
_struct_conf_type.id          HELX_P 
_struct_conf_type.criteria    ? 
_struct_conf_type.reference   ? 
# 
loop_
_struct_sheet.id 
_struct_sheet.type 
_struct_sheet.number_strands 
_struct_sheet.details 
AA ? 4 ? 
AB ? 3 ? 
BA ? 4 ? 
BB ? 2 ? 
# 
loop_
_struct_sheet_order.sheet_id 
_struct_sheet_order.range_id_1 
_struct_sheet_order.range_id_2 
_struct_sheet_order.offset 
_struct_sheet_order.sense 
AA 1 2 ? anti-parallel 
AA 2 3 ? anti-parallel 
AA 3 4 ? anti-parallel 
AB 1 2 ? anti-parallel 
AB 2 3 ? anti-parallel 
BA 1 2 ? anti-parallel 
BA 2 3 ? anti-parallel 
BA 3 4 ? anti-parallel 
BB 1 2 ? anti-parallel 
# 
loop_
_struct_sheet_range.sheet_id 
_struct_sheet_range.id 
_struct_sheet_range.beg_label_comp_id 
_struct_sheet_range.beg_label_asym_id 
_struct_sheet_range.beg_label_seq_id 
_struct_sheet_range.pdbx_beg_PDB_ins_code 
_struct_sheet_range.end_label_comp_id 
_struct_sheet_range.end_label_asym_id 
_struct_sheet_range.end_label_seq_id 
_struct_sheet_range.pdbx_end_PDB_ins_code 
_struct_sheet_range.beg_auth_comp_id 
_struct_sheet_range.beg_auth_asym_id 
_struct_sheet_range.beg_auth_seq_id 
_struct_sheet_range.end_auth_comp_id 
_struct_sheet_range.end_auth_asym_id 
_struct_sheet_range.end_auth_seq_id 
AA 1 MET A 2  ? HIS A 10 ? MET A 0   HIS A 156 
AA 2 GLU A 83 ? ASP A 91 ? GLU A 229 ASP A 237 
AA 3 ARG A 56 ? VAL A 60 ? ARG A 202 VAL A 206 
AA 4 ILE A 63 ? ARG A 64 ? ILE A 209 ARG A 210 
AB 1 ARG A 32 ? VAL A 39 ? ARG A 178 VAL A 185 
AB 2 PHE A 18 ? GLY A 23 ? PHE A 164 GLY A 169 
AB 3 GLU B 94 ? ALA B 96 ? GLU B 240 ALA B 242 
BA 1 MET B 2  ? HIS B 10 ? MET B 0   HIS B 156 
BA 2 GLU B 83 ? ASP B 91 ? GLU B 229 ASP B 237 
BA 3 ARG B 56 ? VAL B 60 ? ARG B 202 VAL B 206 
BA 4 ILE B 63 ? ARG B 64 ? ILE B 209 ARG B 210 
BB 1 PHE B 18 ? GLY B 23 ? PHE B 164 GLY B 169 
BB 2 ARG B 32 ? VAL B 39 ? ARG B 178 VAL B 185 
# 
loop_
_pdbx_struct_sheet_hbond.sheet_id 
_pdbx_struct_sheet_hbond.range_id_1 
_pdbx_struct_sheet_hbond.range_id_2 
_pdbx_struct_sheet_hbond.range_1_label_atom_id 
_pdbx_struct_sheet_hbond.range_1_label_comp_id 
_pdbx_struct_sheet_hbond.range_1_label_asym_id 
_pdbx_struct_sheet_hbond.range_1_label_seq_id 
_pdbx_struct_sheet_hbond.range_1_PDB_ins_code 
_pdbx_struct_sheet_hbond.range_1_auth_atom_id 
_pdbx_struct_sheet_hbond.range_1_auth_comp_id 
_pdbx_struct_sheet_hbond.range_1_auth_asym_id 
_pdbx_struct_sheet_hbond.range_1_auth_seq_id 
_pdbx_struct_sheet_hbond.range_2_label_atom_id 
_pdbx_struct_sheet_hbond.range_2_label_comp_id 
_pdbx_struct_sheet_hbond.range_2_label_asym_id 
_pdbx_struct_sheet_hbond.range_2_label_seq_id 
_pdbx_struct_sheet_hbond.range_2_PDB_ins_code 
_pdbx_struct_sheet_hbond.range_2_auth_atom_id 
_pdbx_struct_sheet_hbond.range_2_auth_comp_id 
_pdbx_struct_sheet_hbond.range_2_auth_asym_id 
_pdbx_struct_sheet_hbond.range_2_auth_seq_id 
AA 1 2 N LEU A 9  ? N LEU A 155 O ALA A 84 ? O ALA A 230 
AA 2 3 N GLU A 89 ? N GLU A 235 O ARG A 56 ? O ARG A 202 
AA 3 4 N VAL A 60 ? N VAL A 206 O ILE A 63 ? O ILE A 209 
AB 1 2 N THR A 37 ? N THR A 183 O VAL A 19 ? O VAL A 165 
AB 2 3 N ILE A 20 ? N ILE A 166 O THR B 95 ? O THR B 241 
BA 1 2 N LEU B 9  ? N LEU B 155 O ALA B 84 ? O ALA B 230 
BA 2 3 N GLU B 89 ? N GLU B 235 O ARG B 56 ? O ARG B 202 
BA 3 4 N VAL B 60 ? N VAL B 206 O ILE B 63 ? O ILE B 209 
BB 1 2 N GLY B 23 ? N GLY B 169 O ARG B 32 ? O ARG B 178 
# 
loop_
_struct_site.id 
_struct_site.pdbx_evidence_code 
_struct_site.pdbx_auth_asym_id 
_struct_site.pdbx_auth_comp_id 
_struct_site.pdbx_auth_seq_id 
_struct_site.pdbx_auth_ins_code 
_struct_site.pdbx_num_residues 
_struct_site.details 
AC1 Software ? ? ? ? 4 'BINDING SITE FOR RESIDUE SCN A1244' 
AC2 Software ? ? ? ? 4 'BINDING SITE FOR RESIDUE SCN A1245' 
AC3 Software ? ? ? ? 6 'BINDING SITE FOR RESIDUE EDO A1246' 
AC4 Software ? ? ? ? 4 'BINDING SITE FOR RESIDUE EDO B1244' 
AC5 Software ? ? ? ? 8 'BINDING SITE FOR RESIDUE EDO B1245' 
# 
loop_
_struct_site_gen.id 
_struct_site_gen.site_id 
_struct_site_gen.pdbx_num_res 
_struct_site_gen.label_comp_id 
_struct_site_gen.label_asym_id 
_struct_site_gen.label_seq_id 
_struct_site_gen.pdbx_auth_ins_code 
_struct_site_gen.auth_comp_id 
_struct_site_gen.auth_asym_id 
_struct_site_gen.auth_seq_id 
_struct_site_gen.label_atom_id 
_struct_site_gen.label_alt_id 
_struct_site_gen.symmetry 
_struct_site_gen.details 
1  AC1 4 ARG A 21 ? ARG A 167  . ? 1_555 ? 
2  AC1 4 GLY A 22 ? GLY A 168  . ? 1_555 ? 
3  AC1 4 TYR B 90 ? TYR B 236  . ? 1_555 ? 
4  AC1 4 SER B 93 ? SER B 239  . ? 1_555 ? 
5  AC2 4 TYR A 90 ? TYR A 236  . ? 1_555 ? 
6  AC2 4 SER A 93 ? SER A 239  . ? 1_555 ? 
7  AC2 4 ARG B 21 ? ARG B 167  . ? 1_555 ? 
8  AC2 4 GLY B 22 ? GLY B 168  . ? 1_555 ? 
9  AC3 6 THR A 4  ? THR A 150  . ? 1_555 ? 
10 AC3 6 VAL A 5  ? VAL A 151  . ? 1_555 ? 
11 AC3 6 VAL A 92 ? VAL A 238  . ? 1_555 ? 
12 AC3 6 GLU A 94 ? GLU A 240  . ? 1_555 ? 
13 AC3 6 ARG B 21 ? ARG B 167  . ? 1_555 ? 
14 AC3 6 THR B 37 ? THR B 183  . ? 1_555 ? 
15 AC4 4 MET B 2  ? MET B 0    . ? 1_555 ? 
16 AC4 4 ARG B 3  ? ARG B 149  . ? 1_555 ? 
17 AC4 4 THR B 4  ? THR B 150  . ? 1_555 ? 
18 AC4 4 GLU B 89 ? GLU B 235  . ? 1_555 ? 
19 AC5 8 ARG A 64 ? ARG A 210  . ? 1_555 ? 
20 AC5 8 LEU A 66 ? LEU A 212  . ? 1_555 ? 
21 AC5 8 GLY B 17 ? GLY B 163  . ? 1_555 ? 
22 AC5 8 PHE B 18 ? PHE B 164  . ? 1_555 ? 
23 AC5 8 VAL B 19 ? VAL B 165  . ? 1_555 ? 
24 AC5 8 SER B 38 ? SER B 184  . ? 1_555 ? 
25 AC5 8 ARG B 40 ? ARG B 186  . ? 1_555 ? 
26 AC5 8 HOH I .  ? HOH B 2078 . ? 1_555 ? 
# 
_atom_sites.entry_id                    2JIL 
_atom_sites.fract_transf_matrix[1][1]   0.01708146 
_atom_sites.fract_transf_matrix[1][2]   0.00376920 
_atom_sites.fract_transf_matrix[1][3]   -0.00349446 
_atom_sites.fract_transf_matrix[2][1]   0.00019840 
_atom_sites.fract_transf_matrix[2][2]   0.01064162 
_atom_sites.fract_transf_matrix[2][3]   0.01244811 
_atom_sites.fract_transf_matrix[3][1]   0.00298653 
_atom_sites.fract_transf_matrix[3][2]   -0.00757497 
_atom_sites.fract_transf_matrix[3][3]   0.00642809 
_atom_sites.fract_transf_vector[1]      0.409391 
_atom_sites.fract_transf_vector[2]      0.164001 
_atom_sites.fract_transf_vector[3]      0.126165 
# 
loop_
_atom_type.symbol 
C 
N 
O 
S 
# 
loop_
_atom_site.group_PDB 
_atom_site.id 
_atom_site.type_symbol 
_atom_site.label_atom_id 
_atom_site.label_alt_id 
_atom_site.label_comp_id 
_atom_site.label_asym_id 
_atom_site.label_entity_id 
_atom_site.label_seq_id 
_atom_site.pdbx_PDB_ins_code 
_atom_site.Cartn_x 
_atom_site.Cartn_y 
_atom_site.Cartn_z 
_atom_site.occupancy 
_atom_site.B_iso_or_equiv 
_atom_site.pdbx_formal_charge 
_atom_site.auth_seq_id 
_atom_site.auth_comp_id 
_atom_site.auth_asym_id 
_atom_site.auth_atom_id 
_atom_site.pdbx_PDB_model_num 
ATOM   1    N N   . SER A 1 1  ? -3.256  -5.934  -16.699 1.00 24.46 ? -1   SER A N   1 
ATOM   2    C CA  . SER A 1 1  ? -3.084  -4.489  -16.396 1.00 28.75 ? -1   SER A CA  1 
ATOM   3    C C   . SER A 1 1  ? -3.977  -4.112  -15.239 1.00 26.83 ? -1   SER A C   1 
ATOM   4    O O   . SER A 1 1  ? -4.880  -4.868  -14.864 1.00 24.20 ? -1   SER A O   1 
ATOM   5    C CB  . SER A 1 1  ? -3.408  -3.632  -17.627 1.00 34.77 ? -1   SER A CB  1 
ATOM   6    O OG  . SER A 1 1  ? -4.586  -4.092  -18.271 1.00 47.29 ? -1   SER A OG  1 
ATOM   7    N N   . MET A 1 2  ? -3.718  -2.937  -14.681 1.00 25.35 ? 0    MET A N   1 
ATOM   8    C CA  . MET A 1 2  ? -4.510  -2.405  -13.568 1.00 24.44 ? 0    MET A CA  1 
ATOM   9    C C   . MET A 1 2  ? -5.957  -2.173  -13.991 1.00 27.19 ? 0    MET A C   1 
ATOM   10   O O   . MET A 1 2  ? -6.250  -1.402  -14.898 1.00 27.59 ? 0    MET A O   1 
ATOM   11   C CB  . MET A 1 2  ? -3.881  -1.109  -13.063 1.00 26.78 ? 0    MET A CB  1 
ATOM   12   C CG  A MET A 1 2  ? -2.854  -1.345  -11.972 0.50 32.84 ? 0    MET A CG  1 
ATOM   13   C CG  B MET A 1 2  ? -2.590  -1.280  -12.250 0.50 34.66 ? 0    MET A CG  1 
ATOM   14   S SD  A MET A 1 2  ? -3.761  -1.616  -10.426 0.50 34.06 ? 0    MET A SD  1 
ATOM   15   S SD  B MET A 1 2  ? -2.654  -2.343  -10.802 0.50 34.29 ? 0    MET A SD  1 
ATOM   16   C CE  A MET A 1 2  ? -2.469  -2.089  -9.284  0.50 25.15 ? 0    MET A CE  1 
ATOM   17   C CE  B MET A 1 2  ? -4.264  -1.900  -10.180 0.50 20.43 ? 0    MET A CE  1 
ATOM   18   N N   . ARG A 1 3  ? -6.859  -2.883  -13.328 1.00 22.10 ? 149  ARG A N   1 
ATOM   19   C CA  . ARG A 1 3  ? -8.262  -2.877  -13.677 1.00 26.30 ? 149  ARG A CA  1 
ATOM   20   C C   . ARG A 1 3  ? -9.036  -2.984  -12.380 1.00 20.29 ? 149  ARG A C   1 
ATOM   21   O O   . ARG A 1 3  ? -8.491  -3.397  -11.347 1.00 22.56 ? 149  ARG A O   1 
ATOM   22   C CB  . ARG A 1 3  ? -8.606  -4.042  -14.602 1.00 25.80 ? 149  ARG A CB  1 
ATOM   23   C CG  . ARG A 1 3  ? -7.922  -3.959  -15.975 1.00 43.83 ? 149  ARG A CG  1 
ATOM   24   C CD  . ARG A 1 3  ? -8.847  -4.395  -17.099 1.00 57.75 ? 149  ARG A CD  1 
ATOM   25   N NE  . ARG A 1 3  ? -8.496  -3.755  -18.367 1.00 64.75 ? 149  ARG A NE  1 
ATOM   26   C CZ  . ARG A 1 3  ? -8.740  -2.477  -18.667 1.00 63.98 ? 149  ARG A CZ  1 
ATOM   27   N NH1 . ARG A 1 3  ? -9.326  -1.669  -17.784 1.00 48.71 ? 149  ARG A NH1 1 
ATOM   28   N NH2 . ARG A 1 3  ? -8.383  -1.998  -19.857 1.00 58.02 ? 149  ARG A NH2 1 
ATOM   29   N N   . THR A 1 4  ? -10.291 -2.556  -12.444 1.00 18.27 ? 150  THR A N   1 
ATOM   30   C CA  . THR A 1 4  ? -11.189 -2.627  -11.302 1.00 19.06 ? 150  THR A CA  1 
ATOM   31   C C   . THR A 1 4  ? -12.048 -3.875  -11.465 1.00 19.00 ? 150  THR A C   1 
ATOM   32   O O   . THR A 1 4  ? -12.536 -4.166  -12.578 1.00 20.81 ? 150  THR A O   1 
ATOM   33   C CB  . THR A 1 4  ? -12.120 -1.413  -11.229 1.00 25.43 ? 150  THR A CB  1 
ATOM   34   O OG1 . THR A 1 4  ? -13.060 -1.514  -12.282 1.00 37.55 ? 150  THR A OG1 1 
ATOM   35   C CG2 . THR A 1 4  ? -11.357 -0.108  -11.370 1.00 24.55 ? 150  THR A CG2 1 
ATOM   36   N N   . VAL A 1 5  ? -12.241 -4.581  -10.367 1.00 19.22 ? 151  VAL A N   1 
ATOM   37   C CA  . VAL A 1 5  ? -13.029 -5.821  -10.301 1.00 16.73 ? 151  VAL A CA  1 
ATOM   38   C C   . VAL A 1 5  ? -14.052 -5.694  -9.203  1.00 17.63 ? 151  VAL A C   1 
ATOM   39   O O   . VAL A 1 5  ? -13.750 -5.260  -8.096  1.00 17.53 ? 151  VAL A O   1 
ATOM   40   C CB  . VAL A 1 5  ? -12.110 -7.042  -10.040 1.00 18.40 ? 151  VAL A CB  1 
ATOM   41   C CG1 . VAL A 1 5  ? -12.885 -8.367  -9.781  1.00 22.45 ? 151  VAL A CG1 1 
ATOM   42   C CG2 . VAL A 1 5  ? -11.079 -7.143  -11.172 1.00 20.96 ? 151  VAL A CG2 1 
ATOM   43   N N   . GLU A 1 6  ? -15.268 -6.107  -9.519  1.00 19.22 ? 152  GLU A N   1 
ATOM   44   C CA  . GLU A 1 6  ? -16.335 -6.142  -8.543  1.00 20.04 ? 152  GLU A CA  1 
ATOM   45   C C   . GLU A 1 6  ? -16.412 -7.525  -7.891  1.00 25.99 ? 152  GLU A C   1 
ATOM   46   O O   . GLU A 1 6  ? -16.545 -8.534  -8.578  1.00 24.87 ? 152  GLU A O   1 
ATOM   47   C CB  . GLU A 1 6  ? -17.683 -5.801  -9.172  1.00 25.07 ? 152  GLU A CB  1 
ATOM   48   C CG  . GLU A 1 6  ? -18.733 -5.557  -8.089  1.00 28.72 ? 152  GLU A CG  1 
ATOM   49   C CD  . GLU A 1 6  ? -20.062 -5.162  -8.637  1.00 36.10 ? 152  GLU A CD  1 
ATOM   50   O OE1 . GLU A 1 6  ? -20.375 -3.951  -8.579  1.00 25.05 ? 152  GLU A OE1 1 
ATOM   51   O OE2 . GLU A 1 6  ? -20.782 -6.065  -9.117  1.00 34.03 ? 152  GLU A OE2 1 
ATOM   52   N N   . VAL A 1 7  ? -16.321 -7.540  -6.565  1.00 23.90 ? 153  VAL A N   1 
ATOM   53   C CA  . VAL A 1 7  ? -16.398 -8.747  -5.776  1.00 22.98 ? 153  VAL A CA  1 
ATOM   54   C C   . VAL A 1 7  ? -17.596 -8.551  -4.846  1.00 18.70 ? 153  VAL A C   1 
ATOM   55   O O   . VAL A 1 7  ? -17.652 -7.559  -4.114  1.00 24.45 ? 153  VAL A O   1 
ATOM   56   C CB  . VAL A 1 7  ? -15.097 -8.927  -4.928  1.00 23.84 ? 153  VAL A CB  1 
ATOM   57   C CG1 . VAL A 1 7  ? -15.205 -10.081 -3.933  1.00 25.37 ? 153  VAL A CG1 1 
ATOM   58   C CG2 . VAL A 1 7  ? -13.847 -9.117  -5.818  1.00 24.71 ? 153  VAL A CG2 1 
ATOM   59   N N   . THR A 1 8  ? -18.527 -9.512  -4.855  1.00 19.23 ? 154  THR A N   1 
ATOM   60   C CA  . THR A 1 8  ? -19.639 -9.556  -3.919  1.00 18.83 ? 154  THR A CA  1 
ATOM   61   C C   . THR A 1 8  ? -19.307 -10.549 -2.810  1.00 24.84 ? 154  THR A C   1 
ATOM   62   O O   . THR A 1 8  ? -19.017 -11.713 -3.087  1.00 22.60 ? 154  THR A O   1 
ATOM   63   C CB  A THR A 1 8  ? -20.950 -9.999  -4.586  0.50 22.13 ? 154  THR A CB  1 
ATOM   64   C CB  B THR A 1 8  ? -20.956 -9.975  -4.591  0.50 23.74 ? 154  THR A CB  1 
ATOM   65   O OG1 A THR A 1 8  ? -21.283 -9.084  -5.635  0.50 17.95 ? 154  THR A OG1 1 
ATOM   66   O OG1 B THR A 1 8  ? -20.712 -11.083 -5.461  0.50 37.17 ? 154  THR A OG1 1 
ATOM   67   C CG2 A THR A 1 8  ? -22.070 -10.022 -3.574  0.50 13.61 ? 154  THR A CG2 1 
ATOM   68   C CG2 B THR A 1 8  ? -21.530 -8.815  -5.396  0.50 24.55 ? 154  THR A CG2 1 
ATOM   69   N N   . LEU A 1 9  ? -19.338 -10.066 -1.572  1.00 22.26 ? 155  LEU A N   1 
ATOM   70   C CA  . LEU A 1 9  ? -19.118 -10.919 -0.400  1.00 20.37 ? 155  LEU A CA  1 
ATOM   71   C C   . LEU A 1 9  ? -20.328 -10.921 0.513   1.00 21.80 ? 155  LEU A C   1 
ATOM   72   O O   . LEU A 1 9  ? -21.044 -9.925  0.622   1.00 22.06 ? 155  LEU A O   1 
ATOM   73   C CB  . LEU A 1 9  ? -17.899 -10.431 0.393   1.00 19.08 ? 155  LEU A CB  1 
ATOM   74   C CG  . LEU A 1 9  ? -16.526 -10.495 -0.299  1.00 18.53 ? 155  LEU A CG  1 
ATOM   75   C CD1 . LEU A 1 9  ? -15.461 -10.025 0.656   1.00 22.32 ? 155  LEU A CD1 1 
ATOM   76   C CD2 . LEU A 1 9  ? -16.228 -11.885 -0.788  1.00 25.96 ? 155  LEU A CD2 1 
ATOM   77   N N   . HIS A 1 10 ? -20.516 -12.040 1.208   1.00 18.97 ? 156  HIS A N   1 
ATOM   78   C CA  . HIS A 1 10 ? -21.548 -12.178 2.230   1.00 19.41 ? 156  HIS A CA  1 
ATOM   79   C C   . HIS A 1 10 ? -20.877 -12.278 3.607   1.00 19.90 ? 156  HIS A C   1 
ATOM   80   O O   . HIS A 1 10 ? -20.156 -13.235 3.899   1.00 19.09 ? 156  HIS A O   1 
ATOM   81   C CB  . HIS A 1 10 ? -22.438 -13.388 1.945   1.00 20.47 ? 156  HIS A CB  1 
ATOM   82   C CG  . HIS A 1 10 ? -23.109 -13.335 0.600   1.00 30.05 ? 156  HIS A CG  1 
ATOM   83   N ND1 . HIS A 1 10 ? -24.436 -12.996 0.440   1.00 31.43 ? 156  HIS A ND1 1 
ATOM   84   C CD2 . HIS A 1 10 ? -22.625 -13.556 -0.648  1.00 35.87 ? 156  HIS A CD2 1 
ATOM   85   C CE1 . HIS A 1 10 ? -24.744 -13.027 -0.846  1.00 35.81 ? 156  HIS A CE1 1 
ATOM   86   N NE2 . HIS A 1 10 ? -23.662 -13.360 -1.528  1.00 28.84 ? 156  HIS A NE2 1 
ATOM   87   N N   . LYS A 1 11 ? -21.094 -11.249 4.418   1.00 17.42 ? 157  LYS A N   1 
ATOM   88   C CA  . LYS A 1 11 ? -20.565 -11.185 5.754   1.00 16.58 ? 157  LYS A CA  1 
ATOM   89   C C   . LYS A 1 11 ? -21.085 -12.317 6.618   1.00 13.89 ? 157  LYS A C   1 
ATOM   90   O O   . LYS A 1 11 ? -22.243 -12.780 6.488   1.00 17.60 ? 157  LYS A O   1 
ATOM   91   C CB  . LYS A 1 11 ? -20.922 -9.864  6.422   1.00 16.59 ? 157  LYS A CB  1 
ATOM   92   C CG  . LYS A 1 11 ? -20.165 -8.699  5.865   1.00 20.76 ? 157  LYS A CG  1 
ATOM   93   C CD  . LYS A 1 11 ? -20.240 -7.486  6.746   1.00 22.00 ? 157  LYS A CD  1 
ATOM   94   C CE  . LYS A 1 11 ? -21.511 -6.738  6.584   1.00 23.25 ? 157  LYS A CE  1 
ATOM   95   N NZ  . LYS A 1 11 ? -21.475 -5.476  7.320   1.00 23.35 ? 157  LYS A NZ  1 
ATOM   96   N N   . GLU A 1 12 ? -20.217 -12.742 7.534   1.00 14.94 ? 158  GLU A N   1 
ATOM   97   C CA  . GLU A 1 12 ? -20.537 -13.730 8.568   1.00 18.92 ? 158  GLU A CA  1 
ATOM   98   C C   . GLU A 1 12 ? -20.036 -13.217 9.904   1.00 16.81 ? 158  GLU A C   1 
ATOM   99   O O   . GLU A 1 12 ? -18.883 -12.832 10.012  1.00 16.93 ? 158  GLU A O   1 
ATOM   100  C CB  . GLU A 1 12 ? -19.893 -15.082 8.257   1.00 17.78 ? 158  GLU A CB  1 
ATOM   101  C CG  A GLU A 1 12 ? -20.447 -15.761 7.010   0.50 21.74 ? 158  GLU A CG  1 
ATOM   102  C CG  B GLU A 1 12 ? -20.456 -15.776 7.025   0.50 23.24 ? 158  GLU A CG  1 
ATOM   103  C CD  A GLU A 1 12 ? -21.945 -15.898 7.059   0.50 15.03 ? 158  GLU A CD  1 
ATOM   104  C CD  B GLU A 1 12 ? -19.788 -17.112 6.768   0.50 25.53 ? 158  GLU A CD  1 
ATOM   105  O OE1 A GLU A 1 12 ? -22.486 -15.986 8.184   0.50 14.98 ? 158  GLU A OE1 1 
ATOM   106  O OE1 B GLU A 1 12 ? -19.653 -17.916 7.718   0.50 25.37 ? 158  GLU A OE1 1 
ATOM   107  O OE2 A GLU A 1 12 ? -22.580 -15.887 5.986   0.50 22.92 ? 158  GLU A OE2 1 
ATOM   108  O OE2 B GLU A 1 12 ? -19.399 -17.381 5.612   0.50 21.06 ? 158  GLU A OE2 1 
ATOM   109  N N   . GLY A 1 13 ? -20.901 -13.178 10.906  1.00 18.59 ? 159  GLY A N   1 
ATOM   110  C CA  . GLY A 1 13 ? -20.545 -12.523 12.171  1.00 19.30 ? 159  GLY A CA  1 
ATOM   111  C C   . GLY A 1 13 ? -20.284 -11.042 11.951  1.00 21.26 ? 159  GLY A C   1 
ATOM   112  O O   . GLY A 1 13 ? -19.460 -10.425 12.654  1.00 15.15 ? 159  GLY A O   1 
ATOM   113  N N   . ASN A 1 14 ? -20.991 -10.460 10.976  1.00 19.05 ? 160  ASN A N   1 
ATOM   114  C CA  . ASN A 1 14 ? -20.722 -9.086  10.518  1.00 17.56 ? 160  ASN A CA  1 
ATOM   115  C C   . ASN A 1 14 ? -19.258 -8.784  10.150  1.00 17.46 ? 160  ASN A C   1 
ATOM   116  O O   . ASN A 1 14 ? -18.769 -7.654  10.320  1.00 19.24 ? 160  ASN A O   1 
ATOM   117  C CB  . ASN A 1 14 ? -21.243 -8.062  11.517  1.00 18.19 ? 160  ASN A CB  1 
ATOM   118  C CG  . ASN A 1 14 ? -21.567 -6.719  10.859  1.00 27.20 ? 160  ASN A CG  1 
ATOM   119  O OD1 . ASN A 1 14 ? -22.096 -6.676  9.745   1.00 24.74 ? 160  ASN A OD1 1 
ATOM   120  N ND2 . ASN A 1 14 ? -21.272 -5.625  11.557  1.00 28.71 ? 160  ASN A ND2 1 
ATOM   121  N N   . THR A 1 15 ? -18.572 -9.793  9.601   1.00 17.37 ? 161  THR A N   1 
ATOM   122  C CA  . THR A 1 15 ? -17.199 -9.647  9.121   1.00 16.89 ? 161  THR A CA  1 
ATOM   123  C C   . THR A 1 15 ? -17.062 -10.199 7.702   1.00 15.56 ? 161  THR A C   1 
ATOM   124  O O   . THR A 1 15 ? -17.750 -11.119 7.318   1.00 17.97 ? 161  THR A O   1 
ATOM   125  C CB  A THR A 1 15 ? -16.192 -10.373 10.052  0.50 18.20 ? 161  THR A CB  1 
ATOM   126  C CB  B THR A 1 15 ? -16.186 -10.372 10.040  0.50 18.84 ? 161  THR A CB  1 
ATOM   127  O OG1 A THR A 1 15 ? -16.435 -11.782 10.028  0.50 19.50 ? 161  THR A OG1 1 
ATOM   128  O OG1 B THR A 1 15 ? -14.909 -9.737  9.936   0.50 33.81 ? 161  THR A OG1 1 
ATOM   129  C CG2 A THR A 1 15 ? -16.320 -9.859  11.472  0.50 10.74 ? 161  THR A CG2 1 
ATOM   130  C CG2 B THR A 1 15 ? -16.042 -11.813 9.639   0.50 11.22 ? 161  THR A CG2 1 
ATOM   131  N N   . PHE A 1 16 ? -16.167 -9.593  6.941   1.00 15.55 ? 162  PHE A N   1 
ATOM   132  C CA  . PHE A 1 16 ? -15.756 -10.028 5.611   1.00 16.49 ? 162  PHE A CA  1 
ATOM   133  C C   . PHE A 1 16 ? -14.553 -10.949 5.631   1.00 16.51 ? 162  PHE A C   1 
ATOM   134  O O   . PHE A 1 16 ? -14.335 -11.672 4.675   1.00 19.22 ? 162  PHE A O   1 
ATOM   135  C CB  . PHE A 1 16 ? -15.390 -8.838  4.715   1.00 18.88 ? 162  PHE A CB  1 
ATOM   136  C CG  . PHE A 1 16 ? -16.559 -8.026  4.285   1.00 27.22 ? 162  PHE A CG  1 
ATOM   137  C CD1 . PHE A 1 16 ? -17.480 -8.551  3.397   1.00 23.68 ? 162  PHE A CD1 1 
ATOM   138  C CD2 . PHE A 1 16 ? -16.751 -6.744  4.778   1.00 20.00 ? 162  PHE A CD2 1 
ATOM   139  C CE1 . PHE A 1 16 ? -18.572 -7.810  3.004   1.00 26.93 ? 162  PHE A CE1 1 
ATOM   140  C CE2 . PHE A 1 16 ? -17.836 -5.999  4.376   1.00 23.61 ? 162  PHE A CE2 1 
ATOM   141  C CZ  . PHE A 1 16 ? -18.739 -6.528  3.487   1.00 26.46 ? 162  PHE A CZ  1 
ATOM   142  N N   . GLY A 1 17 ? -13.749 -10.906 6.701   1.00 17.74 ? 163  GLY A N   1 
ATOM   143  C CA  . GLY A 1 17 ? -12.590 -11.794 6.776   1.00 18.40 ? 163  GLY A CA  1 
ATOM   144  C C   . GLY A 1 17 ? -11.373 -11.236 6.096   1.00 17.57 ? 163  GLY A C   1 
ATOM   145  O O   . GLY A 1 17 ? -10.620 -11.952 5.468   1.00 19.04 ? 163  GLY A O   1 
ATOM   146  N N   . PHE A 1 18 ? -11.163 -9.934  6.206   1.00 19.51 ? 164  PHE A N   1 
ATOM   147  C CA  . PHE A 1 18 ? -9.913  -9.363  5.684   1.00 18.69 ? 164  PHE A CA  1 
ATOM   148  C C   . PHE A 1 18 ? -9.516  -8.174  6.551   1.00 20.38 ? 164  PHE A C   1 
ATOM   149  O O   . PHE A 1 18 ? -10.285 -7.744  7.378   1.00 18.83 ? 164  PHE A O   1 
ATOM   150  C CB  . PHE A 1 18 ? -9.953  -9.039  4.169   1.00 16.69 ? 164  PHE A CB  1 
ATOM   151  C CG  . PHE A 1 18 ? -10.956 -8.002  3.730   1.00 17.39 ? 164  PHE A CG  1 
ATOM   152  C CD1 . PHE A 1 18 ? -10.718 -6.639  3.868   1.00 21.42 ? 164  PHE A CD1 1 
ATOM   153  C CD2 . PHE A 1 18 ? -12.098 -8.370  3.083   1.00 22.53 ? 164  PHE A CD2 1 
ATOM   154  C CE1 . PHE A 1 18 ? -11.641 -5.686  3.416   1.00 21.52 ? 164  PHE A CE1 1 
ATOM   155  C CE2 . PHE A 1 18 ? -12.988 -7.442  2.633   1.00 20.83 ? 164  PHE A CE2 1 
ATOM   156  C CZ  . PHE A 1 18 ? -12.778 -6.101  2.811   1.00 18.11 ? 164  PHE A CZ  1 
ATOM   157  N N   . VAL A 1 19 ? -8.276  -7.722  6.414   1.00 16.99 ? 165  VAL A N   1 
ATOM   158  C CA  . VAL A 1 19 ? -7.760  -6.577  7.191   1.00 18.81 ? 165  VAL A CA  1 
ATOM   159  C C   . VAL A 1 19 ? -7.491  -5.450  6.209   1.00 16.55 ? 165  VAL A C   1 
ATOM   160  O O   . VAL A 1 19 ? -7.003  -5.712  5.093   1.00 18.27 ? 165  VAL A O   1 
ATOM   161  C CB  . VAL A 1 19 ? -6.503  -6.974  7.934   1.00 18.78 ? 165  VAL A CB  1 
ATOM   162  C CG1 . VAL A 1 19 ? -5.904  -5.769  8.699   1.00 18.85 ? 165  VAL A CG1 1 
ATOM   163  C CG2 . VAL A 1 19 ? -6.783  -8.172  8.878   1.00 19.87 ? 165  VAL A CG2 1 
ATOM   164  N N   . ILE A 1 20 ? -7.806  -4.204  6.590   1.00 18.16 ? 166  ILE A N   1 
ATOM   165  C CA  . ILE A 1 20 ? -7.502  -3.030  5.769   1.00 16.51 ? 166  ILE A CA  1 
ATOM   166  C C   . ILE A 1 20 ? -6.532  -2.088  6.466   1.00 19.02 ? 166  ILE A C   1 
ATOM   167  O O   . ILE A 1 20 ? -6.571  -1.949  7.683   1.00 19.06 ? 166  ILE A O   1 
ATOM   168  C CB  . ILE A 1 20 ? -8.745  -2.183  5.400   1.00 20.20 ? 166  ILE A CB  1 
ATOM   169  C CG1 . ILE A 1 20 ? -9.599  -1.813  6.622   1.00 20.92 ? 166  ILE A CG1 1 
ATOM   170  C CG2 . ILE A 1 20 ? -9.560  -2.925  4.335   1.00 20.93 ? 166  ILE A CG2 1 
ATOM   171  C CD1 . ILE A 1 20 ? -10.553 -0.615  6.365   1.00 21.85 ? 166  ILE A CD1 1 
ATOM   172  N N   . ARG A 1 21 ? -5.718  -1.397  5.659   1.00 16.78 ? 167  ARG A N   1 
ATOM   173  C CA  . ARG A 1 21 ? -4.929  -0.278  6.153   1.00 16.93 ? 167  ARG A CA  1 
ATOM   174  C C   . ARG A 1 21 ? -5.268  0.901   5.272   1.00 17.96 ? 167  ARG A C   1 
ATOM   175  O O   . ARG A 1 21 ? -5.826  0.759   4.185   1.00 17.33 ? 167  ARG A O   1 
ATOM   176  C CB  . ARG A 1 21 ? -3.449  -0.550  6.078   1.00 16.16 ? 167  ARG A CB  1 
ATOM   177  C CG  . ARG A 1 21 ? -2.849  -0.594  4.663   1.00 17.59 ? 167  ARG A CG  1 
ATOM   178  C CD  . ARG A 1 21 ? -1.298  -0.715  4.704   1.00 17.82 ? 167  ARG A CD  1 
ATOM   179  N NE  . ARG A 1 21 ? -0.743  -0.939  3.385   1.00 18.10 ? 167  ARG A NE  1 
ATOM   180  C CZ  . ARG A 1 21 ? -0.709  -0.019  2.427   1.00 19.69 ? 167  ARG A CZ  1 
ATOM   181  N NH1 . ARG A 1 21 ? -1.151  1.215   2.641   1.00 20.01 ? 167  ARG A NH1 1 
ATOM   182  N NH2 . ARG A 1 21 ? -0.166  -0.311  1.246   1.00 19.62 ? 167  ARG A NH2 1 
ATOM   183  N N   . GLY A 1 22 ? -4.974  2.077   5.747   1.00 16.47 ? 168  GLY A N   1 
ATOM   184  C CA  . GLY A 1 22 ? -5.132  3.274   4.933   1.00 17.42 ? 168  GLY A CA  1 
ATOM   185  C C   . GLY A 1 22 ? -6.356  4.110   5.200   1.00 17.52 ? 168  GLY A C   1 
ATOM   186  O O   . GLY A 1 22 ? -7.169  3.833   6.062   1.00 18.65 ? 168  GLY A O   1 
ATOM   187  N N   . GLY A 1 23 ? -6.509  5.150   4.401   1.00 16.48 ? 169  GLY A N   1 
ATOM   188  C CA  . GLY A 1 23 ? -7.562  6.162   4.618   1.00 17.42 ? 169  GLY A CA  1 
ATOM   189  C C   . GLY A 1 23 ? -7.098  7.610   4.516   1.00 20.40 ? 169  GLY A C   1 
ATOM   190  O O   . GLY A 1 23 ? -5.885  7.930   4.518   1.00 18.29 ? 169  GLY A O   1 
ATOM   191  N N   . ALA A 1 24 ? -8.088  8.489   4.385   1.00 21.38 ? 170  ALA A N   1 
ATOM   192  C CA  . ALA A 1 24 ? -7.847  9.925   4.202   1.00 26.69 ? 170  ALA A CA  1 
ATOM   193  C C   . ALA A 1 24 ? -7.431  10.610  5.495   1.00 30.67 ? 170  ALA A C   1 
ATOM   194  O O   . ALA A 1 24 ? -7.612  10.096  6.600   1.00 29.74 ? 170  ALA A O   1 
ATOM   195  C CB  . ALA A 1 24 ? -9.087  10.625  3.608   1.00 22.26 ? 170  ALA A CB  1 
ATOM   196  N N   . HIS A 1 25 ? -6.867  11.797  5.325   1.00 37.52 ? 171  HIS A N   1 
ATOM   197  C CA  . HIS A 1 25 ? -6.431  12.609  6.441   1.00 40.93 ? 171  HIS A CA  1 
ATOM   198  C C   . HIS A 1 25 ? -6.400  14.070  6.003   1.00 37.49 ? 171  HIS A C   1 
ATOM   199  O O   . HIS A 1 25 ? -6.136  14.367  4.832   1.00 28.37 ? 171  HIS A O   1 
ATOM   200  C CB  . HIS A 1 25 ? -5.046  12.142  6.892   1.00 42.58 ? 171  HIS A CB  1 
ATOM   201  C CG  . HIS A 1 25 ? -4.714  12.513  8.302   1.00 49.20 ? 171  HIS A CG  1 
ATOM   202  N ND1 . HIS A 1 25 ? -4.633  13.820  8.725   1.00 51.56 ? 171  HIS A ND1 1 
ATOM   203  C CD2 . HIS A 1 25 ? -4.426  11.748  9.381   1.00 52.29 ? 171  HIS A CD2 1 
ATOM   204  C CE1 . HIS A 1 25 ? -4.323  13.847  10.008  1.00 60.83 ? 171  HIS A CE1 1 
ATOM   205  N NE2 . HIS A 1 25 ? -4.189  12.602  10.429  1.00 67.72 ? 171  HIS A NE2 1 
ATOM   206  N N   . ASP A 1 26 ? -6.689  14.972  6.940   1.00 44.08 ? 172  ASP A N   1 
ATOM   207  C CA  . ASP A 1 26 ? -6.570  16.411  6.704   1.00 49.74 ? 172  ASP A CA  1 
ATOM   208  C C   . ASP A 1 26 ? -5.235  16.746  6.007   1.00 52.02 ? 172  ASP A C   1 
ATOM   209  O O   . ASP A 1 26 ? -5.193  17.540  5.064   1.00 49.33 ? 172  ASP A O   1 
ATOM   210  C CB  . ASP A 1 26 ? -6.697  17.171  8.033   1.00 50.70 ? 172  ASP A CB  1 
ATOM   211  N N   . ASP A 1 27 ? -4.159  16.119  6.481   1.00 53.78 ? 173  ASP A N   1 
ATOM   212  C CA  . ASP A 1 27 ? -2.836  16.210  5.861   1.00 55.24 ? 173  ASP A CA  1 
ATOM   213  C C   . ASP A 1 27 ? -2.751  15.327  4.599   1.00 53.85 ? 173  ASP A C   1 
ATOM   214  O O   . ASP A 1 27 ? -2.847  14.097  4.684   1.00 54.56 ? 173  ASP A O   1 
ATOM   215  C CB  . ASP A 1 27 ? -1.776  15.781  6.891   1.00 56.70 ? 173  ASP A CB  1 
ATOM   216  C CG  . ASP A 1 27 ? -0.349  16.108  6.462   1.00 58.76 ? 173  ASP A CG  1 
ATOM   217  O OD1 . ASP A 1 27 ? -0.137  16.686  5.369   1.00 54.48 ? 173  ASP A OD1 1 
ATOM   218  O OD2 . ASP A 1 27 ? 0.572   15.779  7.242   1.00 59.80 ? 173  ASP A OD2 1 
ATOM   219  N N   . ARG A 1 28 ? -2.571  15.958  3.438   1.00 51.79 ? 174  ARG A N   1 
ATOM   220  C CA  . ARG A 1 28 ? -2.458  15.245  2.160   1.00 52.35 ? 174  ARG A CA  1 
ATOM   221  C C   . ARG A 1 28 ? -1.072  15.420  1.534   1.00 51.98 ? 174  ARG A C   1 
ATOM   222  O O   . ARG A 1 28 ? -0.581  16.540  1.372   1.00 57.05 ? 174  ARG A O   1 
ATOM   223  C CB  . ARG A 1 28 ? -3.538  15.722  1.184   1.00 51.72 ? 174  ARG A CB  1 
ATOM   224  N N   . SER A 1 31 ? -2.771  10.996  3.701   1.00 34.78 ? 177  SER A N   1 
ATOM   225  C CA  . SER A 1 31 ? -3.840  10.374  2.907   1.00 28.61 ? 177  SER A CA  1 
ATOM   226  C C   . SER A 1 31 ? -3.333  9.262   2.004   1.00 18.74 ? 177  SER A C   1 
ATOM   227  O O   . SER A 1 31 ? -2.618  9.527   1.040   1.00 24.62 ? 177  SER A O   1 
ATOM   228  C CB  A SER A 1 31 ? -4.536  11.424  2.057   0.50 24.70 ? 177  SER A CB  1 
ATOM   229  C CB  B SER A 1 31 ? -4.562  11.413  2.054   0.50 25.97 ? 177  SER A CB  1 
ATOM   230  O OG  A SER A 1 31 ? -5.500  12.062  2.841   0.50 14.69 ? 177  SER A OG  1 
ATOM   231  O OG  B SER A 1 31 ? -5.472  10.755  1.193   0.50 33.45 ? 177  SER A OG  1 
ATOM   232  N N   . ARG A 1 32 ? -3.721  8.023   2.311   1.00 15.96 ? 178  ARG A N   1 
ATOM   233  C CA  . ARG A 1 32 ? -3.241  6.857   1.605   1.00 16.52 ? 178  ARG A CA  1 
ATOM   234  C C   . ARG A 1 32 ? -4.410  5.971   1.175   1.00 19.14 ? 178  ARG A C   1 
ATOM   235  O O   . ARG A 1 32 ? -5.395  5.881   1.877   1.00 17.97 ? 178  ARG A O   1 
ATOM   236  C CB  . ARG A 1 32 ? -2.339  6.080   2.521   1.00 16.62 ? 178  ARG A CB  1 
ATOM   237  C CG  . ARG A 1 32 ? -1.157  6.901   3.009   1.00 19.55 ? 178  ARG A CG  1 
ATOM   238  C CD  . ARG A 1 32 ? -0.325  6.063   3.981   1.00 16.56 ? 178  ARG A CD  1 
ATOM   239  N NE  . ARG A 1 32 ? 0.529   6.816   4.890   1.00 14.56 ? 178  ARG A NE  1 
ATOM   240  C CZ  . ARG A 1 32 ? 1.854   6.945   4.793   1.00 10.78 ? 178  ARG A CZ  1 
ATOM   241  N NH1 . ARG A 1 32 ? 2.519   6.307   3.848   1.00 10.84 ? 178  ARG A NH1 1 
ATOM   242  N NH2 . ARG A 1 32 ? 2.500   7.590   5.709   1.00 13.63 ? 178  ARG A NH2 1 
ATOM   243  N N   . PRO A 1 33 ? -4.325  5.347   -0.004  1.00 19.74 ? 179  PRO A N   1 
ATOM   244  C CA  . PRO A 1 33 ? -5.440  4.475   -0.388  1.00 18.49 ? 179  PRO A CA  1 
ATOM   245  C C   . PRO A 1 33 ? -5.682  3.380   0.613   1.00 17.48 ? 179  PRO A C   1 
ATOM   246  O O   . PRO A 1 33 ? -4.772  2.964   1.357   1.00 18.94 ? 179  PRO A O   1 
ATOM   247  C CB  . PRO A 1 33 ? -4.977  3.898   -1.728  1.00 19.63 ? 179  PRO A CB  1 
ATOM   248  C CG  . PRO A 1 33 ? -4.027  4.927   -2.274  1.00 22.22 ? 179  PRO A CG  1 
ATOM   249  C CD  . PRO A 1 33 ? -3.293  5.420   -1.052  1.00 23.11 ? 179  PRO A CD  1 
ATOM   250  N N   . VAL A 1 34 ? -6.916  2.878   0.634   1.00 17.50 ? 180  VAL A N   1 
ATOM   251  C CA  . VAL A 1 34 ? -7.291  1.751   1.453   1.00 17.66 ? 180  VAL A CA  1 
ATOM   252  C C   . VAL A 1 34 ? -6.847  0.483   0.748   1.00 17.08 ? 180  VAL A C   1 
ATOM   253  O O   . VAL A 1 34 ? -7.118  0.246   -0.450  1.00 16.80 ? 180  VAL A O   1 
ATOM   254  C CB  . VAL A 1 34 ? -8.822  1.724   1.719   1.00 19.13 ? 180  VAL A CB  1 
ATOM   255  C CG1 . VAL A 1 34 ? -9.202  0.500   2.507   1.00 19.67 ? 180  VAL A CG1 1 
ATOM   256  C CG2 . VAL A 1 34 ? -9.250  3.011   2.427   1.00 17.67 ? 180  VAL A CG2 1 
ATOM   257  N N   . VAL A 1 35 ? -6.049  -0.321  1.458   1.00 17.24 ? 181  VAL A N   1 
ATOM   258  C CA  . VAL A 1 35 ? -5.368  -1.475  0.882   1.00 15.44 ? 181  VAL A CA  1 
ATOM   259  C C   . VAL A 1 35 ? -5.610  -2.681  1.775   1.00 18.60 ? 181  VAL A C   1 
ATOM   260  O O   . VAL A 1 35 ? -5.520  -2.584  2.985   1.00 18.70 ? 181  VAL A O   1 
ATOM   261  C CB  . VAL A 1 35 ? -3.877  -1.203  0.744   1.00 15.96 ? 181  VAL A CB  1 
ATOM   262  C CG1 . VAL A 1 35 ? -3.113  -2.467  0.311   1.00 19.79 ? 181  VAL A CG1 1 
ATOM   263  C CG2 . VAL A 1 35 ? -3.653  -0.088  -0.259  1.00 19.77 ? 181  VAL A CG2 1 
ATOM   264  N N   . ILE A 1 36 ? -5.923  -3.817  1.172   1.00 18.64 ? 182  ILE A N   1 
ATOM   265  C CA  . ILE A 1 36 ? -6.136  -5.050  1.926   1.00 21.09 ? 182  ILE A CA  1 
ATOM   266  C C   . ILE A 1 36 ? -4.771  -5.635  2.303   1.00 18.75 ? 182  ILE A C   1 
ATOM   267  O O   . ILE A 1 36 ? -3.859  -5.739  1.467   1.00 21.56 ? 182  ILE A O   1 
ATOM   268  C CB  . ILE A 1 36 ? -7.061  -6.001  1.136   1.00 25.34 ? 182  ILE A CB  1 
ATOM   269  C CG1 . ILE A 1 36 ? -8.501  -5.424  1.184   1.00 24.44 ? 182  ILE A CG1 1 
ATOM   270  C CG2 . ILE A 1 36 ? -6.979  -7.440  1.744   1.00 23.48 ? 182  ILE A CG2 1 
ATOM   271  C CD1 . ILE A 1 36 ? -9.453  -5.806  0.060   1.00 36.26 ? 182  ILE A CD1 1 
ATOM   272  N N   . THR A 1 37 ? -4.596  -5.945  3.604   1.00 17.63 ? 183  THR A N   1 
ATOM   273  C CA  . THR A 1 37 ? -3.306  -6.389  4.133   1.00 17.40 ? 183  THR A CA  1 
ATOM   274  C C   . THR A 1 37 ? -3.256  -7.879  4.523   1.00 19.04 ? 183  THR A C   1 
ATOM   275  O O   . THR A 1 37 ? -2.174  -8.441  4.686   1.00 21.10 ? 183  THR A O   1 
ATOM   276  C CB  . THR A 1 37 ? -2.854  -5.595  5.367   1.00 18.77 ? 183  THR A CB  1 
ATOM   277  O OG1 . THR A 1 37 ? -3.761  -5.812  6.458   1.00 20.46 ? 183  THR A OG1 1 
ATOM   278  C CG2 . THR A 1 37 ? -2.748  -4.072  5.079   1.00 19.40 ? 183  THR A CG2 1 
ATOM   279  N N   . SER A 1 38 ? -4.421  -8.520  4.614   1.00 19.29 ? 184  SER A N   1 
ATOM   280  C CA  . SER A 1 38 ? -4.494  -9.898  5.106   1.00 18.11 ? 184  SER A CA  1 
ATOM   281  C C   . SER A 1 38 ? -5.873  -10.420 4.804   1.00 17.96 ? 184  SER A C   1 
ATOM   282  O O   . SER A 1 38 ? -6.822  -9.643  4.834   1.00 17.31 ? 184  SER A O   1 
ATOM   283  C CB  . SER A 1 38 ? -4.276  -9.936  6.618   1.00 17.77 ? 184  SER A CB  1 
ATOM   284  O OG  . SER A 1 38 ? -4.240  -11.257 7.138   1.00 20.09 ? 184  SER A OG  1 
ATOM   285  N N   . VAL A 1 39 ? -5.974  -11.720 4.527   1.00 17.82 ? 185  VAL A N   1 
ATOM   286  C CA  . VAL A 1 39 ? -7.238  -12.398 4.274   1.00 18.24 ? 185  VAL A CA  1 
ATOM   287  C C   . VAL A 1 39 ? -7.297  -13.603 5.212   1.00 20.93 ? 185  VAL A C   1 
ATOM   288  O O   . VAL A 1 39 ? -6.362  -14.395 5.273   1.00 20.73 ? 185  VAL A O   1 
ATOM   289  C CB  . VAL A 1 39 ? -7.289  -12.813 2.825   1.00 15.58 ? 185  VAL A CB  1 
ATOM   290  C CG1 . VAL A 1 39 ? -8.510  -13.703 2.620   1.00 18.19 ? 185  VAL A CG1 1 
ATOM   291  C CG2 . VAL A 1 39 ? -7.399  -11.602 1.910   1.00 18.08 ? 185  VAL A CG2 1 
ATOM   292  N N   . ARG A 1 40 ? -8.403  -13.727 5.940   1.00 18.10 ? 186  ARG A N   1 
ATOM   293  C CA  . ARG A 1 40 ? -8.541  -14.755 6.968   1.00 17.19 ? 186  ARG A CA  1 
ATOM   294  C C   . ARG A 1 40 ? -8.924  -16.079 6.329   1.00 17.94 ? 186  ARG A C   1 
ATOM   295  O O   . ARG A 1 40 ? -9.949  -16.157 5.674   1.00 19.05 ? 186  ARG A O   1 
ATOM   296  C CB  . ARG A 1 40 ? -9.568  -14.324 8.017   1.00 20.97 ? 186  ARG A CB  1 
ATOM   297  C CG  . ARG A 1 40 ? -9.689  -15.273 9.172   1.00 31.34 ? 186  ARG A CG  1 
ATOM   298  C CD  A ARG A 1 40 ? -10.596 -14.623 10.245  0.50 39.94 ? 186  ARG A CD  1 
ATOM   299  C CD  B ARG A 1 40 ? -9.250  -14.855 10.646  0.50 20.68 ? 186  ARG A CD  1 
ATOM   300  N NE  A ARG A 1 40 ? -11.999 -14.812 9.789   0.50 37.92 ? 186  ARG A NE  1 
ATOM   301  N NE  B ARG A 1 40 ? -9.398  -13.457 11.061  0.50 33.24 ? 186  ARG A NE  1 
ATOM   302  C CZ  A ARG A 1 40 ? -13.017 -13.945 9.869   0.50 23.17 ? 186  ARG A CZ  1 
ATOM   303  C CZ  B ARG A 1 40 ? -10.039 -13.059 12.164  0.50 18.51 ? 186  ARG A CZ  1 
ATOM   304  N NH1 A ARG A 1 40 ? -12.886 -12.724 10.384  0.50 23.20 ? 186  ARG A NH1 1 
ATOM   305  N NH1 B ARG A 1 40 ? -10.629 -13.941 12.955  0.50 34.62 ? 186  ARG A NH1 1 
ATOM   306  N NH2 A ARG A 1 40 ? -14.204 -14.323 9.399   0.50 21.97 ? 186  ARG A NH2 1 
ATOM   307  N NH2 B ARG A 1 40 ? -10.117 -11.769 12.477  0.50 26.04 ? 186  ARG A NH2 1 
ATOM   308  N N   . PRO A 1 41 ? -8.103  -17.123 6.520   1.00 19.06 ? 187  PRO A N   1 
ATOM   309  C CA  . PRO A 1 41 ? -8.435  -18.442 5.998   1.00 23.57 ? 187  PRO A CA  1 
ATOM   310  C C   . PRO A 1 41 ? -9.805  -18.874 6.453   1.00 23.16 ? 187  PRO A C   1 
ATOM   311  O O   . PRO A 1 41 ? -10.160 -18.710 7.620   1.00 22.28 ? 187  PRO A O   1 
ATOM   312  C CB  . PRO A 1 41 ? -7.368  -19.346 6.598   1.00 24.65 ? 187  PRO A CB  1 
ATOM   313  C CG  . PRO A 1 41 ? -6.243  -18.483 6.795   1.00 27.58 ? 187  PRO A CG  1 
ATOM   314  C CD  . PRO A 1 41 ? -6.819  -17.157 7.221   1.00 21.71 ? 187  PRO A CD  1 
ATOM   315  N N   . GLY A 1 42 ? -10.592 -19.361 5.514   1.00 23.99 ? 188  GLY A N   1 
ATOM   316  C CA  . GLY A 1 42 ? -11.935 -19.856 5.811   1.00 23.11 ? 188  GLY A CA  1 
ATOM   317  C C   . GLY A 1 42 ? -13.045 -18.818 5.829   1.00 20.85 ? 188  GLY A C   1 
ATOM   318  O O   . GLY A 1 42 ? -14.236 -19.183 5.860   1.00 21.57 ? 188  GLY A O   1 
ATOM   319  N N   . GLY A 1 43 ? -12.669 -17.537 5.828   1.00 18.88 ? 189  GLY A N   1 
ATOM   320  C CA  . GLY A 1 43 ? -13.610 -16.434 5.843   1.00 18.83 ? 189  GLY A CA  1 
ATOM   321  C C   . GLY A 1 43 ? -14.263 -16.144 4.515   1.00 16.30 ? 189  GLY A C   1 
ATOM   322  O O   . GLY A 1 43 ? -13.942 -16.779 3.517   1.00 19.38 ? 189  GLY A O   1 
ATOM   323  N N   . PRO A 1 44 ? -15.243 -15.231 4.524   1.00 20.05 ? 190  PRO A N   1 
ATOM   324  C CA  . PRO A 1 44 ? -15.969 -14.906 3.293   1.00 21.68 ? 190  PRO A CA  1 
ATOM   325  C C   . PRO A 1 44 ? -15.048 -14.476 2.164   1.00 18.76 ? 190  PRO A C   1 
ATOM   326  O O   . PRO A 1 44 ? -15.215 -14.969 1.037   1.00 20.82 ? 190  PRO A O   1 
ATOM   327  C CB  . PRO A 1 44 ? -16.925 -13.789 3.717   1.00 17.63 ? 190  PRO A CB  1 
ATOM   328  C CG  . PRO A 1 44 ? -17.104 -13.958 5.196   1.00 18.31 ? 190  PRO A CG  1 
ATOM   329  C CD  . PRO A 1 44 ? -15.797 -14.533 5.710   1.00 22.24 ? 190  PRO A CD  1 
ATOM   330  N N   . ALA A 1 45 ? -14.072 -13.608 2.444   1.00 17.08 ? 191  ALA A N   1 
ATOM   331  C CA  . ALA A 1 45 ? -13.149 -13.171 1.366   1.00 18.89 ? 191  ALA A CA  1 
ATOM   332  C C   . ALA A 1 45 ? -12.288 -14.330 0.861   1.00 17.54 ? 191  ALA A C   1 
ATOM   333  O O   . ALA A 1 45 ? -11.998 -14.395 -0.348  1.00 19.71 ? 191  ALA A O   1 
ATOM   334  C CB  . ALA A 1 45 ? -12.280 -12.020 1.824   1.00 19.88 ? 191  ALA A CB  1 
ATOM   335  N N   . ASP A 1 46 ? -11.811 -15.191 1.761   1.00 18.86 ? 192  ASP A N   1 
ATOM   336  C CA  . ASP A 1 46 ? -10.990 -16.333 1.367   1.00 20.15 ? 192  ASP A CA  1 
ATOM   337  C C   . ASP A 1 46 ? -11.806 -17.256 0.466   1.00 19.79 ? 192  ASP A C   1 
ATOM   338  O O   . ASP A 1 46 ? -11.333 -17.752 -0.566  1.00 20.98 ? 192  ASP A O   1 
ATOM   339  C CB  . ASP A 1 46 ? -10.525 -17.122 2.580   1.00 19.80 ? 192  ASP A CB  1 
ATOM   340  C CG  . ASP A 1 46 ? -9.424  -18.140 2.240   1.00 27.05 ? 192  ASP A CG  1 
ATOM   341  O OD1 . ASP A 1 46 ? -8.573  -17.846 1.358   1.00 26.95 ? 192  ASP A OD1 1 
ATOM   342  O OD2 . ASP A 1 46 ? -9.394  -19.218 2.882   1.00 24.59 ? 192  ASP A OD2 1 
ATOM   343  N N   . ARG A 1 47 ? -13.044 -17.499 0.876   1.00 18.43 ? 193  ARG A N   1 
ATOM   344  C CA  . ARG A 1 47 ? -13.859 -18.451 0.150   1.00 18.69 ? 193  ARG A CA  1 
ATOM   345  C C   . ARG A 1 47 ? -14.313 -17.910 -1.181  1.00 20.13 ? 193  ARG A C   1 
ATOM   346  O O   . ARG A 1 47 ? -14.446 -18.692 -2.124  1.00 24.86 ? 193  ARG A O   1 
ATOM   347  C CB  . ARG A 1 47 ? -15.026 -18.981 0.993   1.00 20.96 ? 193  ARG A CB  1 
ATOM   348  C CG  . ARG A 1 47 ? -14.740 -20.390 1.505   1.00 37.88 ? 193  ARG A CG  1 
ATOM   349  C CD  . ARG A 1 47 ? -15.875 -20.938 2.322   1.00 40.51 ? 193  ARG A CD  1 
ATOM   350  N NE  . ARG A 1 47 ? -15.948 -20.158 3.536   1.00 30.93 ? 193  ARG A NE  1 
ATOM   351  C CZ  . ARG A 1 47 ? -16.846 -19.218 3.804   1.00 20.64 ? 193  ARG A CZ  1 
ATOM   352  N NH1 . ARG A 1 47 ? -16.746 -18.592 4.953   1.00 30.69 ? 193  ARG A NH1 1 
ATOM   353  N NH2 . ARG A 1 47 ? -17.858 -18.931 2.986   1.00 40.00 ? 193  ARG A NH2 1 
ATOM   354  N N   . GLU A 1 48 ? -14.545 -16.606 -1.280  1.00 19.65 ? 194  GLU A N   1 
ATOM   355  C CA  . GLU A 1 48 ? -14.871 -16.028 -2.608  1.00 21.77 ? 194  GLU A CA  1 
ATOM   356  C C   . GLU A 1 48 ? -13.630 -16.091 -3.514  1.00 23.10 ? 194  GLU A C   1 
ATOM   357  O O   . GLU A 1 48 ? -13.753 -16.318 -4.699  1.00 24.07 ? 194  GLU A O   1 
ATOM   358  C CB  . GLU A 1 48 ? -15.478 -14.627 -2.489  1.00 22.86 ? 194  GLU A CB  1 
ATOM   359  C CG  . GLU A 1 48 ? -16.023 -14.066 -3.793  1.00 21.05 ? 194  GLU A CG  1 
ATOM   360  C CD  . GLU A 1 48 ? -14.938 -13.500 -4.701  1.00 28.85 ? 194  GLU A CD  1 
ATOM   361  O OE1 . GLU A 1 48 ? -13.782 -13.383 -4.263  1.00 25.54 ? 194  GLU A OE1 1 
ATOM   362  O OE2 . GLU A 1 48 ? -15.263 -13.191 -5.874  1.00 30.78 ? 194  GLU A OE2 1 
ATOM   363  N N   . GLY A 1 49 ? -12.441 -15.894 -2.958  1.00 21.93 ? 195  GLY A N   1 
ATOM   364  C CA  . GLY A 1 49 ? -11.163 -16.276 -3.594  1.00 20.78 ? 195  GLY A CA  1 
ATOM   365  C C   . GLY A 1 49 ? -10.439 -15.183 -4.367  1.00 21.54 ? 195  GLY A C   1 
ATOM   366  O O   . GLY A 1 49 ? -9.269  -15.337 -4.680  1.00 24.25 ? 195  GLY A O   1 
ATOM   367  N N   . THR A 1 50 ? -11.107 -14.065 -4.654  1.00 22.36 ? 196  THR A N   1 
ATOM   368  C CA  . THR A 1 50 ? -10.486 -13.015 -5.499  1.00 22.65 ? 196  THR A CA  1 
ATOM   369  C C   . THR A 1 50 ? -9.507  -12.130 -4.749  1.00 21.72 ? 196  THR A C   1 
ATOM   370  O O   . THR A 1 50 ? -8.374  -11.918 -5.180  1.00 21.17 ? 196  THR A O   1 
ATOM   371  C CB  . THR A 1 50 ? -11.562 -12.101 -6.135  1.00 20.43 ? 196  THR A CB  1 
ATOM   372  O OG1 . THR A 1 50 ? -12.533 -12.896 -6.819  1.00 24.33 ? 196  THR A OG1 1 
ATOM   373  C CG2 . THR A 1 50 ? -10.936 -11.121 -7.120  1.00 18.74 ? 196  THR A CG2 1 
ATOM   374  N N   . ILE A 1 51 ? -9.942  -11.603 -3.608  1.00 21.40 ? 197  ILE A N   1 
ATOM   375  C CA  . ILE A 1 51 ? -9.159  -10.587 -2.881  1.00 20.27 ? 197  ILE A CA  1 
ATOM   376  C C   . ILE A 1 51 ? -7.855  -11.198 -2.360  1.00 19.50 ? 197  ILE A C   1 
ATOM   377  O O   . ILE A 1 51 ? -7.833  -12.293 -1.738  1.00 20.13 ? 197  ILE A O   1 
ATOM   378  C CB  . ILE A 1 51 ? -9.998  -10.049 -1.683  1.00 19.92 ? 197  ILE A CB  1 
ATOM   379  C CG1 . ILE A 1 51 ? -11.185 -9.234  -2.220  1.00 21.39 ? 197  ILE A CG1 1 
ATOM   380  C CG2 . ILE A 1 51 ? -9.113  -9.253  -0.651  1.00 21.49 ? 197  ILE A CG2 1 
ATOM   381  C CD1 . ILE A 1 51 ? -12.253 -8.807  -1.161  1.00 18.94 ? 197  ILE A CD1 1 
ATOM   382  N N   . LYS A 1 52 ? -6.774  -10.442 -2.522  1.00 18.51 ? 198  LYS A N   1 
ATOM   383  C CA  . LYS A 1 52 ? -5.509  -10.788 -2.008  1.00 19.86 ? 198  LYS A CA  1 
ATOM   384  C C   . LYS A 1 52 ? -4.823  -9.599  -1.340  1.00 19.42 ? 198  LYS A C   1 
ATOM   385  O O   . LYS A 1 52 ? -5.047  -8.436  -1.710  1.00 18.63 ? 198  LYS A O   1 
ATOM   386  C CB  . LYS A 1 52 ? -4.610  -11.227 -3.164  1.00 21.31 ? 198  LYS A CB  1 
ATOM   387  C CG  . LYS A 1 52 ? -5.085  -12.430 -3.898  1.00 19.58 ? 198  LYS A CG  1 
ATOM   388  C CD  . LYS A 1 52 ? -5.139  -13.657 -2.981  1.00 22.41 ? 198  LYS A CD  1 
ATOM   389  C CE  . LYS A 1 52 ? -5.659  -14.860 -3.704  1.00 30.23 ? 198  LYS A CE  1 
ATOM   390  N NZ  . LYS A 1 52 ? -5.641  -16.120 -2.858  1.00 27.25 ? 198  LYS A NZ  1 
ATOM   391  N N   . PRO A 1 53 ? -3.909  -9.874  -0.383  1.00 17.67 ? 199  PRO A N   1 
ATOM   392  C CA  . PRO A 1 53 ? -3.138  -8.788  0.157   1.00 19.82 ? 199  PRO A CA  1 
ATOM   393  C C   . PRO A 1 53 ? -2.435  -7.936  -0.903  1.00 21.14 ? 199  PRO A C   1 
ATOM   394  O O   . PRO A 1 53 ? -1.918  -8.489  -1.910  1.00 21.74 ? 199  PRO A O   1 
ATOM   395  C CB  . PRO A 1 53 ? -2.136  -9.492  1.064   1.00 21.29 ? 199  PRO A CB  1 
ATOM   396  C CG  . PRO A 1 53 ? -2.772  -10.746 1.416   1.00 19.95 ? 199  PRO A CG  1 
ATOM   397  C CD  . PRO A 1 53 ? -3.520  -11.157 0.208   1.00 17.57 ? 199  PRO A CD  1 
ATOM   398  N N   . GLY A 1 54 ? -2.565  -6.632  -0.728  1.00 18.08 ? 200  GLY A N   1 
ATOM   399  C CA  . GLY A 1 54 ? -2.046  -5.630  -1.652  1.00 20.50 ? 200  GLY A CA  1 
ATOM   400  C C   . GLY A 1 54 ? -3.081  -5.072  -2.619  1.00 20.33 ? 200  GLY A C   1 
ATOM   401  O O   . GLY A 1 54 ? -2.829  -4.034  -3.293  1.00 22.75 ? 200  GLY A O   1 
ATOM   402  N N   . ASP A 1 55 ? -4.254  -5.702  -2.681  1.00 18.72 ? 201  ASP A N   1 
ATOM   403  C CA  . ASP A 1 55 ? -5.321  -5.144  -3.534  1.00 20.62 ? 201  ASP A CA  1 
ATOM   404  C C   . ASP A 1 55 ? -5.815  -3.832  -2.958  1.00 20.66 ? 201  ASP A C   1 
ATOM   405  O O   . ASP A 1 55 ? -5.883  -3.673  -1.733  1.00 20.61 ? 201  ASP A O   1 
ATOM   406  C CB  . ASP A 1 55 ? -6.507  -6.094  -3.678  1.00 18.53 ? 201  ASP A CB  1 
ATOM   407  C CG  . ASP A 1 55 ? -6.161  -7.371  -4.472  1.00 18.19 ? 201  ASP A CG  1 
ATOM   408  O OD1 . ASP A 1 55 ? -5.050  -7.367  -5.091  1.00 21.31 ? 201  ASP A OD1 1 
ATOM   409  O OD2 . ASP A 1 55 ? -7.001  -8.276  -4.443  1.00 20.58 ? 201  ASP A OD2 1 
ATOM   410  N N   . ARG A 1 56 ? -6.116  -2.883  -3.831  1.00 18.32 ? 202  ARG A N   1 
ATOM   411  C CA  . ARG A 1 56 ? -6.692  -1.608  -3.375  1.00 18.89 ? 202  ARG A CA  1 
ATOM   412  C C   . ARG A 1 56 ? -8.215  -1.732  -3.307  1.00 21.39 ? 202  ARG A C   1 
ATOM   413  O O   . ARG A 1 56 ? -8.829  -2.295  -4.233  1.00 19.12 ? 202  ARG A O   1 
ATOM   414  C CB  . ARG A 1 56 ? -6.300  -0.506  -4.339  1.00 21.14 ? 202  ARG A CB  1 
ATOM   415  C CG  . ARG A 1 56 ? -6.660  0.885   -3.926  1.00 25.89 ? 202  ARG A CG  1 
ATOM   416  C CD  . ARG A 1 56 ? -6.054  1.888   -4.884  1.00 33.56 ? 202  ARG A CD  1 
ATOM   417  N NE  . ARG A 1 56 ? -6.651  3.217   -4.756  1.00 55.67 ? 202  ARG A NE  1 
ATOM   418  C CZ  . ARG A 1 56 ? -6.375  4.243   -5.560  1.00 75.48 ? 202  ARG A CZ  1 
ATOM   419  N NH1 . ARG A 1 56 ? -5.507  4.099   -6.560  1.00 73.82 ? 202  ARG A NH1 1 
ATOM   420  N NH2 . ARG A 1 56 ? -6.967  5.419   -5.371  1.00 83.20 ? 202  ARG A NH2 1 
ATOM   421  N N   . LEU A 1 57 ? -8.832  -1.219  -2.231  1.00 18.59 ? 203  LEU A N   1 
ATOM   422  C CA  . LEU A 1 57 ? -10.287 -1.227  -2.065  1.00 17.31 ? 203  LEU A CA  1 
ATOM   423  C C   . LEU A 1 57 ? -10.812 0.173   -2.425  1.00 16.68 ? 203  LEU A C   1 
ATOM   424  O O   . LEU A 1 57 ? -10.556 1.145   -1.718  1.00 18.54 ? 203  LEU A O   1 
ATOM   425  C CB  . LEU A 1 57 ? -10.683 -1.588  -0.640  1.00 17.85 ? 203  LEU A CB  1 
ATOM   426  C CG  . LEU A 1 57 ? -12.175 -1.660  -0.312  1.00 19.79 ? 203  LEU A CG  1 
ATOM   427  C CD1 . LEU A 1 57 ? -12.909 -2.658  -1.240  1.00 18.61 ? 203  LEU A CD1 1 
ATOM   428  C CD2 . LEU A 1 57 ? -12.440 -1.991  1.201   1.00 17.20 ? 203  LEU A CD2 1 
ATOM   429  N N   . LEU A 1 58 ? -11.499 0.280   -3.561  1.00 18.29 ? 204  LEU A N   1 
ATOM   430  C CA  . LEU A 1 58 ? -11.951 1.562   -4.058  1.00 16.81 ? 204  LEU A CA  1 
ATOM   431  C C   . LEU A 1 58 ? -13.311 1.983   -3.556  1.00 18.13 ? 204  LEU A C   1 
ATOM   432  O O   . LEU A 1 58 ? -13.541 3.172   -3.357  1.00 19.20 ? 204  LEU A O   1 
ATOM   433  C CB  . LEU A 1 58 ? -12.044 1.491   -5.579  1.00 20.09 ? 204  LEU A CB  1 
ATOM   434  C CG  . LEU A 1 58 ? -10.793 1.141   -6.367  1.00 23.60 ? 204  LEU A CG  1 
ATOM   435  C CD1 . LEU A 1 58 ? -11.159 1.113   -7.840  1.00 24.59 ? 204  LEU A CD1 1 
ATOM   436  C CD2 . LEU A 1 58 ? -9.691  2.168   -6.089  1.00 28.71 ? 204  LEU A CD2 1 
ATOM   437  N N   . SER A 1 59 ? -14.214 1.023   -3.438  1.00 15.13 ? 205  SER A N   1 
ATOM   438  C CA  A SER A 1 59 ? -15.595 1.320   -3.074  0.33 16.32 ? 205  SER A CA  1 
ATOM   439  C CA  B SER A 1 59 ? -15.622 1.302   -3.154  0.33 15.97 ? 205  SER A CA  1 
ATOM   440  C CA  C SER A 1 59 ? -15.610 1.310   -3.110  0.33 16.68 ? 205  SER A CA  1 
ATOM   441  C C   . SER A 1 59 ? -16.313 0.134   -2.434  1.00 19.07 ? 205  SER A C   1 
ATOM   442  O O   . SER A 1 59 ? -15.972 -1.043  -2.640  1.00 18.46 ? 205  SER A O   1 
ATOM   443  C CB  A SER A 1 59 ? -16.381 1.774   -4.300  0.33 19.23 ? 205  SER A CB  1 
ATOM   444  C CB  B SER A 1 59 ? -16.366 1.605   -4.467  0.33 18.24 ? 205  SER A CB  1 
ATOM   445  C CB  C SER A 1 59 ? -16.380 1.710   -4.375  0.33 19.51 ? 205  SER A CB  1 
ATOM   446  O OG  A SER A 1 59 ? -16.840 0.648   -5.017  0.33 18.94 ? 205  SER A OG  1 
ATOM   447  O OG  B SER A 1 59 ? -15.775 2.687   -5.180  0.33 15.79 ? 205  SER A OG  1 
ATOM   448  O OG  C SER A 1 59 ? -17.741 1.990   -4.080  0.33 20.97 ? 205  SER A OG  1 
ATOM   449  N N   . VAL A 1 60 ? -17.298 0.466   -1.614  1.00 19.38 ? 206  VAL A N   1 
ATOM   450  C CA  . VAL A 1 60 ? -18.109 -0.481  -0.879  1.00 19.38 ? 206  VAL A CA  1 
ATOM   451  C C   . VAL A 1 60 ? -19.573 -0.077  -1.135  1.00 21.30 ? 206  VAL A C   1 
ATOM   452  O O   . VAL A 1 60 ? -19.995 0.985   -0.682  1.00 22.53 ? 206  VAL A O   1 
ATOM   453  C CB  . VAL A 1 60 ? -17.795 -0.398  0.671   1.00 24.27 ? 206  VAL A CB  1 
ATOM   454  C CG1 . VAL A 1 60 ? -18.772 -1.279  1.473   1.00 20.58 ? 206  VAL A CG1 1 
ATOM   455  C CG2 . VAL A 1 60 ? -16.317 -0.732  0.980   1.00 20.59 ? 206  VAL A CG2 1 
ATOM   456  N N   . ASP A 1 61 ? -20.301 -0.852  -1.946  1.00 21.98 ? 207  ASP A N   1 
ATOM   457  C CA  . ASP A 1 61 ? -21.686 -0.528  -2.363  1.00 23.49 ? 207  ASP A CA  1 
ATOM   458  C C   . ASP A 1 61 ? -21.853 0.831   -3.034  1.00 24.76 ? 207  ASP A C   1 
ATOM   459  O O   . ASP A 1 61 ? -22.839 1.547   -2.791  1.00 25.92 ? 207  ASP A O   1 
ATOM   460  C CB  . ASP A 1 61 ? -22.642 -0.620  -1.175  1.00 31.60 ? 207  ASP A CB  1 
ATOM   461  C CG  . ASP A 1 61 ? -22.759 -2.015  -0.630  1.00 35.42 ? 207  ASP A CG  1 
ATOM   462  O OD1 . ASP A 1 61 ? -22.620 -2.964  -1.427  1.00 33.77 ? 207  ASP A OD1 1 
ATOM   463  O OD2 . ASP A 1 61 ? -23.029 -2.155  0.586   1.00 38.03 ? 207  ASP A OD2 1 
ATOM   464  N N   . GLY A 1 62 ? -20.913 1.181   -3.895  1.00 25.48 ? 208  GLY A N   1 
ATOM   465  C CA  . GLY A 1 62 ? -20.965 2.463   -4.572  1.00 24.86 ? 208  GLY A CA  1 
ATOM   466  C C   . GLY A 1 62 ? -20.601 3.633   -3.680  1.00 26.31 ? 208  GLY A C   1 
ATOM   467  O O   . GLY A 1 62 ? -20.762 4.799   -4.085  1.00 26.61 ? 208  GLY A O   1 
ATOM   468  N N   . ILE A 1 63 ? -20.133 3.357   -2.462  1.00 17.46 ? 209  ILE A N   1 
ATOM   469  C CA  . ILE A 1 63 ? -19.578 4.411   -1.658  1.00 18.11 ? 209  ILE A CA  1 
ATOM   470  C C   . ILE A 1 63 ? -18.095 4.383   -1.938  1.00 16.21 ? 209  ILE A C   1 
ATOM   471  O O   . ILE A 1 63 ? -17.425 3.447   -1.537  1.00 17.29 ? 209  ILE A O   1 
ATOM   472  C CB  . ILE A 1 63 ? -19.874 4.235   -0.129  1.00 17.66 ? 209  ILE A CB  1 
ATOM   473  C CG1 . ILE A 1 63 ? -21.381 4.103   0.128   1.00 23.73 ? 209  ILE A CG1 1 
ATOM   474  C CG2 . ILE A 1 63 ? -19.280 5.403   0.632   1.00 22.02 ? 209  ILE A CG2 1 
ATOM   475  C CD1 . ILE A 1 63 ? -21.725 3.340   1.379   1.00 26.37 ? 209  ILE A CD1 1 
ATOM   476  N N   . ARG A 1 64 ? -17.589 5.408   -2.636  1.00 18.36 ? 210  ARG A N   1 
ATOM   477  C CA  . ARG A 1 64 ? -16.168 5.574   -2.928  1.00 17.23 ? 210  ARG A CA  1 
ATOM   478  C C   . ARG A 1 64 ? -15.397 5.850   -1.621  1.00 18.03 ? 210  ARG A C   1 
ATOM   479  O O   . ARG A 1 64 ? -15.799 6.695   -0.796  1.00 20.48 ? 210  ARG A O   1 
ATOM   480  C CB  . ARG A 1 64 ? -15.956 6.750   -3.871  1.00 18.92 ? 210  ARG A CB  1 
ATOM   481  C CG  . ARG A 1 64 ? -14.542 6.940   -4.413  1.00 24.81 ? 210  ARG A CG  1 
ATOM   482  C CD  A ARG A 1 64 ? -14.200 6.009   -5.594  0.50 16.72 ? 210  ARG A CD  1 
ATOM   483  C CD  B ARG A 1 64 ? -14.259 6.027   -5.629  0.50 38.37 ? 210  ARG A CD  1 
ATOM   484  N NE  A ARG A 1 64 ? -12.856 6.275   -6.105  0.50 20.02 ? 210  ARG A NE  1 
ATOM   485  N NE  B ARG A 1 64 ? -15.435 5.784   -6.483  0.50 27.46 ? 210  ARG A NE  1 
ATOM   486  C CZ  A ARG A 1 64 ? -11.739 5.945   -5.468  0.50 16.77 ? 210  ARG A CZ  1 
ATOM   487  C CZ  B ARG A 1 64 ? -16.010 6.679   -7.285  0.50 37.97 ? 210  ARG A CZ  1 
ATOM   488  N NH1 A ARG A 1 64 ? -11.800 5.317   -4.303  0.50 13.24 ? 210  ARG A NH1 1 
ATOM   489  N NH1 B ARG A 1 64 ? -17.072 6.335   -8.007  0.50 37.24 ? 210  ARG A NH1 1 
ATOM   490  N NH2 A ARG A 1 64 ? -10.561 6.254   -6.006  0.50 22.89 ? 210  ARG A NH2 1 
ATOM   491  N NH2 B ARG A 1 64 ? -15.555 7.919   -7.366  0.50 37.30 ? 210  ARG A NH2 1 
ATOM   492  N N   . LEU A 1 65 ? -14.278 5.150   -1.420  1.00 15.30 ? 211  LEU A N   1 
ATOM   493  C CA  . LEU A 1 65 ? -13.426 5.369   -0.245  1.00 14.83 ? 211  LEU A CA  1 
ATOM   494  C C   . LEU A 1 65 ? -12.277 6.310   -0.580  1.00 25.70 ? 211  LEU A C   1 
ATOM   495  O O   . LEU A 1 65 ? -11.120 6.097   -0.210  1.00 28.33 ? 211  LEU A O   1 
ATOM   496  C CB  . LEU A 1 65 ? -12.864 4.021   0.198   1.00 14.52 ? 211  LEU A CB  1 
ATOM   497  C CG  . LEU A 1 65 ? -13.824 2.876   0.569   1.00 17.10 ? 211  LEU A CG  1 
ATOM   498  C CD1 . LEU A 1 65 ? -13.024 1.706   1.229   1.00 16.67 ? 211  LEU A CD1 1 
ATOM   499  C CD2 . LEU A 1 65 ? -14.942 3.276   1.494   1.00 16.24 ? 211  LEU A CD2 1 
ATOM   500  N N   . LEU A 1 66 ? -12.571 7.277   -1.419  1.00 21.33 ? 212  LEU A N   1 
ATOM   501  C CA  . LEU A 1 66 ? -11.693 8.401   -1.638  1.00 24.71 ? 212  LEU A CA  1 
ATOM   502  C C   . LEU A 1 66 ? -12.190 9.433   -0.664  1.00 23.95 ? 212  LEU A C   1 
ATOM   503  O O   . LEU A 1 66 ? -13.388 9.728   -0.634  1.00 28.67 ? 212  LEU A O   1 
ATOM   504  C CB  . LEU A 1 66 ? -11.860 8.909   -3.076  1.00 24.57 ? 212  LEU A CB  1 
ATOM   505  C CG  . LEU A 1 66 ? -10.936 10.050  -3.509  1.00 24.73 ? 212  LEU A CG  1 
ATOM   506  C CD1 . LEU A 1 66 ? -9.506  9.570   -3.424  1.00 24.43 ? 212  LEU A CD1 1 
ATOM   507  C CD2 . LEU A 1 66 ? -11.252 10.523  -4.916  1.00 16.52 ? 212  LEU A CD2 1 
ATOM   508  N N   . GLY A 1 67 ? -11.293 9.983   0.142   1.00 25.45 ? 213  GLY A N   1 
ATOM   509  C CA  . GLY A 1 67 ? -11.654 11.034  1.093   1.00 22.41 ? 213  GLY A CA  1 
ATOM   510  C C   . GLY A 1 67 ? -12.251 10.562  2.416   1.00 22.04 ? 213  GLY A C   1 
ATOM   511  O O   . GLY A 1 67 ? -12.490 11.367  3.294   1.00 25.65 ? 213  GLY A O   1 
ATOM   512  N N   . THR A 1 68 ? -12.506 9.261   2.543   1.00 17.41 ? 214  THR A N   1 
ATOM   513  C CA  . THR A 1 68 ? -12.961 8.688   3.797   1.00 17.28 ? 214  THR A CA  1 
ATOM   514  C C   . THR A 1 68 ? -11.777 8.374   4.700   1.00 16.88 ? 214  THR A C   1 
ATOM   515  O O   . THR A 1 68 ? -10.767 7.835   4.258   1.00 15.29 ? 214  THR A O   1 
ATOM   516  C CB  . THR A 1 68 ? -13.763 7.370   3.580   1.00 17.48 ? 214  THR A CB  1 
ATOM   517  O OG1 . THR A 1 68 ? -12.949 6.418   2.911   1.00 18.22 ? 214  THR A OG1 1 
ATOM   518  C CG2 . THR A 1 68 ? -15.055 7.599   2.790   1.00 16.86 ? 214  THR A CG2 1 
ATOM   519  N N   . THR A 1 69 ? -11.910 8.699   5.979   1.00 15.94 ? 215  THR A N   1 
ATOM   520  C CA  . THR A 1 69 ? -10.898 8.339   6.952   1.00 15.60 ? 215  THR A CA  1 
ATOM   521  C C   . THR A 1 69 ? -10.892 6.818   7.157   1.00 16.09 ? 215  THR A C   1 
ATOM   522  O O   . THR A 1 69 ? -11.829 6.113   6.787   1.00 16.93 ? 215  THR A O   1 
ATOM   523  C CB  . THR A 1 69 ? -11.147 9.001   8.310   1.00 14.05 ? 215  THR A CB  1 
ATOM   524  O OG1 . THR A 1 69 ? -12.334 8.467   8.911   1.00 19.96 ? 215  THR A OG1 1 
ATOM   525  C CG2 . THR A 1 69 ? -11.245 10.496  8.201   1.00 18.79 ? 215  THR A CG2 1 
ATOM   526  N N   . HIS A 1 70 ? -9.849  6.305   7.809   1.00 17.51 ? 216  HIS A N   1 
ATOM   527  C CA  . HIS A 1 70 ? -9.797  4.889   8.153   1.00 17.89 ? 216  HIS A CA  1 
ATOM   528  C C   . HIS A 1 70 ? -11.039 4.485   8.949   1.00 16.92 ? 216  HIS A C   1 
ATOM   529  O O   . HIS A 1 70 ? -11.686 3.458   8.669   1.00 17.79 ? 216  HIS A O   1 
ATOM   530  C CB  . HIS A 1 70 ? -8.523  4.601   8.955   1.00 17.56 ? 216  HIS A CB  1 
ATOM   531  C CG  . HIS A 1 70 ? -8.309  3.143   9.217   1.00 18.43 ? 216  HIS A CG  1 
ATOM   532  N ND1 . HIS A 1 70 ? -7.757  2.305   8.280   1.00 16.65 ? 216  HIS A ND1 1 
ATOM   533  C CD2 . HIS A 1 70 ? -8.628  2.366   10.283  1.00 19.58 ? 216  HIS A CD2 1 
ATOM   534  C CE1 . HIS A 1 70 ? -7.711  1.074   8.768   1.00 16.99 ? 216  HIS A CE1 1 
ATOM   535  N NE2 . HIS A 1 70 ? -8.264  1.078   9.974   1.00 18.81 ? 216  HIS A NE2 1 
ATOM   536  N N   . ALA A 1 71 ? -11.374 5.285   9.956   1.00 16.77 ? 217  ALA A N   1 
ATOM   537  C CA  . ALA A 1 71 ? -12.498 4.973   10.801  1.00 17.94 ? 217  ALA A CA  1 
ATOM   538  C C   . ALA A 1 71 ? -13.817 4.982   10.004  1.00 15.45 ? 217  ALA A C   1 
ATOM   539  O O   . ALA A 1 71 ? -14.688 4.144   10.220  1.00 19.73 ? 217  ALA A O   1 
ATOM   540  C CB  . ALA A 1 71 ? -12.551 5.952   11.958  1.00 17.70 ? 217  ALA A CB  1 
ATOM   541  N N   . GLU A 1 72 ? -13.949 5.897   9.048   1.00 16.23 ? 218  GLU A N   1 
ATOM   542  C CA  . GLU A 1 72 ? -15.164 5.961   8.198   1.00 15.62 ? 218  GLU A CA  1 
ATOM   543  C C   . GLU A 1 72 ? -15.239 4.719   7.288   1.00 15.35 ? 218  GLU A C   1 
ATOM   544  O O   . GLU A 1 72 ? -16.318 4.132   7.114   1.00 18.29 ? 218  GLU A O   1 
ATOM   545  C CB  . GLU A 1 72 ? -15.197 7.247   7.370   1.00 20.13 ? 218  GLU A CB  1 
ATOM   546  C CG  . GLU A 1 72 ? -15.486 8.499   8.209   1.00 16.08 ? 218  GLU A CG  1 
ATOM   547  C CD  . GLU A 1 72 ? -15.165 9.815   7.488   1.00 17.45 ? 218  GLU A CD  1 
ATOM   548  O OE1 . GLU A 1 72 ? -14.472 9.808   6.463   1.00 19.50 ? 218  GLU A OE1 1 
ATOM   549  O OE2 . GLU A 1 72 ? -15.624 10.889  7.948   1.00 29.19 ? 218  GLU A OE2 1 
ATOM   550  N N   . ALA A 1 73 ? -14.105 4.336   6.694   1.00 16.60 ? 219  ALA A N   1 
ATOM   551  C CA  . ALA A 1 73 ? -14.044 3.107   5.882   1.00 12.78 ? 219  ALA A CA  1 
ATOM   552  C C   . ALA A 1 73 ? -14.423 1.885   6.702   1.00 16.41 ? 219  ALA A C   1 
ATOM   553  O O   . ALA A 1 73 ? -15.216 1.059   6.249   1.00 18.50 ? 219  ALA A O   1 
ATOM   554  C CB  . ALA A 1 73 ? -12.643 2.931   5.257   1.00 20.56 ? 219  ALA A CB  1 
ATOM   555  N N   . MET A 1 74 ? -13.863 1.750   7.917   1.00 17.96 ? 220  MET A N   1 
ATOM   556  C CA  . MET A 1 74 ? -14.238 0.635   8.803   1.00 22.38 ? 220  MET A CA  1 
ATOM   557  C C   . MET A 1 74 ? -15.747 0.648   9.096   1.00 18.85 ? 220  MET A C   1 
ATOM   558  O O   . MET A 1 74 ? -16.412 -0.399  9.024   1.00 20.79 ? 220  MET A O   1 
ATOM   559  C CB  . MET A 1 74 ? -13.359 0.617   10.094  1.00 28.68 ? 220  MET A CB  1 
ATOM   560  C CG  . MET A 1 74 ? -13.970 1.216   11.350  1.00 38.64 ? 220  MET A CG  1 
ATOM   561  S SD  . MET A 1 74 ? -15.200 0.144   12.150  1.00 44.99 ? 220  MET A SD  1 
ATOM   562  C CE  . MET A 1 74 ? -16.314 1.344   12.897  1.00 51.47 ? 220  MET A CE  1 
ATOM   563  N N   . SER A 1 75 ? -16.316 1.827   9.368   1.00 16.35 ? 221  SER A N   1 
ATOM   564  C CA  . SER A 1 75 ? -17.743 1.947   9.688   1.00 17.63 ? 221  SER A CA  1 
ATOM   565  C C   . SER A 1 75 ? -18.606 1.611   8.488   1.00 17.64 ? 221  SER A C   1 
ATOM   566  O O   . SER A 1 75 ? -19.673 0.999   8.616   1.00 21.19 ? 221  SER A O   1 
ATOM   567  C CB  . SER A 1 75 ? -18.055 3.348   10.199  1.00 22.72 ? 221  SER A CB  1 
ATOM   568  O OG  . SER A 1 75 ? -17.208 3.654   11.291  1.00 35.49 ? 221  SER A OG  1 
ATOM   569  N N   . ILE A 1 76 ? -18.144 2.010   7.302   1.00 18.73 ? 222  ILE A N   1 
ATOM   570  C CA  . ILE A 1 76 ? -18.833 1.663   6.061   1.00 19.54 ? 222  ILE A CA  1 
ATOM   571  C C   . ILE A 1 76 ? -18.929 0.149   5.870   1.00 13.16 ? 222  ILE A C   1 
ATOM   572  O O   . ILE A 1 76 ? -20.018 -0.387  5.550   1.00 17.45 ? 222  ILE A O   1 
ATOM   573  C CB  . ILE A 1 76 ? -18.157 2.347   4.826   1.00 19.71 ? 222  ILE A CB  1 
ATOM   574  C CG1 . ILE A 1 76 ? -18.502 3.833   4.842   1.00 15.66 ? 222  ILE A CG1 1 
ATOM   575  C CG2 . ILE A 1 76 ? -18.616 1.701   3.506   1.00 17.33 ? 222  ILE A CG2 1 
ATOM   576  C CD1 . ILE A 1 76 ? -17.716 4.687   3.915   1.00 19.07 ? 222  ILE A CD1 1 
ATOM   577  N N   . LEU A 1 77 ? -17.803 -0.527  6.091   1.00 16.91 ? 223  LEU A N   1 
ATOM   578  C CA  . LEU A 1 77 ? -17.726 -1.991  6.006   1.00 17.57 ? 223  LEU A CA  1 
ATOM   579  C C   . LEU A 1 77 ? -18.597 -2.664  7.080   1.00 17.34 ? 223  LEU A C   1 
ATOM   580  O O   . LEU A 1 77 ? -19.236 -3.695  6.809   1.00 21.56 ? 223  LEU A O   1 
ATOM   581  C CB  . LEU A 1 77 ? -16.274 -2.447  6.081   1.00 21.21 ? 223  LEU A CB  1 
ATOM   582  C CG  . LEU A 1 77 ? -15.528 -2.132  4.774   1.00 19.12 ? 223  LEU A CG  1 
ATOM   583  C CD1 . LEU A 1 77 ? -14.043 -1.959  4.987   1.00 20.70 ? 223  LEU A CD1 1 
ATOM   584  C CD2 . LEU A 1 77 ? -15.825 -3.225  3.744   1.00 18.87 ? 223  LEU A CD2 1 
ATOM   585  N N   . LYS A 1 78 ? -18.611 -2.076  8.275   1.00 19.18 ? 224  LYS A N   1 
ATOM   586  C CA  . LYS A 1 78 ? -19.439 -2.602  9.394   1.00 19.26 ? 224  LYS A CA  1 
ATOM   587  C C   . LYS A 1 78 ? -20.942 -2.481  9.150   1.00 27.22 ? 224  LYS A C   1 
ATOM   588  O O   . LYS A 1 78 ? -21.714 -3.378  9.502   1.00 24.27 ? 224  LYS A O   1 
ATOM   589  C CB  . LYS A 1 78 ? -19.037 -1.909  10.709  1.00 20.26 ? 224  LYS A CB  1 
ATOM   590  C CG  . LYS A 1 78 ? -19.702 -2.455  11.972  1.00 24.56 ? 224  LYS A CG  1 
ATOM   591  N N   . GLN A 1 79 ? -21.357 -1.392  8.512   1.00 22.05 ? 225  GLN A N   1 
ATOM   592  C CA  . GLN A 1 79 ? -22.759 -1.067  8.405   1.00 22.63 ? 225  GLN A CA  1 
ATOM   593  C C   . GLN A 1 79 ? -23.413 -1.495  7.098   1.00 21.06 ? 225  GLN A C   1 
ATOM   594  O O   . GLN A 1 79 ? -24.630 -1.372  6.956   1.00 20.45 ? 225  GLN A O   1 
ATOM   595  C CB  . GLN A 1 79 ? -22.958 0.418   8.679   1.00 22.47 ? 225  GLN A CB  1 
ATOM   596  C CG  . GLN A 1 79 ? -22.646 0.761   10.134  1.00 37.66 ? 225  GLN A CG  1 
ATOM   597  C CD  . GLN A 1 79 ? -22.539 2.241   10.399  1.00 49.27 ? 225  GLN A CD  1 
ATOM   598  O OE1 . GLN A 1 79 ? -21.934 2.659   11.390  1.00 58.80 ? 225  GLN A OE1 1 
ATOM   599  N NE2 . GLN A 1 79 ? -23.127 3.048   9.520   1.00 58.91 ? 225  GLN A NE2 1 
ATOM   600  N N   . CYS A 1 80 ? -22.647 -2.031  6.153   1.00 23.27 ? 226  CYS A N   1 
ATOM   601  C CA  . CYS A 1 80 ? -23.275 -2.410  4.893   1.00 23.26 ? 226  CYS A CA  1 
ATOM   602  C C   . CYS A 1 80 ? -24.015 -3.756  5.011   1.00 21.04 ? 226  CYS A C   1 
ATOM   603  O O   . CYS A 1 80 ? -23.792 -4.526  5.953   1.00 22.88 ? 226  CYS A O   1 
ATOM   604  C CB  . CYS A 1 80 ? -22.261 -2.423  3.765   1.00 26.01 ? 226  CYS A CB  1 
ATOM   605  S SG  . CYS A 1 80 ? -21.037 -3.664  3.943   1.00 25.95 ? 226  CYS A SG  1 
ATOM   606  N N   . GLY A 1 81 ? -24.936 -4.018  4.087   1.00 18.70 ? 227  GLY A N   1 
ATOM   607  C CA  . GLY A 1 81 ? -25.715 -5.262  4.134   1.00 22.00 ? 227  GLY A CA  1 
ATOM   608  C C   . GLY A 1 81 ? -24.822 -6.498  4.095   1.00 22.03 ? 227  GLY A C   1 
ATOM   609  O O   . GLY A 1 81 ? -23.622 -6.398  3.765   1.00 19.78 ? 227  GLY A O   1 
ATOM   610  N N   . GLN A 1 82 ? -25.399 -7.653  4.439   1.00 22.10 ? 228  GLN A N   1 
ATOM   611  C CA  . GLN A 1 82 ? -24.668 -8.932  4.443   1.00 24.24 ? 228  GLN A CA  1 
ATOM   612  C C   . GLN A 1 82 ? -24.042 -9.217  3.069   1.00 24.23 ? 228  GLN A C   1 
ATOM   613  O O   . GLN A 1 82 ? -22.862 -9.513  2.999   1.00 26.73 ? 228  GLN A O   1 
ATOM   614  C CB  . GLN A 1 82 ? -25.570 -10.096 4.901   1.00 30.88 ? 228  GLN A CB  1 
ATOM   615  N N   . GLU A 1 83 ? -24.838 -9.100  1.998   1.00 20.79 ? 229  GLU A N   1 
ATOM   616  C CA  . GLU A 1 83 ? -24.324 -9.105  0.625   1.00 24.02 ? 229  GLU A CA  1 
ATOM   617  C C   . GLU A 1 83 ? -23.861 -7.689  0.249   1.00 27.03 ? 229  GLU A C   1 
ATOM   618  O O   . GLU A 1 83 ? -24.649 -6.745  0.232   1.00 27.65 ? 229  GLU A O   1 
ATOM   619  C CB  . GLU A 1 83 ? -25.372 -9.626  -0.370  1.00 31.60 ? 229  GLU A CB  1 
ATOM   620  C CG  . GLU A 1 83 ? -24.830 -9.869  -1.794  1.00 32.09 ? 229  GLU A CG  1 
ATOM   621  C CD  . GLU A 1 83 ? -25.899 -10.363 -2.762  1.00 39.65 ? 229  GLU A CD  1 
ATOM   622  O OE1 . GLU A 1 83 ? -25.562 -10.724 -3.913  1.00 47.95 ? 229  GLU A OE1 1 
ATOM   623  O OE2 . GLU A 1 83 ? -27.085 -10.381 -2.375  1.00 38.54 ? 229  GLU A OE2 1 
ATOM   624  N N   . ALA A 1 84 ? -22.576 -7.570  -0.056  1.00 21.82 ? 230  ALA A N   1 
ATOM   625  C CA  . ALA A 1 84 ? -21.920 -6.283  -0.366  1.00 19.42 ? 230  ALA A CA  1 
ATOM   626  C C   . ALA A 1 84 ? -21.094 -6.407  -1.654  1.00 21.31 ? 230  ALA A C   1 
ATOM   627  O O   . ALA A 1 84 ? -20.399 -7.403  -1.861  1.00 21.90 ? 230  ALA A O   1 
ATOM   628  C CB  . ALA A 1 84 ? -21.021 -5.818  0.770   1.00 22.72 ? 230  ALA A CB  1 
ATOM   629  N N   . ALA A 1 85 ? -21.208 -5.402  -2.518  1.00 19.53 ? 231  ALA A N   1 
ATOM   630  C CA  . ALA A 1 85 ? -20.349 -5.285  -3.701  1.00 20.10 ? 231  ALA A CA  1 
ATOM   631  C C   . ALA A 1 85 ? -19.138 -4.424  -3.374  1.00 16.45 ? 231  ALA A C   1 
ATOM   632  O O   . ALA A 1 85 ? -19.268 -3.255  -3.020  1.00 22.24 ? 231  ALA A O   1 
ATOM   633  C CB  . ALA A 1 85 ? -21.140 -4.681  -4.860  1.00 16.66 ? 231  ALA A CB  1 
ATOM   634  N N   . LEU A 1 86 ? -17.955 -5.014  -3.466  1.00 17.02 ? 232  LEU A N   1 
ATOM   635  C CA  . LEU A 1 86 ? -16.707 -4.319  -3.225  1.00 20.02 ? 232  LEU A CA  1 
ATOM   636  C C   . LEU A 1 86 ? -15.991 -4.143  -4.572  1.00 25.21 ? 232  LEU A C   1 
ATOM   637  O O   . LEU A 1 86 ? -15.869 -5.081  -5.342  1.00 25.60 ? 232  LEU A O   1 
ATOM   638  C CB  . LEU A 1 86 ? -15.839 -5.149  -2.292  1.00 20.63 ? 232  LEU A CB  1 
ATOM   639  C CG  . LEU A 1 86 ? -16.487 -5.667  -1.005  1.00 22.94 ? 232  LEU A CG  1 
ATOM   640  C CD1 . LEU A 1 86 ? -15.408 -6.369  -0.180  1.00 24.37 ? 232  LEU A CD1 1 
ATOM   641  C CD2 . LEU A 1 86 ? -17.139 -4.557  -0.188  1.00 23.62 ? 232  LEU A CD2 1 
ATOM   642  N N   . LEU A 1 87 ? -15.534 -2.932  -4.852  1.00 18.54 ? 233  LEU A N   1 
ATOM   643  C CA  . LEU A 1 87 ? -14.748 -2.695  -6.032  1.00 17.40 ? 233  LEU A CA  1 
ATOM   644  C C   . LEU A 1 87 ? -13.292 -2.652  -5.609  1.00 20.25 ? 233  LEU A C   1 
ATOM   645  O O   . LEU A 1 87 ? -12.906 -1.817  -4.778  1.00 18.34 ? 233  LEU A O   1 
ATOM   646  C CB  . LEU A 1 87 ? -15.131 -1.389  -6.667  1.00 18.75 ? 233  LEU A CB  1 
ATOM   647  C CG  . LEU A 1 87 ? -14.691 -1.203  -8.090  1.00 25.92 ? 233  LEU A CG  1 
ATOM   648  C CD1 . LEU A 1 87 ? -15.493 -2.155  -8.992  1.00 24.49 ? 233  LEU A CD1 1 
ATOM   649  C CD2 . LEU A 1 87 ? -14.929 0.245   -8.479  1.00 27.03 ? 233  LEU A CD2 1 
ATOM   650  N N   . ILE A 1 88 ? -12.490 -3.576  -6.132  1.00 17.87 ? 234  ILE A N   1 
ATOM   651  C CA  . ILE A 1 88 ? -11.056 -3.585  -5.867  1.00 17.06 ? 234  ILE A CA  1 
ATOM   652  C C   . ILE A 1 88 ? -10.264 -3.333  -7.165  1.00 19.34 ? 234  ILE A C   1 
ATOM   653  O O   . ILE A 1 88 ? -10.795 -3.374  -8.270  1.00 18.20 ? 234  ILE A O   1 
ATOM   654  C CB  . ILE A 1 88 ? -10.595 -4.919  -5.231  1.00 18.98 ? 234  ILE A CB  1 
ATOM   655  C CG1 . ILE A 1 88 ? -10.856 -6.106  -6.182  1.00 18.88 ? 234  ILE A CG1 1 
ATOM   656  C CG2 . ILE A 1 88 ? -11.373 -5.197  -3.921  1.00 19.57 ? 234  ILE A CG2 1 
ATOM   657  C CD1 . ILE A 1 88 ? -10.366 -7.474  -5.655  1.00 23.95 ? 234  ILE A CD1 1 
ATOM   658  N N   . GLU A 1 89 ? -8.977  -3.070  -7.015  1.00 17.00 ? 235  GLU A N   1 
ATOM   659  C CA  . GLU A 1 89 ? -8.184  -2.710  -8.156  1.00 17.14 ? 235  GLU A CA  1 
ATOM   660  C C   . GLU A 1 89 ? -6.848  -3.438  -7.998  1.00 18.19 ? 235  GLU A C   1 
ATOM   661  O O   . GLU A 1 89 ? -6.233  -3.418  -6.906  1.00 19.52 ? 235  GLU A O   1 
ATOM   662  C CB  . GLU A 1 89 ? -8.028  -1.186  -8.220  1.00 19.50 ? 235  GLU A CB  1 
ATOM   663  C CG  . GLU A 1 89 ? -7.144  -0.696  -9.325  1.00 21.69 ? 235  GLU A CG  1 
ATOM   664  C CD  . GLU A 1 89 ? -7.157  0.818   -9.444  1.00 26.71 ? 235  GLU A CD  1 
ATOM   665  O OE1 . GLU A 1 89 ? -6.801  1.474   -8.445  1.00 29.78 ? 235  GLU A OE1 1 
ATOM   666  O OE2 . GLU A 1 89 ? -7.476  1.329   -10.535 1.00 31.53 ? 235  GLU A OE2 1 
ATOM   667  N N   . TYR A 1 90 ? -6.465  -4.158  -9.055  1.00 17.68 ? 236  TYR A N   1 
ATOM   668  C CA  . TYR A 1 90 ? -5.166  -4.852  -9.090  1.00 18.24 ? 236  TYR A CA  1 
ATOM   669  C C   . TYR A 1 90 ? -4.829  -5.182  -10.526 1.00 18.41 ? 236  TYR A C   1 
ATOM   670  O O   . TYR A 1 90 ? -5.571  -4.870  -11.431 1.00 18.02 ? 236  TYR A O   1 
ATOM   671  C CB  . TYR A 1 90 ? -5.162  -6.120  -8.208  1.00 18.92 ? 236  TYR A CB  1 
ATOM   672  C CG  . TYR A 1 90 ? -6.206  -7.151  -8.648  1.00 18.75 ? 236  TYR A CG  1 
ATOM   673  C CD1 . TYR A 1 90 ? -5.850  -8.207  -9.492  1.00 19.22 ? 236  TYR A CD1 1 
ATOM   674  C CD2 . TYR A 1 90 ? -7.549  -7.075  -8.235  1.00 17.62 ? 236  TYR A CD2 1 
ATOM   675  C CE1 . TYR A 1 90 ? -6.782  -9.128  -9.888  1.00 14.95 ? 236  TYR A CE1 1 
ATOM   676  C CE2 . TYR A 1 90 ? -8.486  -8.007  -8.604  1.00 21.52 ? 236  TYR A CE2 1 
ATOM   677  C CZ  . TYR A 1 90 ? -8.127  -9.043  -9.461  1.00 16.49 ? 236  TYR A CZ  1 
ATOM   678  O OH  . TYR A 1 90 ? -9.118  -9.975  -9.807  1.00 19.42 ? 236  TYR A OH  1 
ATOM   679  N N   . ASP A 1 91 ? -3.673  -5.797  -10.713 1.00 16.48 ? 237  ASP A N   1 
ATOM   680  C CA  . ASP A 1 91 ? -3.208  -6.141  -12.056 1.00 18.05 ? 237  ASP A CA  1 
ATOM   681  C C   . ASP A 1 91 ? -3.900  -7.423  -12.539 1.00 17.25 ? 237  ASP A C   1 
ATOM   682  O O   . ASP A 1 91 ? -3.532  -8.521  -12.127 1.00 19.26 ? 237  ASP A O   1 
ATOM   683  C CB  . ASP A 1 91 ? -1.706  -6.346  -12.014 1.00 21.13 ? 237  ASP A CB  1 
ATOM   684  C CG  . ASP A 1 91 ? -1.097  -6.526  -13.378 1.00 23.74 ? 237  ASP A CG  1 
ATOM   685  O OD1 . ASP A 1 91 ? -1.804  -6.370  -14.404 1.00 25.91 ? 237  ASP A OD1 1 
ATOM   686  O OD2 . ASP A 1 91 ? 0.117   -6.797  -13.397 1.00 33.54 ? 237  ASP A OD2 1 
ATOM   687  N N   . VAL A 1 92 ? -4.930  -7.256  -13.369 1.00 18.06 ? 238  VAL A N   1 
ATOM   688  C CA  . VAL A 1 92 ? -5.780  -8.345  -13.822 1.00 16.32 ? 238  VAL A CA  1 
ATOM   689  C C   . VAL A 1 92 ? -5.312  -8.884  -15.182 1.00 19.29 ? 238  VAL A C   1 
ATOM   690  O O   . VAL A 1 92 ? -4.987  -8.096  -16.088 1.00 17.79 ? 238  VAL A O   1 
ATOM   691  C CB  . VAL A 1 92 ? -7.234  -7.850  -13.962 1.00 20.28 ? 238  VAL A CB  1 
ATOM   692  C CG1 . VAL A 1 92 ? -8.153  -8.973  -14.490 1.00 21.80 ? 238  VAL A CG1 1 
ATOM   693  C CG2 . VAL A 1 92 ? -7.767  -7.335  -12.654 1.00 21.43 ? 238  VAL A CG2 1 
ATOM   694  N N   . SER A 1 93 ? -5.281  -10.221 -15.294 1.00 15.35 ? 239  SER A N   1 
ATOM   695  C CA  . SER A 1 93 ? -5.082  -10.939 -16.504 1.00 14.00 ? 239  SER A CA  1 
ATOM   696  C C   . SER A 1 93 ? -6.467  -11.362 -16.992 1.00 14.96 ? 239  SER A C   1 
ATOM   697  O O   . SER A 1 93 ? -7.211  -12.003 -16.242 1.00 17.66 ? 239  SER A O   1 
ATOM   698  C CB  . SER A 1 93 ? -4.216  -12.182 -16.299 1.00 17.33 ? 239  SER A CB  1 
ATOM   699  O OG  . SER A 1 93 ? -2.882  -11.849 -15.926 1.00 21.78 ? 239  SER A OG  1 
ATOM   700  N N   . GLU A 1 94 ? -6.815  -10.911 -18.181 1.00 15.25 ? 240  GLU A N   1 
ATOM   701  C CA  . GLU A 1 94 ? -8.134  -11.152 -18.738 1.00 19.11 ? 240  GLU A CA  1 
ATOM   702  C C   . GLU A 1 94 ? -8.024  -11.420 -20.206 1.00 17.74 ? 240  GLU A C   1 
ATOM   703  O O   . GLU A 1 94 ? -7.373  -10.642 -20.932 1.00 17.34 ? 240  GLU A O   1 
ATOM   704  C CB  . GLU A 1 94 ? -8.996  -9.930  -18.502 1.00 22.02 ? 240  GLU A CB  1 
ATOM   705  C CG  . GLU A 1 94 ? -10.433 -10.124 -18.845 1.00 33.54 ? 240  GLU A CG  1 
ATOM   706  C CD  . GLU A 1 94 ? -11.307 -9.089  -18.204 1.00 37.42 ? 240  GLU A CD  1 
ATOM   707  O OE1 . GLU A 1 94 ? -11.132 -7.875  -18.498 1.00 28.86 ? 240  GLU A OE1 1 
ATOM   708  O OE2 . GLU A 1 94 ? -12.181 -9.501  -17.416 1.00 40.34 ? 240  GLU A OE2 1 
ATOM   709  N N   . THR A 1 95 ? -8.669  -12.494 -20.686 1.00 13.46 ? 241  THR A N   1 
ATOM   710  C CA  . THR A 1 95 ? -8.565  -12.948 -22.070 1.00 15.11 ? 241  THR A CA  1 
ATOM   711  C C   . THR A 1 95 ? -9.943  -13.435 -22.574 1.00 14.57 ? 241  THR A C   1 
ATOM   712  O O   . THR A 1 95 ? -10.670 -14.137 -21.831 1.00 14.45 ? 241  THR A O   1 
ATOM   713  C CB  . THR A 1 95 ? -7.528  -14.111 -22.225 1.00 15.64 ? 241  THR A CB  1 
ATOM   714  O OG1 . THR A 1 95 ? -6.257  -13.698 -21.701 1.00 14.57 ? 241  THR A OG1 1 
ATOM   715  C CG2 . THR A 1 95 ? -7.370  -14.528 -23.643 1.00 15.74 ? 241  THR A CG2 1 
ATOM   716  N N   . ALA A 1 96 ? -10.337 -13.024 -23.772 1.00 10.23 ? 242  ALA A N   1 
ATOM   717  C CA  . ALA A 1 96 ? -11.488 -13.600 -24.400 1.00 8.11  ? 242  ALA A CA  1 
ATOM   718  C C   . ALA A 1 96 ? -11.161 -14.995 -24.932 1.00 13.92 ? 242  ALA A C   1 
ATOM   719  O O   . ALA A 1 96 ? -10.177 -15.190 -25.657 1.00 15.79 ? 242  ALA A O   1 
ATOM   720  C CB  . ALA A 1 96 ? -11.980 -12.671 -25.494 1.00 10.21 ? 242  ALA A CB  1 
ATOM   721  N N   . VAL A 1 97 ? -12.019 -15.964 -24.593 1.00 16.29 ? 243  VAL A N   1 
ATOM   722  C CA  . VAL A 1 97 ? -11.833 -17.341 -25.026 1.00 14.53 ? 243  VAL A CA  1 
ATOM   723  C C   . VAL A 1 97 ? -13.083 -17.918 -25.659 1.00 12.94 ? 243  VAL A C   1 
ATOM   724  O O   . VAL A 1 97 ? -14.126 -17.232 -25.814 1.00 19.92 ? 243  VAL A O   1 
ATOM   725  C CB  . VAL A 1 97 ? -11.462 -18.254 -23.825 1.00 13.57 ? 243  VAL A CB  1 
ATOM   726  C CG1 . VAL A 1 97 ? -10.096 -17.824 -23.221 1.00 15.42 ? 243  VAL A CG1 1 
ATOM   727  C CG2 . VAL A 1 97 ? -12.532 -18.209 -22.718 1.00 20.24 ? 243  VAL A CG2 1 
ATOM   728  O OXT . VAL A 1 97 ? -13.082 -19.087 -26.110 1.00 23.29 ? 243  VAL A OXT 1 
ATOM   729  N N   . SER B 1 1  ? -0.159  2.367   14.496  1.00 22.79 ? -1   SER B N   1 
ATOM   730  C CA  . SER B 1 1  ? 1.103   1.976   15.195  1.00 22.36 ? -1   SER B CA  1 
ATOM   731  C C   . SER B 1 1  ? 2.211   1.913   14.172  1.00 19.08 ? -1   SER B C   1 
ATOM   732  O O   . SER B 1 1  ? 1.943   1.676   13.012  1.00 19.37 ? -1   SER B O   1 
ATOM   733  C CB  . SER B 1 1  ? 0.978   0.595   15.852  1.00 24.58 ? -1   SER B CB  1 
ATOM   734  O OG  . SER B 1 1  ? -0.160  0.509   16.688  1.00 38.50 ? -1   SER B OG  1 
ATOM   735  N N   . MET B 1 2  ? 3.467   2.049   14.600  1.00 19.22 ? 0    MET B N   1 
ATOM   736  C CA  . MET B 1 2  ? 4.536   1.955   13.648  1.00 15.88 ? 0    MET B CA  1 
ATOM   737  C C   . MET B 1 2  ? 4.521   0.551   13.066  1.00 16.53 ? 0    MET B C   1 
ATOM   738  O O   . MET B 1 2  ? 4.411   -0.425  13.808  1.00 18.23 ? 0    MET B O   1 
ATOM   739  C CB  . MET B 1 2  ? 5.860   2.157   14.356  1.00 18.89 ? 0    MET B CB  1 
ATOM   740  C CG  A MET B 1 2  ? 6.403   3.584   14.555  0.50 18.55 ? 0    MET B CG  1 
ATOM   741  C CG  B MET B 1 2  ? 7.050   2.710   13.530  0.50 17.84 ? 0    MET B CG  1 
ATOM   742  S SD  A MET B 1 2  ? 6.037   4.845   13.338  0.50 28.13 ? 0    MET B SD  1 
ATOM   743  S SD  B MET B 1 2  ? 6.765   4.180   12.567  0.50 26.70 ? 0    MET B SD  1 
ATOM   744  C CE  A MET B 1 2  ? 7.053   4.187   12.021  0.50 23.10 ? 0    MET B CE  1 
ATOM   745  C CE  B MET B 1 2  ? 5.663   4.932   13.781  0.50 11.34 ? 0    MET B CE  1 
ATOM   746  N N   . ARG B 1 3  ? 4.662   0.465   11.744  1.00 16.69 ? 149  ARG B N   1 
ATOM   747  C CA  . ARG B 1 3  ? 4.601   -0.821  11.041  1.00 15.78 ? 149  ARG B CA  1 
ATOM   748  C C   . ARG B 1 3  ? 5.490   -0.754  9.812   1.00 15.95 ? 149  ARG B C   1 
ATOM   749  O O   . ARG B 1 3  ? 5.626   0.301   9.193   1.00 17.74 ? 149  ARG B O   1 
ATOM   750  C CB  . ARG B 1 3  ? 3.164   -1.054  10.628  1.00 19.18 ? 149  ARG B CB  1 
ATOM   751  C CG  . ARG B 1 3  ? 2.749   -2.437  10.139  1.00 18.93 ? 149  ARG B CG  1 
ATOM   752  C CD  . ARG B 1 3  ? 1.540   -2.295  9.278   1.00 23.25 ? 149  ARG B CD  1 
ATOM   753  N NE  . ARG B 1 3  ? 0.846   -3.537  8.887   1.00 22.83 ? 149  ARG B NE  1 
ATOM   754  C CZ  . ARG B 1 3  ? 1.071   -4.241  7.776   1.00 24.24 ? 149  ARG B CZ  1 
ATOM   755  N NH1 . ARG B 1 3  ? 2.095   -3.980  6.961   1.00 24.24 ? 149  ARG B NH1 1 
ATOM   756  N NH2 . ARG B 1 3  ? 0.267   -5.250  7.484   1.00 21.51 ? 149  ARG B NH2 1 
ATOM   757  N N   . THR B 1 4  ? 6.023   -1.936  9.479   1.00 16.00 ? 150  THR B N   1 
ATOM   758  C CA  . THR B 1 4  ? 6.753   -2.132  8.235   1.00 15.99 ? 150  THR B CA  1 
ATOM   759  C C   . THR B 1 4  ? 5.778   -2.560  7.149   1.00 16.93 ? 150  THR B C   1 
ATOM   760  O O   . THR B 1 4  ? 4.987   -3.510  7.353   1.00 18.18 ? 150  THR B O   1 
ATOM   761  C CB  . THR B 1 4  ? 7.868   -3.144  8.456   1.00 17.17 ? 150  THR B CB  1 
ATOM   762  O OG1 . THR B 1 4  ? 8.758   -2.627  9.476   1.00 18.18 ? 150  THR B OG1 1 
ATOM   763  C CG2 . THR B 1 4  ? 8.655   -3.458  7.187   1.00 19.66 ? 150  THR B CG2 1 
ATOM   764  N N   . VAL B 1 5  ? 5.847   -1.888  6.003   1.00 16.81 ? 151  VAL B N   1 
ATOM   765  C CA  . VAL B 1 5  ? 4.897   -2.097  4.932   1.00 18.01 ? 151  VAL B CA  1 
ATOM   766  C C   . VAL B 1 5  ? 5.658   -2.373  3.632   1.00 18.29 ? 151  VAL B C   1 
ATOM   767  O O   . VAL B 1 5  ? 6.618   -1.673  3.299   1.00 17.91 ? 151  VAL B O   1 
ATOM   768  C CB  . VAL B 1 5  ? 3.973   -0.858  4.744   1.00 18.48 ? 151  VAL B CB  1 
ATOM   769  C CG1 . VAL B 1 5  ? 3.069   -1.039  3.501   1.00 18.89 ? 151  VAL B CG1 1 
ATOM   770  C CG2 . VAL B 1 5  ? 3.147   -0.591  6.034   1.00 20.46 ? 151  VAL B CG2 1 
ATOM   771  N N   . GLU B 1 6  ? 5.218   -3.389  2.878   1.00 17.15 ? 152  GLU B N   1 
ATOM   772  C CA  . GLU B 1 6  ? 5.828   -3.716  1.615   1.00 17.33 ? 152  GLU B CA  1 
ATOM   773  C C   . GLU B 1 6  ? 5.052   -3.060  0.464   1.00 19.74 ? 152  GLU B C   1 
ATOM   774  O O   . GLU B 1 6  ? 3.840   -3.250  0.359   1.00 23.23 ? 152  GLU B O   1 
ATOM   775  C CB  . GLU B 1 6  ? 5.868   -5.231  1.406   1.00 22.34 ? 152  GLU B CB  1 
ATOM   776  C CG  . GLU B 1 6  ? 6.495   -5.666  0.095   1.00 26.17 ? 152  GLU B CG  1 
ATOM   777  C CD  . GLU B 1 6  ? 6.435   -7.170  -0.086  1.00 27.84 ? 152  GLU B CD  1 
ATOM   778  O OE1 . GLU B 1 6  ? 5.527   -7.654  -0.800  1.00 37.23 ? 152  GLU B OE1 1 
ATOM   779  O OE2 . GLU B 1 6  ? 7.276   -7.859  0.515   1.00 35.03 ? 152  GLU B OE2 1 
ATOM   780  N N   . VAL B 1 7  ? 5.784   -2.300  -0.353  1.00 18.16 ? 153  VAL B N   1 
ATOM   781  C CA  . VAL B 1 7  ? 5.294   -1.617  -1.552  1.00 22.04 ? 153  VAL B CA  1 
ATOM   782  C C   . VAL B 1 7  ? 6.101   -2.127  -2.757  1.00 17.91 ? 153  VAL B C   1 
ATOM   783  O O   . VAL B 1 7  ? 7.334   -1.999  -2.787  1.00 22.03 ? 153  VAL B O   1 
ATOM   784  C CB  . VAL B 1 7  ? 5.496   -0.088  -1.427  1.00 20.11 ? 153  VAL B CB  1 
ATOM   785  C CG1 . VAL B 1 7  ? 5.129   0.650   -2.754  1.00 32.13 ? 153  VAL B CG1 1 
ATOM   786  C CG2 . VAL B 1 7  ? 4.651   0.512   -0.303  1.00 26.90 ? 153  VAL B CG2 1 
ATOM   787  N N   . THR B 1 8  ? 5.399   -2.566  -3.808  1.00 20.54 ? 154  THR B N   1 
ATOM   788  C CA  . THR B 1 8  ? 6.052   -2.942  -5.057  1.00 19.75 ? 154  THR B CA  1 
ATOM   789  C C   . THR B 1 8  ? 5.818   -1.841  -6.108  1.00 20.13 ? 154  THR B C   1 
ATOM   790  O O   . THR B 1 8  ? 4.682   -1.462  -6.359  1.00 20.96 ? 154  THR B O   1 
ATOM   791  C CB  . THR B 1 8  ? 5.546   -4.327  -5.600  1.00 22.48 ? 154  THR B CB  1 
ATOM   792  O OG1 . THR B 1 8  ? 5.812   -5.370  -4.638  1.00 22.62 ? 154  THR B OG1 1 
ATOM   793  C CG2 . THR B 1 8  ? 6.208   -4.659  -6.958  1.00 23.05 ? 154  THR B CG2 1 
ATOM   794  N N   . LEU B 1 9  ? 6.904   -1.307  -6.645  1.00 19.19 ? 155  LEU B N   1 
ATOM   795  C CA  . LEU B 1 9  ? 6.849   -0.265  -7.680  1.00 18.64 ? 155  LEU B CA  1 
ATOM   796  C C   . LEU B 1 9  ? 7.477   -0.777  -8.971  1.00 21.48 ? 155  LEU B C   1 
ATOM   797  O O   . LEU B 1 9  ? 8.430   -1.549  -8.976  1.00 17.96 ? 155  LEU B O   1 
ATOM   798  C CB  . LEU B 1 9  ? 7.600   0.993   -7.247  1.00 19.95 ? 155  LEU B CB  1 
ATOM   799  C CG  . LEU B 1 9  ? 7.152   1.714   -5.975  1.00 20.07 ? 155  LEU B CG  1 
ATOM   800  C CD1 . LEU B 1 9  ? 7.951   3.007   -5.790  1.00 20.75 ? 155  LEU B CD1 1 
ATOM   801  C CD2 . LEU B 1 9  ? 5.663   1.971   -5.959  1.00 25.23 ? 155  LEU B CD2 1 
ATOM   802  N N   . HIS B 1 10 ? 6.966   -0.293  -10.090 1.00 22.22 ? 156  HIS B N   1 
ATOM   803  C CA  . HIS B 1 10 ? 7.564   -0.603  -11.377 1.00 19.68 ? 156  HIS B CA  1 
ATOM   804  C C   . HIS B 1 10 ? 8.148   0.697   -11.923 1.00 27.56 ? 156  HIS B C   1 
ATOM   805  O O   . HIS B 1 10 ? 7.416   1.671   -12.098 1.00 22.18 ? 156  HIS B O   1 
ATOM   806  C CB  . HIS B 1 10 ? 6.507   -1.176  -12.329 1.00 28.48 ? 156  HIS B CB  1 
ATOM   807  C CG  . HIS B 1 10 ? 5.798   -2.379  -11.786 1.00 34.51 ? 156  HIS B CG  1 
ATOM   808  N ND1 . HIS B 1 10 ? 6.064   -3.658  -12.226 1.00 36.83 ? 156  HIS B ND1 1 
ATOM   809  C CD2 . HIS B 1 10 ? 4.836   -2.498  -10.836 1.00 33.07 ? 156  HIS B CD2 1 
ATOM   810  C CE1 . HIS B 1 10 ? 5.298   -4.512  -11.565 1.00 48.06 ? 156  HIS B CE1 1 
ATOM   811  N NE2 . HIS B 1 10 ? 4.548   -3.834  -10.713 1.00 35.73 ? 156  HIS B NE2 1 
ATOM   812  N N   . LYS B 1 11 ? 9.465   0.712   -12.137 1.00 24.31 ? 157  LYS B N   1 
ATOM   813  C CA  . LYS B 1 11 ? 10.163  1.923   -12.536 1.00 28.92 ? 157  LYS B CA  1 
ATOM   814  C C   . LYS B 1 11 ? 9.712   2.353   -13.918 1.00 29.16 ? 157  LYS B C   1 
ATOM   815  O O   . LYS B 1 11 ? 9.505   1.521   -14.827 1.00 31.30 ? 157  LYS B O   1 
ATOM   816  C CB  . LYS B 1 11 ? 11.684  1.719   -12.579 1.00 25.42 ? 157  LYS B CB  1 
ATOM   817  C CG  . LYS B 1 11 ? 12.378  1.496   -11.242 1.00 35.85 ? 157  LYS B CG  1 
ATOM   818  C CD  . LYS B 1 11 ? 13.765  0.876   -11.472 1.00 45.38 ? 157  LYS B CD  1 
ATOM   819  C CE  . LYS B 1 11 ? 14.813  1.382   -10.500 1.00 26.10 ? 157  LYS B CE  1 
ATOM   820  N NZ  . LYS B 1 11 ? 16.204  0.918   -10.842 1.00 25.33 ? 157  LYS B NZ  1 
ATOM   821  N N   . GLU B 1 12 ? 9.573   3.667   -14.079 1.00 34.71 ? 158  GLU B N   1 
ATOM   822  C CA  . GLU B 1 12 ? 9.530   4.288   -15.406 1.00 32.45 ? 158  GLU B CA  1 
ATOM   823  C C   . GLU B 1 12 ? 10.915  4.873   -15.643 1.00 32.29 ? 158  GLU B C   1 
ATOM   824  O O   . GLU B 1 12 ? 11.368  5.725   -14.865 1.00 27.74 ? 158  GLU B O   1 
ATOM   825  C CB  . GLU B 1 12 ? 8.515   5.430   -15.446 1.00 39.61 ? 158  GLU B CB  1 
ATOM   826  C CG  . GLU B 1 12 ? 7.085   5.060   -15.139 1.00 26.01 ? 158  GLU B CG  1 
ATOM   827  C CD  . GLU B 1 12 ? 6.155   6.251   -15.346 1.00 37.56 ? 158  GLU B CD  1 
ATOM   828  N N   . GLY B 1 13 ? 11.589  4.411   -16.697 1.00 29.04 ? 159  GLY B N   1 
ATOM   829  C CA  . GLY B 1 13 ? 12.916  4.911   -17.042 1.00 31.76 ? 159  GLY B CA  1 
ATOM   830  C C   . GLY B 1 13 ? 13.896  4.881   -15.885 1.00 33.43 ? 159  GLY B C   1 
ATOM   831  O O   . GLY B 1 13 ? 14.562  5.881   -15.591 1.00 35.46 ? 159  GLY B O   1 
ATOM   832  N N   . ASN B 1 14 ? 13.957  3.735   -15.213 1.00 35.08 ? 160  ASN B N   1 
ATOM   833  C CA  . ASN B 1 14 ? 14.863  3.512   -14.071 1.00 36.40 ? 160  ASN B CA  1 
ATOM   834  C C   . ASN B 1 14 ? 14.721  4.461   -12.858 1.00 32.99 ? 160  ASN B C   1 
ATOM   835  O O   . ASN B 1 14 ? 15.593  4.477   -11.974 1.00 33.95 ? 160  ASN B O   1 
ATOM   836  C CB  . ASN B 1 14 ? 16.328  3.488   -14.547 1.00 38.04 ? 160  ASN B CB  1 
ATOM   837  C CG  . ASN B 1 14 ? 17.220  2.619   -13.656 1.00 34.21 ? 160  ASN B CG  1 
ATOM   838  O OD1 . ASN B 1 14 ? 16.895  1.460   -13.375 1.00 36.71 ? 160  ASN B OD1 1 
ATOM   839  N ND2 . ASN B 1 14 ? 18.351  3.177   -13.215 1.00 28.01 ? 160  ASN B ND2 1 
ATOM   840  N N   . THR B 1 15 ? 13.633  5.230   -12.802 1.00 31.99 ? 161  THR B N   1 
ATOM   841  C CA  . THR B 1 15 ? 13.326  6.078   -11.640 1.00 29.74 ? 161  THR B CA  1 
ATOM   842  C C   . THR B 1 15 ? 12.016  5.621   -10.991 1.00 24.36 ? 161  THR B C   1 
ATOM   843  O O   . THR B 1 15 ? 11.110  5.128   -11.669 1.00 24.87 ? 161  THR B O   1 
ATOM   844  C CB  A THR B 1 15 ? 13.209  7.568   -12.017 0.50 32.34 ? 161  THR B CB  1 
ATOM   845  C CB  B THR B 1 15 ? 13.209  7.565   -12.056 0.50 31.98 ? 161  THR B CB  1 
ATOM   846  O OG1 A THR B 1 15 ? 11.927  7.826   -12.604 0.50 38.39 ? 161  THR B OG1 1 
ATOM   847  O OG1 B THR B 1 15 ? 13.357  8.406   -10.910 0.50 27.12 ? 161  THR B OG1 1 
ATOM   848  C CG2 A THR B 1 15 ? 14.307  7.954   -12.993 0.50 35.18 ? 161  THR B CG2 1 
ATOM   849  C CG2 B THR B 1 15 ? 11.867  7.854   -12.717 0.50 35.82 ? 161  THR B CG2 1 
ATOM   850  N N   . PHE B 1 16 ? 11.910  5.802   -9.680  1.00 19.83 ? 162  PHE B N   1 
ATOM   851  C CA  . PHE B 1 16 ? 10.703  5.475   -8.945  1.00 19.66 ? 162  PHE B CA  1 
ATOM   852  C C   . PHE B 1 16 ? 9.811   6.712   -8.716  1.00 19.07 ? 162  PHE B C   1 
ATOM   853  O O   . PHE B 1 16 ? 8.663   6.560   -8.333  1.00 18.58 ? 162  PHE B O   1 
ATOM   854  C CB  . PHE B 1 16 ? 11.037  4.855   -7.596  1.00 20.76 ? 162  PHE B CB  1 
ATOM   855  C CG  . PHE B 1 16 ? 11.553  3.435   -7.650  1.00 28.34 ? 162  PHE B CG  1 
ATOM   856  C CD1 . PHE B 1 16 ? 10.698  2.379   -7.934  1.00 29.54 ? 162  PHE B CD1 1 
ATOM   857  C CD2 . PHE B 1 16 ? 12.886  3.154   -7.343  1.00 24.64 ? 162  PHE B CD2 1 
ATOM   858  C CE1 . PHE B 1 16 ? 11.168  1.070   -7.956  1.00 34.60 ? 162  PHE B CE1 1 
ATOM   859  C CE2 . PHE B 1 16 ? 13.358  1.851   -7.342  1.00 30.05 ? 162  PHE B CE2 1 
ATOM   860  C CZ  . PHE B 1 16 ? 12.497  0.805   -7.648  1.00 29.52 ? 162  PHE B CZ  1 
ATOM   861  N N   . GLY B 1 17 ? 10.340  7.929   -8.863  1.00 19.07 ? 163  GLY B N   1 
ATOM   862  C CA  . GLY B 1 17 ? 9.536   9.131   -8.694  1.00 19.45 ? 163  GLY B CA  1 
ATOM   863  C C   . GLY B 1 17 ? 9.358   9.518   -7.230  1.00 17.56 ? 163  GLY B C   1 
ATOM   864  O O   . GLY B 1 17 ? 8.272   9.911   -6.804  1.00 19.89 ? 163  GLY B O   1 
ATOM   865  N N   . PHE B 1 18 ? 10.436  9.433   -6.454  1.00 19.05 ? 164  PHE B N   1 
ATOM   866  C CA  . PHE B 1 18 ? 10.450  10.007  -5.127  1.00 17.12 ? 164  PHE B CA  1 
ATOM   867  C C   . PHE B 1 18 ? 11.869  10.504  -4.792  1.00 19.78 ? 164  PHE B C   1 
ATOM   868  O O   . PHE B 1 18 ? 12.834  10.198  -5.513  1.00 17.94 ? 164  PHE B O   1 
ATOM   869  C CB  . PHE B 1 18 ? 9.865   9.067   -4.051  1.00 18.48 ? 164  PHE B CB  1 
ATOM   870  C CG  . PHE B 1 18 ? 10.605  7.750   -3.852  1.00 19.40 ? 164  PHE B CG  1 
ATOM   871  C CD1 . PHE B 1 18 ? 11.717  7.678   -3.037  1.00 18.62 ? 164  PHE B CD1 1 
ATOM   872  C CD2 . PHE B 1 18 ? 10.129  6.587   -4.401  1.00 20.42 ? 164  PHE B CD2 1 
ATOM   873  C CE1 . PHE B 1 18 ? 12.359  6.464   -2.801  1.00 22.58 ? 164  PHE B CE1 1 
ATOM   874  C CE2 . PHE B 1 18 ? 10.785  5.375   -4.202  1.00 19.87 ? 164  PHE B CE2 1 
ATOM   875  C CZ  . PHE B 1 18 ? 11.900  5.316   -3.398  1.00 18.35 ? 164  PHE B CZ  1 
ATOM   876  N N   . VAL B 1 19 ? 11.956  11.333  -3.753  1.00 19.02 ? 165  VAL B N   1 
ATOM   877  C CA  . VAL B 1 19 ? 13.213  11.930  -3.319  1.00 18.94 ? 165  VAL B CA  1 
ATOM   878  C C   . VAL B 1 19 ? 13.556  11.331  -1.978  1.00 19.77 ? 165  VAL B C   1 
ATOM   879  O O   . VAL B 1 19 ? 12.676  11.126  -1.163  1.00 17.75 ? 165  VAL B O   1 
ATOM   880  C CB  . VAL B 1 19 ? 13.102  13.468  -3.167  1.00 19.32 ? 165  VAL B CB  1 
ATOM   881  C CG1 . VAL B 1 19 ? 14.419  14.045  -2.683  1.00 22.23 ? 165  VAL B CG1 1 
ATOM   882  C CG2 . VAL B 1 19 ? 12.670  14.108  -4.492  1.00 17.20 ? 165  VAL B CG2 1 
ATOM   883  N N   . ILE B 1 20 ? 14.836  11.034  -1.775  1.00 17.45 ? 166  ILE B N   1 
ATOM   884  C CA  . ILE B 1 20 ? 15.337  10.558  -0.465  1.00 18.07 ? 166  ILE B CA  1 
ATOM   885  C C   . ILE B 1 20 ? 16.372  11.505  0.118   1.00 20.49 ? 166  ILE B C   1 
ATOM   886  O O   . ILE B 1 20 ? 17.176  12.110  -0.612  1.00 17.98 ? 166  ILE B O   1 
ATOM   887  C CB  . ILE B 1 20 ? 15.968  9.158   -0.529  1.00 18.24 ? 166  ILE B CB  1 
ATOM   888  C CG1 . ILE B 1 20 ? 17.063  9.017   -1.584  1.00 20.43 ? 166  ILE B CG1 1 
ATOM   889  C CG2 . ILE B 1 20 ? 14.870  8.050   -0.714  1.00 18.22 ? 166  ILE B CG2 1 
ATOM   890  C CD1 . ILE B 1 20 ? 18.012  7.893   -1.321  1.00 19.73 ? 166  ILE B CD1 1 
ATOM   891  N N   . ARG B 1 21 ? 16.341  11.617  1.447   1.00 16.92 ? 167  ARG B N   1 
ATOM   892  C CA  . ARG B 1 21 ? 17.493  12.123  2.199   1.00 16.75 ? 167  ARG B CA  1 
ATOM   893  C C   . ARG B 1 21 ? 18.030  11.029  3.109   1.00 18.43 ? 167  ARG B C   1 
ATOM   894  O O   . ARG B 1 21 ? 17.353  10.039  3.392   1.00 17.94 ? 167  ARG B O   1 
ATOM   895  C CB  . ARG B 1 21 ? 17.121  13.385  2.983   1.00 15.39 ? 167  ARG B CB  1 
ATOM   896  C CG  . ARG B 1 21 ? 16.090  13.130  4.086   1.00 19.54 ? 167  ARG B CG  1 
ATOM   897  C CD  . ARG B 1 21 ? 15.772  14.426  4.831   1.00 21.48 ? 167  ARG B CD  1 
ATOM   898  N NE  . ARG B 1 21 ? 14.721  14.280  5.841   1.00 26.36 ? 167  ARG B NE  1 
ATOM   899  C CZ  . ARG B 1 21 ? 14.890  13.659  7.001   1.00 26.65 ? 167  ARG B CZ  1 
ATOM   900  N NH1 . ARG B 1 21 ? 16.058  13.151  7.316   1.00 33.15 ? 167  ARG B NH1 1 
ATOM   901  N NH2 . ARG B 1 21 ? 13.901  13.560  7.875   1.00 23.56 ? 167  ARG B NH2 1 
ATOM   902  N N   . GLY B 1 22 ? 19.265  11.213  3.561   1.00 15.39 ? 168  GLY B N   1 
ATOM   903  C CA  . GLY B 1 22 ? 19.774  10.398  4.639   1.00 17.07 ? 168  GLY B CA  1 
ATOM   904  C C   . GLY B 1 22 ? 20.869  9.485   4.219   1.00 21.87 ? 168  GLY B C   1 
ATOM   905  O O   . GLY B 1 22 ? 21.231  9.445   3.052   1.00 19.34 ? 168  GLY B O   1 
ATOM   906  N N   . GLY B 1 23 ? 21.359  8.735   5.198   1.00 18.04 ? 169  GLY B N   1 
ATOM   907  C CA  . GLY B 1 23 ? 22.415  7.773   4.977   1.00 17.82 ? 169  GLY B CA  1 
ATOM   908  C C   . GLY B 1 23 ? 23.472  7.723   6.056   1.00 20.61 ? 169  GLY B C   1 
ATOM   909  O O   . GLY B 1 23 ? 23.530  8.565   6.953   1.00 18.24 ? 169  GLY B O   1 
ATOM   910  N N   . ALA B 1 24 ? 24.322  6.713   5.967   1.00 18.18 ? 170  ALA B N   1 
ATOM   911  C CA  . ALA B 1 24 ? 25.367  6.490   6.954   1.00 21.60 ? 170  ALA B CA  1 
ATOM   912  C C   . ALA B 1 24 ? 26.491  7.485   6.796   1.00 21.26 ? 170  ALA B C   1 
ATOM   913  O O   . ALA B 1 24 ? 26.745  7.990   5.704   1.00 21.54 ? 170  ALA B O   1 
ATOM   914  C CB  . ALA B 1 24 ? 25.908  5.056   6.860   1.00 24.01 ? 170  ALA B CB  1 
ATOM   915  N N   . HIS B 1 25 ? 27.152  7.775   7.910   1.00 22.38 ? 171  HIS B N   1 
ATOM   916  C CA  . HIS B 1 25 ? 28.290  8.670   7.919   1.00 29.59 ? 171  HIS B CA  1 
ATOM   917  C C   . HIS B 1 25 ? 29.515  7.935   8.454   1.00 31.32 ? 171  HIS B C   1 
ATOM   918  O O   . HIS B 1 25 ? 29.385  6.888   9.096   1.00 28.84 ? 171  HIS B O   1 
ATOM   919  C CB  . HIS B 1 25 ? 27.952  9.904   8.760   1.00 32.37 ? 171  HIS B CB  1 
ATOM   920  C CG  . HIS B 1 25 ? 29.028  10.937  8.755   1.00 46.16 ? 171  HIS B CG  1 
ATOM   921  N ND1 . HIS B 1 25 ? 29.539  11.468  7.591   1.00 60.24 ? 171  HIS B ND1 1 
ATOM   922  C CD2 . HIS B 1 25 ? 29.709  11.519  9.769   1.00 62.32 ? 171  HIS B CD2 1 
ATOM   923  C CE1 . HIS B 1 25 ? 30.486  12.341  7.890   1.00 64.02 ? 171  HIS B CE1 1 
ATOM   924  N NE2 . HIS B 1 25 ? 30.608  12.389  9.205   1.00 53.29 ? 171  HIS B NE2 1 
ATOM   925  N N   . ASP B 1 26 ? 30.697  8.475   8.155   1.00 37.02 ? 172  ASP B N   1 
ATOM   926  C CA  . ASP B 1 26 ? 31.950  7.946   8.686   1.00 41.86 ? 172  ASP B CA  1 
ATOM   927  C C   . ASP B 1 26 ? 31.816  7.750   10.200  1.00 40.30 ? 172  ASP B C   1 
ATOM   928  O O   . ASP B 1 26 ? 32.089  6.661   10.713  1.00 40.38 ? 172  ASP B O   1 
ATOM   929  C CB  . ASP B 1 26 ? 33.118  8.872   8.329   1.00 42.89 ? 172  ASP B CB  1 
ATOM   930  N N   . ASP B 1 27 ? 31.350  8.797   10.887  1.00 41.30 ? 173  ASP B N   1 
ATOM   931  C CA  . ASP B 1 27 ? 30.944  8.718   12.299  1.00 42.74 ? 173  ASP B CA  1 
ATOM   932  C C   . ASP B 1 27 ? 29.560  8.068   12.440  1.00 43.11 ? 173  ASP B C   1 
ATOM   933  O O   . ASP B 1 27 ? 28.537  8.728   12.248  1.00 42.86 ? 173  ASP B O   1 
ATOM   934  C CB  . ASP B 1 27 ? 30.922  10.121  12.923  1.00 45.17 ? 173  ASP B CB  1 
ATOM   935  C CG  . ASP B 1 27 ? 30.752  10.099  14.444  1.00 52.37 ? 173  ASP B CG  1 
ATOM   936  O OD1 . ASP B 1 27 ? 30.694  9.000   15.040  1.00 43.98 ? 173  ASP B OD1 1 
ATOM   937  O OD2 . ASP B 1 27 ? 30.672  11.200  15.040  1.00 53.32 ? 173  ASP B OD2 1 
ATOM   938  N N   . ARG B 1 28 ? 29.549  6.782   12.794  1.00 40.24 ? 174  ARG B N   1 
ATOM   939  C CA  . ARG B 1 28 ? 28.328  5.966   12.855  1.00 42.75 ? 174  ARG B CA  1 
ATOM   940  C C   . ARG B 1 28 ? 27.184  6.560   13.693  1.00 41.66 ? 174  ARG B C   1 
ATOM   941  O O   . ARG B 1 28 ? 26.004  6.367   13.368  1.00 31.93 ? 174  ARG B O   1 
ATOM   942  C CB  . ARG B 1 28 ? 28.670  4.564   13.371  1.00 46.16 ? 174  ARG B CB  1 
ATOM   943  C CG  . ARG B 1 28 ? 27.506  3.584   13.358  1.00 50.86 ? 174  ARG B CG  1 
ATOM   944  C CD  . ARG B 1 28 ? 28.002  2.165   13.559  1.00 62.68 ? 174  ARG B CD  1 
ATOM   945  N NE  . ARG B 1 28 ? 26.947  1.267   14.025  1.00 64.73 ? 174  ARG B NE  1 
ATOM   946  C CZ  . ARG B 1 28 ? 27.142  -0.003  14.379  1.00 71.54 ? 174  ARG B CZ  1 
ATOM   947  N NH1 . ARG B 1 28 ? 28.359  -0.548  14.320  1.00 72.19 ? 174  ARG B NH1 1 
ATOM   948  N NH2 . ARG B 1 28 ? 26.114  -0.734  14.794  1.00 73.83 ? 174  ARG B NH2 1 
ATOM   949  N N   . ASN B 1 29 ? 27.524  7.280   14.764  1.00 42.07 ? 175  ASN B N   1 
ATOM   950  C CA  . ASN B 1 29 ? 26.506  7.946   15.591  1.00 41.96 ? 175  ASN B CA  1 
ATOM   951  C C   . ASN B 1 29 ? 25.794  9.075   14.822  1.00 36.59 ? 175  ASN B C   1 
ATOM   952  O O   . ASN B 1 29 ? 24.650  9.422   15.130  1.00 42.06 ? 175  ASN B O   1 
ATOM   953  C CB  . ASN B 1 29 ? 27.123  8.473   16.894  1.00 40.74 ? 175  ASN B CB  1 
ATOM   954  C CG  . ASN B 1 29 ? 27.566  7.358   17.828  1.00 42.79 ? 175  ASN B CG  1 
ATOM   955  N N   . LYS B 1 30 ? 26.472  9.610   13.804  1.00 27.45 ? 176  LYS B N   1 
ATOM   956  C CA  . LYS B 1 30 ? 25.958  10.726  12.994  1.00 33.63 ? 176  LYS B CA  1 
ATOM   957  C C   . LYS B 1 30 ? 25.252  10.283  11.691  1.00 28.79 ? 176  LYS B C   1 
ATOM   958  O O   . LYS B 1 30 ? 24.836  11.102  10.876  1.00 23.63 ? 176  LYS B O   1 
ATOM   959  C CB  . LYS B 1 30 ? 27.091  11.677  12.652  1.00 33.60 ? 176  LYS B CB  1 
ATOM   960  C CG  . LYS B 1 30 ? 27.917  12.090  13.854  1.00 40.15 ? 176  LYS B CG  1 
ATOM   961  N N   . SER B 1 31 ? 25.131  8.980   11.511  1.00 28.47 ? 177  SER B N   1 
ATOM   962  C CA  . SER B 1 31 ? 24.327  8.439   10.440  1.00 19.93 ? 177  SER B CA  1 
ATOM   963  C C   . SER B 1 31 ? 22.880  8.869   10.628  1.00 20.58 ? 177  SER B C   1 
ATOM   964  O O   . SER B 1 31 ? 22.436  8.949   11.765  1.00 20.88 ? 177  SER B O   1 
ATOM   965  C CB  . SER B 1 31 ? 24.468  6.931   10.486  1.00 21.79 ? 177  SER B CB  1 
ATOM   966  O OG  . SER B 1 31 ? 25.842  6.632   10.280  1.00 25.01 ? 177  SER B OG  1 
ATOM   967  N N   . ARG B 1 32 ? 22.147  9.124   9.536   1.00 15.62 ? 178  ARG B N   1 
ATOM   968  C CA  . ARG B 1 32 ? 20.719  9.399   9.638   1.00 15.70 ? 178  ARG B CA  1 
ATOM   969  C C   . ARG B 1 32 ? 19.927  8.465   8.773   1.00 18.96 ? 178  ARG B C   1 
ATOM   970  O O   . ARG B 1 32 ? 20.431  7.992   7.741   1.00 15.96 ? 178  ARG B O   1 
ATOM   971  C CB  . ARG B 1 32 ? 20.409  10.826  9.215   1.00 16.54 ? 178  ARG B CB  1 
ATOM   972  C CG  . ARG B 1 32 ? 21.151  11.884  10.043  1.00 18.50 ? 178  ARG B CG  1 
ATOM   973  C CD  . ARG B 1 32 ? 20.959  13.281  9.506   1.00 18.38 ? 178  ARG B CD  1 
ATOM   974  N NE  . ARG B 1 32 ? 21.984  14.260  9.872   1.00 15.43 ? 178  ARG B NE  1 
ATOM   975  C CZ  . ARG B 1 32 ? 21.815  15.293  10.719  1.00 14.22 ? 178  ARG B CZ  1 
ATOM   976  N NH1 . ARG B 1 32 ? 20.636  15.503  11.330  1.00 15.46 ? 178  ARG B NH1 1 
ATOM   977  N NH2 . ARG B 1 32 ? 22.793  16.100  10.918  1.00 16.58 ? 178  ARG B NH2 1 
ATOM   978  N N   . PRO B 1 33 ? 18.686  8.178   9.172   1.00 18.35 ? 179  PRO B N   1 
ATOM   979  C CA  . PRO B 1 33 ? 17.847  7.269   8.443   1.00 19.32 ? 179  PRO B CA  1 
ATOM   980  C C   . PRO B 1 33 ? 17.590  7.772   7.042   1.00 16.92 ? 179  PRO B C   1 
ATOM   981  O O   . PRO B 1 33 ? 17.534  8.997   6.789   1.00 16.00 ? 179  PRO B O   1 
ATOM   982  C CB  . PRO B 1 33 ? 16.526  7.278   9.237   1.00 23.64 ? 179  PRO B CB  1 
ATOM   983  C CG  . PRO B 1 33 ? 16.919  7.603   10.580  1.00 29.84 ? 179  PRO B CG  1 
ATOM   984  C CD  . PRO B 1 33 ? 18.002  8.625   10.407  1.00 22.85 ? 179  PRO B CD  1 
ATOM   985  N N   . VAL B 1 34 ? 17.388  6.821   6.134   1.00 17.70 ? 180  VAL B N   1 
ATOM   986  C CA  . VAL B 1 34 ? 16.933  7.170   4.780   1.00 17.48 ? 180  VAL B CA  1 
ATOM   987  C C   . VAL B 1 34 ? 15.427  7.439   4.810   1.00 18.52 ? 180  VAL B C   1 
ATOM   988  O O   . VAL B 1 34 ? 14.639  6.574   5.200   1.00 17.33 ? 180  VAL B O   1 
ATOM   989  C CB  . VAL B 1 34 ? 17.284  6.067   3.782   1.00 18.28 ? 180  VAL B CB  1 
ATOM   990  C CG1 . VAL B 1 34 ? 16.812  6.468   2.387   1.00 21.22 ? 180  VAL B CG1 1 
ATOM   991  C CG2 . VAL B 1 34 ? 18.786  5.751   3.799   1.00 18.75 ? 180  VAL B CG2 1 
ATOM   992  N N   . VAL B 1 35 ? 15.048  8.664   4.470   1.00 17.84 ? 181  VAL B N   1 
ATOM   993  C CA  . VAL B 1 35 ? 13.664  9.143   4.577   1.00 17.28 ? 181  VAL B CA  1 
ATOM   994  C C   . VAL B 1 35 ? 13.221  9.700   3.205   1.00 18.99 ? 181  VAL B C   1 
ATOM   995  O O   . VAL B 1 35 ? 13.984  10.429  2.531   1.00 19.33 ? 181  VAL B O   1 
ATOM   996  C CB  . VAL B 1 35 ? 13.576  10.246  5.630   1.00 18.67 ? 181  VAL B CB  1 
ATOM   997  C CG1 . VAL B 1 35 ? 12.218  10.886  5.687   1.00 20.54 ? 181  VAL B CG1 1 
ATOM   998  C CG2 . VAL B 1 35 ? 13.899  9.623   6.987   1.00 19.59 ? 181  VAL B CG2 1 
ATOM   999  N N   . ILE B 1 36 ? 11.982  9.368   2.826   1.00 19.62 ? 182  ILE B N   1 
ATOM   1000 C CA  . ILE B 1 36 ? 11.388  9.878   1.595   1.00 17.99 ? 182  ILE B CA  1 
ATOM   1001 C C   . ILE B 1 36 ? 10.825  11.274  1.869   1.00 20.01 ? 182  ILE B C   1 
ATOM   1002 O O   . ILE B 1 36 ? 10.080  11.462  2.831   1.00 23.89 ? 182  ILE B O   1 
ATOM   1003 C CB  . ILE B 1 36 ? 10.267  8.905   1.109   1.00 21.54 ? 182  ILE B CB  1 
ATOM   1004 C CG1 . ILE B 1 36 ? 10.920  7.555   0.736   1.00 21.14 ? 182  ILE B CG1 1 
ATOM   1005 C CG2 . ILE B 1 36 ? 9.542   9.537   -0.053  1.00 20.58 ? 182  ILE B CG2 1 
ATOM   1006 C CD1 . ILE B 1 36 ? 10.009  6.348   0.363   1.00 25.28 ? 182  ILE B CD1 1 
ATOM   1007 N N   . THR B 1 37 ? 11.211  12.276  1.055   1.00 17.70 ? 183  THR B N   1 
ATOM   1008 C CA  . THR B 1 37 ? 10.928  13.672  1.344   1.00 20.55 ? 183  THR B CA  1 
ATOM   1009 C C   . THR B 1 37 ? 9.894   14.274  0.395   1.00 23.72 ? 183  THR B C   1 
ATOM   1010 O O   . THR B 1 37 ? 9.337   15.327  0.679   1.00 22.16 ? 183  THR B O   1 
ATOM   1011 C CB  . THR B 1 37 ? 12.200  14.527  1.279   1.00 22.24 ? 183  THR B CB  1 
ATOM   1012 O OG1 . THR B 1 37 ? 12.677  14.562  -0.065  1.00 23.23 ? 183  THR B OG1 1 
ATOM   1013 C CG2 . THR B 1 37 ? 13.300  13.987  2.204   1.00 23.89 ? 183  THR B CG2 1 
ATOM   1014 N N   . SER B 1 38 ? 9.605   13.570  -0.702  1.00 20.06 ? 184  SER B N   1 
ATOM   1015 C CA  . SER B 1 38 ? 8.701   14.067  -1.723  1.00 18.32 ? 184  SER B CA  1 
ATOM   1016 C C   . SER B 1 38 ? 8.364   12.961  -2.724  1.00 15.17 ? 184  SER B C   1 
ATOM   1017 O O   . SER B 1 38 ? 9.147   12.019  -2.934  1.00 15.55 ? 184  SER B O   1 
ATOM   1018 C CB  . SER B 1 38 ? 9.272   15.296  -2.429  1.00 18.99 ? 184  SER B CB  1 
ATOM   1019 O OG  . SER B 1 38 ? 8.378   15.824  -3.394  1.00 18.16 ? 184  SER B OG  1 
ATOM   1020 N N   . VAL B 1 39 ? 7.167   13.069  -3.304  1.00 16.61 ? 185  VAL B N   1 
ATOM   1021 C CA  . VAL B 1 39 ? 6.699   12.074  -4.272  1.00 17.50 ? 185  VAL B CA  1 
ATOM   1022 C C   . VAL B 1 39 ? 6.280   12.832  -5.496  1.00 18.82 ? 185  VAL B C   1 
ATOM   1023 O O   . VAL B 1 39 ? 5.476   13.702  -5.382  1.00 19.86 ? 185  VAL B O   1 
ATOM   1024 C CB  . VAL B 1 39 ? 5.566   11.280  -3.682  1.00 17.65 ? 185  VAL B CB  1 
ATOM   1025 C CG1 . VAL B 1 39 ? 4.921   10.361  -4.738  1.00 19.73 ? 185  VAL B CG1 1 
ATOM   1026 C CG2 . VAL B 1 39 ? 6.107   10.493  -2.487  1.00 19.51 ? 185  VAL B CG2 1 
ATOM   1027 N N   . ARG B 1 40 ? 6.837   12.479  -6.646  1.00 17.15 ? 186  ARG B N   1 
ATOM   1028 C CA  . ARG B 1 40 ? 6.580   13.180  -7.907  1.00 20.73 ? 186  ARG B CA  1 
ATOM   1029 C C   . ARG B 1 40 ? 5.192   12.822  -8.444  1.00 20.22 ? 186  ARG B C   1 
ATOM   1030 O O   . ARG B 1 40 ? 4.923   11.639  -8.671  1.00 17.24 ? 186  ARG B O   1 
ATOM   1031 C CB  . ARG B 1 40 ? 7.634   12.758  -8.947  1.00 20.81 ? 186  ARG B CB  1 
ATOM   1032 C CG  . ARG B 1 40 ? 7.600   13.503  -10.274 1.00 29.81 ? 186  ARG B CG  1 
ATOM   1033 C CD  A ARG B 1 40 ? 8.790   13.027  -11.147 0.50 30.77 ? 186  ARG B CD  1 
ATOM   1034 C CD  B ARG B 1 40 ? 8.753   13.167  -11.206 0.50 29.98 ? 186  ARG B CD  1 
ATOM   1035 N NE  A ARG B 1 40 ? 8.589   11.681  -11.712 0.50 28.44 ? 186  ARG B NE  1 
ATOM   1036 N NE  B ARG B 1 40 ? 8.784   11.786  -11.686 0.50 23.49 ? 186  ARG B NE  1 
ATOM   1037 C CZ  A ARG B 1 40 ? 9.548   10.778  -11.965 0.50 16.93 ? 186  ARG B CZ  1 
ATOM   1038 C CZ  B ARG B 1 40 ? 7.885   11.218  -12.490 0.50 12.74 ? 186  ARG B CZ  1 
ATOM   1039 N NH1 A ARG B 1 40 ? 10.829  11.015  -11.706 0.50 20.31 ? 186  ARG B NH1 1 
ATOM   1040 N NH1 B ARG B 1 40 ? 6.800   11.867  -12.914 0.50 17.53 ? 186  ARG B NH1 1 
ATOM   1041 N NH2 A ARG B 1 40 ? 9.216   9.602   -12.484 0.50 25.33 ? 186  ARG B NH2 1 
ATOM   1042 N NH2 B ARG B 1 40 ? 8.063   9.954   -12.861 0.50 32.63 ? 186  ARG B NH2 1 
ATOM   1043 N N   . PRO B 1 41 ? 4.307   13.826  -8.662  1.00 19.35 ? 187  PRO B N   1 
ATOM   1044 C CA  . PRO B 1 41 ? 3.006   13.497  -9.192  1.00 18.37 ? 187  PRO B CA  1 
ATOM   1045 C C   . PRO B 1 41 ? 3.089   12.725  -10.510 1.00 16.29 ? 187  PRO B C   1 
ATOM   1046 O O   . PRO B 1 41 ? 3.886   13.054  -11.401 1.00 19.06 ? 187  PRO B O   1 
ATOM   1047 C CB  . PRO B 1 41 ? 2.329   14.884  -9.395  1.00 17.66 ? 187  PRO B CB  1 
ATOM   1048 C CG  . PRO B 1 41 ? 3.045   15.773  -8.437  1.00 26.45 ? 187  PRO B CG  1 
ATOM   1049 C CD  . PRO B 1 41 ? 4.442   15.268  -8.391  1.00 19.67 ? 187  PRO B CD  1 
ATOM   1050 N N   . GLY B 1 42 ? 2.251   11.694  -10.610 1.00 19.87 ? 188  GLY B N   1 
ATOM   1051 C CA  . GLY B 1 42 ? 2.173   10.858  -11.803 1.00 20.04 ? 188  GLY B CA  1 
ATOM   1052 C C   . GLY B 1 42 ? 3.277   9.821   -11.957 1.00 21.40 ? 188  GLY B C   1 
ATOM   1053 O O   . GLY B 1 42 ? 3.261   9.046   -12.910 1.00 22.25 ? 188  GLY B O   1 
ATOM   1054 N N   . GLY B 1 43 ? 4.246   9.822   -11.045 1.00 16.36 ? 189  GLY B N   1 
ATOM   1055 C CA  . GLY B 1 43 ? 5.336   8.856   -11.076 1.00 18.29 ? 189  GLY B CA  1 
ATOM   1056 C C   . GLY B 1 43 ? 4.909   7.515   -10.488 1.00 19.06 ? 189  GLY B C   1 
ATOM   1057 O O   . GLY B 1 43 ? 3.788   7.390   -9.946  1.00 17.51 ? 189  GLY B O   1 
ATOM   1058 N N   . PRO B 1 44 ? 5.798   6.502   -10.583 1.00 15.22 ? 190  PRO B N   1 
ATOM   1059 C CA  . PRO B 1 44 ? 5.507   5.178   -10.044 1.00 15.58 ? 190  PRO B CA  1 
ATOM   1060 C C   . PRO B 1 44 ? 5.039   5.175   -8.596  1.00 17.32 ? 190  PRO B C   1 
ATOM   1061 O O   . PRO B 1 44 ? 4.046   4.512   -8.260  1.00 17.07 ? 190  PRO B O   1 
ATOM   1062 C CB  . PRO B 1 44 ? 6.865   4.459   -10.156 1.00 19.65 ? 190  PRO B CB  1 
ATOM   1063 C CG  . PRO B 1 44 ? 7.470   5.043   -11.360 1.00 14.68 ? 190  PRO B CG  1 
ATOM   1064 C CD  . PRO B 1 44 ? 7.084   6.509   -11.310 1.00 15.46 ? 190  PRO B CD  1 
ATOM   1065 N N   . ALA B 1 45 ? 5.735   5.926   -7.754  1.00 16.42 ? 191  ALA B N   1 
ATOM   1066 C CA  . ALA B 1 45 ? 5.386   5.971   -6.359  1.00 14.27 ? 191  ALA B CA  1 
ATOM   1067 C C   . ALA B 1 45 ? 4.019   6.637   -6.144  1.00 16.51 ? 191  ALA B C   1 
ATOM   1068 O O   . ALA B 1 45 ? 3.226   6.170   -5.333  1.00 17.04 ? 191  ALA B O   1 
ATOM   1069 C CB  . ALA B 1 45 ? 6.499   6.668   -5.497  1.00 16.48 ? 191  ALA B CB  1 
ATOM   1070 N N   . ASP B 1 46 ? 3.779   7.747   -6.844  1.00 15.92 ? 192  ASP B N   1 
ATOM   1071 C CA  . ASP B 1 46 ? 2.477   8.409   -6.778  1.00 18.07 ? 192  ASP B CA  1 
ATOM   1072 C C   . ASP B 1 46 ? 1.384   7.460   -7.237  1.00 15.08 ? 192  ASP B C   1 
ATOM   1073 O O   . ASP B 1 46 ? 0.317   7.377   -6.616  1.00 19.20 ? 192  ASP B O   1 
ATOM   1074 C CB  . ASP B 1 46 ? 2.467   9.715   -7.568  1.00 18.39 ? 192  ASP B CB  1 
ATOM   1075 C CG  . ASP B 1 46 ? 1.195   10.540  -7.353  1.00 18.35 ? 192  ASP B CG  1 
ATOM   1076 O OD1 . ASP B 1 46 ? 0.760   10.655  -6.188  1.00 24.41 ? 192  ASP B OD1 1 
ATOM   1077 O OD2 . ASP B 1 46 ? 0.640   11.058  -8.347  1.00 24.14 ? 192  ASP B OD2 1 
ATOM   1078 N N   . ARG B 1 47 ? 1.622   6.780   -8.342  1.00 17.81 ? 193  ARG B N   1 
ATOM   1079 C CA  . ARG B 1 47 ? 0.585   5.864   -8.893  1.00 15.70 ? 193  ARG B CA  1 
ATOM   1080 C C   . ARG B 1 47 ? 0.207   4.718   -7.950  1.00 16.87 ? 193  ARG B C   1 
ATOM   1081 O O   . ARG B 1 47 ? -0.972  4.334   -7.886  1.00 20.43 ? 193  ARG B O   1 
ATOM   1082 C CB  . ARG B 1 47 ? 1.019   5.332   -10.271 1.00 18.25 ? 193  ARG B CB  1 
ATOM   1083 C CG  . ARG B 1 47 ? 0.802   6.383   -11.374 1.00 22.45 ? 193  ARG B CG  1 
ATOM   1084 C CD  . ARG B 1 47 ? 1.112   5.910   -12.799 1.00 29.79 ? 193  ARG B CD  1 
ATOM   1085 N NE  . ARG B 1 47 ? 2.556   5.811   -13.046 1.00 32.62 ? 193  ARG B NE  1 
ATOM   1086 C CZ  . ARG B 1 47 ? 3.246   4.673   -13.144 1.00 34.80 ? 193  ARG B CZ  1 
ATOM   1087 N NH1 . ARG B 1 47 ? 2.653   3.489   -13.035 1.00 54.27 ? 193  ARG B NH1 1 
ATOM   1088 N NH2 . ARG B 1 47 ? 4.550   4.719   -13.358 1.00 38.20 ? 193  ARG B NH2 1 
ATOM   1089 N N   . GLU B 1 48 ? 1.177   4.151   -7.261  1.00 16.67 ? 194  GLU B N   1 
ATOM   1090 C CA  . GLU B 1 48 ? 0.884   3.090   -6.311  1.00 18.67 ? 194  GLU B CA  1 
ATOM   1091 C C   . GLU B 1 48 ? 0.190   3.640   -5.054  1.00 17.66 ? 194  GLU B C   1 
ATOM   1092 O O   . GLU B 1 48 ? -0.697  3.000   -4.487  1.00 24.27 ? 194  GLU B O   1 
ATOM   1093 C CB  . GLU B 1 48 ? 2.139   2.278   -6.027  1.00 19.56 ? 194  GLU B CB  1 
ATOM   1094 C CG  . GLU B 1 48 ? 1.905   1.023   -5.196  1.00 21.76 ? 194  GLU B CG  1 
ATOM   1095 C CD  . GLU B 1 48 ? 1.736   1.315   -3.719  1.00 29.73 ? 194  GLU B CD  1 
ATOM   1096 O OE1 . GLU B 1 48 ? 2.203   2.357   -3.263  1.00 20.16 ? 194  GLU B OE1 1 
ATOM   1097 O OE2 . GLU B 1 48 ? 1.143   0.502   -2.991  1.00 27.68 ? 194  GLU B OE2 1 
ATOM   1098 N N   . GLY B 1 49 ? 0.571   4.856   -4.652  1.00 20.00 ? 195  GLY B N   1 
ATOM   1099 C CA  . GLY B 1 49 ? -0.190  5.686   -3.727  1.00 18.86 ? 195  GLY B CA  1 
ATOM   1100 C C   . GLY B 1 49 ? 0.136   5.573   -2.244  1.00 19.53 ? 195  GLY B C   1 
ATOM   1101 O O   . GLY B 1 49 ? -0.335  6.390   -1.465  1.00 22.73 ? 195  GLY B O   1 
ATOM   1102 N N   . THR B 1 50 ? 0.958   4.588   -1.846  1.00 18.95 ? 196  THR B N   1 
ATOM   1103 C CA  . THR B 1 50 ? 1.209   4.356   -0.412  1.00 19.57 ? 196  THR B CA  1 
ATOM   1104 C C   . THR B 1 50 ? 2.207   5.318   0.161   1.00 20.74 ? 196  THR B C   1 
ATOM   1105 O O   . THR B 1 50 ? 1.990   5.849   1.240   1.00 22.58 ? 196  THR B O   1 
ATOM   1106 C CB  . THR B 1 50 ? 1.725   2.941   -0.134  1.00 18.50 ? 196  THR B CB  1 
ATOM   1107 O OG1 . THR B 1 50 ? 0.778   1.999   -0.686  1.00 21.54 ? 196  THR B OG1 1 
ATOM   1108 C CG2 . THR B 1 50 ? 1.934   2.682   1.374   1.00 20.94 ? 196  THR B CG2 1 
ATOM   1109 N N   . ILE B 1 51 ? 3.337   5.452   -0.543  1.00 19.62 ? 197  ILE B N   1 
ATOM   1110 C CA  . ILE B 1 51 ? 4.509   6.196   -0.048  1.00 19.72 ? 197  ILE B CA  1 
ATOM   1111 C C   . ILE B 1 51 ? 4.154   7.676   0.097   1.00 19.95 ? 197  ILE B C   1 
ATOM   1112 O O   . ILE B 1 51 ? 3.546   8.272   -0.793  1.00 19.34 ? 197  ILE B O   1 
ATOM   1113 C CB  . ILE B 1 51 ? 5.727   6.051   -1.026  1.00 20.62 ? 197  ILE B CB  1 
ATOM   1114 C CG1 . ILE B 1 51 ? 6.276   4.631   -0.951  1.00 21.33 ? 197  ILE B CG1 1 
ATOM   1115 C CG2 . ILE B 1 51 ? 6.827   7.126   -0.712  1.00 19.83 ? 197  ILE B CG2 1 
ATOM   1116 C CD1 . ILE B 1 51 ? 7.259   4.231   -2.019  1.00 21.69 ? 197  ILE B CD1 1 
ATOM   1117 N N   . LYS B 1 52 ? 4.571   8.264   1.214   1.00 18.95 ? 198  LYS B N   1 
ATOM   1118 C CA  . LYS B 1 52 ? 4.329   9.666   1.535   1.00 17.59 ? 198  LYS B CA  1 
ATOM   1119 C C   . LYS B 1 52 ? 5.591   10.262  2.132   1.00 19.19 ? 198  LYS B C   1 
ATOM   1120 O O   . LYS B 1 52 ? 6.380   9.554   2.736   1.00 18.54 ? 198  LYS B O   1 
ATOM   1121 C CB  . LYS B 1 52 ? 3.181   9.797   2.542   1.00 18.90 ? 198  LYS B CB  1 
ATOM   1122 C CG  . LYS B 1 52 ? 1.814   9.323   2.057   1.00 19.37 ? 198  LYS B CG  1 
ATOM   1123 C CD  . LYS B 1 52 ? 1.174   10.176  0.971   1.00 20.99 ? 198  LYS B CD  1 
ATOM   1124 C CE  . LYS B 1 52 ? 0.210   9.375   0.119   1.00 29.24 ? 198  LYS B CE  1 
ATOM   1125 N NZ  . LYS B 1 52 ? -0.537  10.251  -0.880  1.00 24.57 ? 198  LYS B NZ  1 
ATOM   1126 N N   . PRO B 1 53 ? 5.766   11.582  1.967   1.00 18.12 ? 199  PRO B N   1 
ATOM   1127 C CA  . PRO B 1 53 ? 6.863   12.249  2.631   1.00 18.76 ? 199  PRO B CA  1 
ATOM   1128 C C   . PRO B 1 53 ? 6.883   11.944  4.116   1.00 20.58 ? 199  PRO B C   1 
ATOM   1129 O O   . PRO B 1 53 ? 5.833   11.949  4.782   1.00 20.80 ? 199  PRO B O   1 
ATOM   1130 C CB  . PRO B 1 53 ? 6.557   13.719  2.388   1.00 20.85 ? 199  PRO B CB  1 
ATOM   1131 C CG  . PRO B 1 53 ? 5.760   13.744  1.141   1.00 23.38 ? 199  PRO B CG  1 
ATOM   1132 C CD  . PRO B 1 53 ? 4.956   12.499  1.148   1.00 19.42 ? 199  PRO B CD  1 
ATOM   1133 N N   . GLY B 1 54 ? 8.072   11.603  4.588   1.00 19.20 ? 200  GLY B N   1 
ATOM   1134 C CA  . GLY B 1 54 ? 8.304   11.264  5.970   1.00 18.35 ? 200  GLY B CA  1 
ATOM   1135 C C   . GLY B 1 54 ? 8.486   9.790   6.224   1.00 21.56 ? 200  GLY B C   1 
ATOM   1136 O O   . GLY B 1 54 ? 8.933   9.383   7.314   1.00 22.31 ? 200  GLY B O   1 
ATOM   1137 N N   . ASP B 1 55 ? 8.094   8.954   5.267   1.00 17.06 ? 201  ASP B N   1 
ATOM   1138 C CA  . ASP B 1 55 ? 8.186   7.509   5.409   1.00 18.49 ? 201  ASP B CA  1 
ATOM   1139 C C   . ASP B 1 55 ? 9.660   7.124   5.418   1.00 18.56 ? 201  ASP B C   1 
ATOM   1140 O O   . ASP B 1 55 ? 10.438  7.647   4.635   1.00 19.04 ? 201  ASP B O   1 
ATOM   1141 C CB  . ASP B 1 55 ? 7.422   6.780   4.268   1.00 17.77 ? 201  ASP B CB  1 
ATOM   1142 C CG  . ASP B 1 55 ? 5.891   6.939   4.356   1.00 17.04 ? 201  ASP B CG  1 
ATOM   1143 O OD1 . ASP B 1 55 ? 5.417   7.506   5.372   1.00 20.97 ? 201  ASP B OD1 1 
ATOM   1144 O OD2 . ASP B 1 55 ? 5.208   6.509   3.405   1.00 19.85 ? 201  ASP B OD2 1 
ATOM   1145 N N   . ARG B 1 56 ? 10.028  6.149   6.257   1.00 19.29 ? 202  ARG B N   1 
ATOM   1146 C CA  . ARG B 1 56 ? 11.399  5.668   6.386   1.00 19.27 ? 202  ARG B CA  1 
ATOM   1147 C C   . ARG B 1 56 ? 11.552  4.544   5.383   1.00 21.37 ? 202  ARG B C   1 
ATOM   1148 O O   . ARG B 1 56 ? 10.679  3.693   5.301   1.00 20.87 ? 202  ARG B O   1 
ATOM   1149 C CB  . ARG B 1 56 ? 11.687  5.099   7.772   1.00 21.16 ? 202  ARG B CB  1 
ATOM   1150 C CG  . ARG B 1 56 ? 13.214  4.876   8.019   1.00 28.22 ? 202  ARG B CG  1 
ATOM   1151 C CD  . ARG B 1 56 ? 13.616  4.652   9.499   1.00 33.25 ? 202  ARG B CD  1 
ATOM   1152 N NE  . ARG B 1 56 ? 13.105  5.686   10.411  1.00 33.69 ? 202  ARG B NE  1 
ATOM   1153 C CZ  . ARG B 1 56 ? 13.453  5.799   11.689  1.00 46.50 ? 202  ARG B CZ  1 
ATOM   1154 N NH1 . ARG B 1 56 ? 14.330  4.954   12.232  1.00 51.51 ? 202  ARG B NH1 1 
ATOM   1155 N NH2 . ARG B 1 56 ? 12.920  6.767   12.430  1.00 43.95 ? 202  ARG B NH2 1 
ATOM   1156 N N   . LEU B 1 57 ? 12.641  4.539   4.615   1.00 18.47 ? 203  LEU B N   1 
ATOM   1157 C CA  . LEU B 1 57 ? 12.896  3.476   3.634   1.00 17.42 ? 203  LEU B CA  1 
ATOM   1158 C C   . LEU B 1 57 ? 13.887  2.480   4.237   1.00 17.86 ? 203  LEU B C   1 
ATOM   1159 O O   . LEU B 1 57 ? 15.030  2.841   4.506   1.00 18.78 ? 203  LEU B O   1 
ATOM   1160 C CB  . LEU B 1 57 ? 13.438  4.046   2.311   1.00 17.61 ? 203  LEU B CB  1 
ATOM   1161 C CG  . LEU B 1 57 ? 13.759  3.050   1.210   1.00 18.43 ? 203  LEU B CG  1 
ATOM   1162 C CD1 . LEU B 1 57 ? 12.489  2.259   0.861   1.00 16.82 ? 203  LEU B CD1 1 
ATOM   1163 C CD2 . LEU B 1 57 ? 14.289  3.796   -0.006  1.00 21.57 ? 203  LEU B CD2 1 
ATOM   1164 N N   . LEU B 1 58 ? 13.440  1.241   4.475   1.00 17.07 ? 204  LEU B N   1 
ATOM   1165 C CA  . LEU B 1 58 ? 14.259  0.244   5.158   1.00 16.16 ? 204  LEU B CA  1 
ATOM   1166 C C   . LEU B 1 58 ? 15.013  -0.701  4.234   1.00 15.86 ? 204  LEU B C   1 
ATOM   1167 O O   . LEU B 1 58 ? 16.117  -1.124  4.531   1.00 15.79 ? 204  LEU B O   1 
ATOM   1168 C CB  . LEU B 1 58 ? 13.385  -0.609  6.096   1.00 15.88 ? 204  LEU B CB  1 
ATOM   1169 C CG  . LEU B 1 58 ? 12.528  0.110   7.133   1.00 18.42 ? 204  LEU B CG  1 
ATOM   1170 C CD1 . LEU B 1 58 ? 11.728  -0.870  7.994   1.00 20.93 ? 204  LEU B CD1 1 
ATOM   1171 C CD2 . LEU B 1 58 ? 13.467  0.874   8.020   1.00 23.06 ? 204  LEU B CD2 1 
ATOM   1172 N N   . SER B 1 59 ? 14.381  -1.080  3.130   1.00 16.62 ? 205  SER B N   1 
ATOM   1173 C CA  . SER B 1 59 ? 14.951  -2.095  2.248   1.00 15.56 ? 205  SER B CA  1 
ATOM   1174 C C   . SER B 1 59 ? 14.486  -1.891  0.820   1.00 16.81 ? 205  SER B C   1 
ATOM   1175 O O   . SER B 1 59 ? 13.382  -1.409  0.593   1.00 17.58 ? 205  SER B O   1 
ATOM   1176 C CB  . SER B 1 59 ? 14.492  -3.465  2.745   1.00 16.43 ? 205  SER B CB  1 
ATOM   1177 O OG  . SER B 1 59 ? 14.978  -4.514  1.961   1.00 24.36 ? 205  SER B OG  1 
ATOM   1178 N N   . VAL B 1 60 ? 15.353  -2.252  -0.123  1.00 18.77 ? 206  VAL B N   1 
ATOM   1179 C CA  . VAL B 1 60 ? 15.069  -2.160  -1.560  1.00 19.26 ? 206  VAL B CA  1 
ATOM   1180 C C   . VAL B 1 60 ? 15.449  -3.505  -2.187  1.00 18.89 ? 206  VAL B C   1 
ATOM   1181 O O   . VAL B 1 60 ? 16.628  -3.883  -2.195  1.00 15.92 ? 206  VAL B O   1 
ATOM   1182 C CB  . VAL B 1 60 ? 15.929  -1.079  -2.204  1.00 17.82 ? 206  VAL B CB  1 
ATOM   1183 C CG1 . VAL B 1 60 ? 15.668  -0.998  -3.778  1.00 17.84 ? 206  VAL B CG1 1 
ATOM   1184 C CG2 . VAL B 1 60 ? 15.717  0.241   -1.521  1.00 17.41 ? 206  VAL B CG2 1 
ATOM   1185 N N   . ASP B 1 61 ? 14.473  -4.240  -2.702  1.00 17.25 ? 207  ASP B N   1 
ATOM   1186 C CA  . ASP B 1 61 ? 14.755  -5.534  -3.325  1.00 23.74 ? 207  ASP B CA  1 
ATOM   1187 C C   . ASP B 1 61 ? 15.413  -6.523  -2.364  1.00 23.43 ? 207  ASP B C   1 
ATOM   1188 O O   . ASP B 1 61 ? 16.251  -7.337  -2.766  1.00 24.16 ? 207  ASP B O   1 
ATOM   1189 C CB  . ASP B 1 61 ? 15.687  -5.346  -4.551  1.00 25.42 ? 207  ASP B CB  1 
ATOM   1190 C CG  . ASP B 1 61 ? 14.962  -5.481  -5.858  1.00 44.26 ? 207  ASP B CG  1 
ATOM   1191 O OD1 . ASP B 1 61 ? 13.770  -5.111  -5.894  1.00 50.71 ? 207  ASP B OD1 1 
ATOM   1192 O OD2 . ASP B 1 61 ? 15.597  -5.950  -6.838  1.00 32.40 ? 207  ASP B OD2 1 
ATOM   1193 N N   . GLY B 1 62 ? 15.037  -6.454  -1.106  1.00 19.00 ? 208  GLY B N   1 
ATOM   1194 C CA  . GLY B 1 62 ? 15.644  -7.278  -0.088  1.00 17.37 ? 208  GLY B CA  1 
ATOM   1195 C C   . GLY B 1 62 ? 17.031  -6.838  0.346   1.00 14.21 ? 208  GLY B C   1 
ATOM   1196 O O   . GLY B 1 62 ? 17.690  -7.525  1.119   1.00 17.04 ? 208  GLY B O   1 
ATOM   1197 N N   . ILE B 1 63 ? 17.484  -5.691  -0.141  1.00 14.10 ? 209  ILE B N   1 
ATOM   1198 C CA  . ILE B 1 63 ? 18.775  -5.126  0.236   1.00 15.86 ? 209  ILE B CA  1 
ATOM   1199 C C   . ILE B 1 63 ? 18.517  -4.081  1.334   1.00 16.52 ? 209  ILE B C   1 
ATOM   1200 O O   . ILE B 1 63 ? 17.889  -3.022  1.064   1.00 15.27 ? 209  ILE B O   1 
ATOM   1201 C CB  . ILE B 1 63 ? 19.481  -4.455  -0.970  1.00 15.38 ? 209  ILE B CB  1 
ATOM   1202 C CG1 . ILE B 1 63 ? 19.501  -5.419  -2.165  1.00 20.33 ? 209  ILE B CG1 1 
ATOM   1203 C CG2 . ILE B 1 63 ? 20.862  -4.038  -0.578  1.00 15.89 ? 209  ILE B CG2 1 
ATOM   1204 C CD1 . ILE B 1 63 ? 19.751  -4.715  -3.459  1.00 25.72 ? 209  ILE B CD1 1 
ATOM   1205 N N   . ARG B 1 64 ? 18.962  -4.389  2.561   1.00 14.96 ? 210  ARG B N   1 
ATOM   1206 C CA  . ARG B 1 64 ? 18.761  -3.439  3.662   1.00 15.95 ? 210  ARG B CA  1 
ATOM   1207 C C   . ARG B 1 64 ? 19.598  -2.191  3.481   1.00 15.16 ? 210  ARG B C   1 
ATOM   1208 O O   . ARG B 1 64 ? 20.786  -2.266  3.150   1.00 20.41 ? 210  ARG B O   1 
ATOM   1209 C CB  . ARG B 1 64 ? 19.126  -4.091  4.981   1.00 16.60 ? 210  ARG B CB  1 
ATOM   1210 C CG  . ARG B 1 64 ? 18.146  -5.155  5.359   1.00 21.10 ? 210  ARG B CG  1 
ATOM   1211 C CD  . ARG B 1 64 ? 16.879  -4.559  5.981   1.00 24.59 ? 210  ARG B CD  1 
ATOM   1212 N NE  . ARG B 1 64 ? 15.779  -5.515  5.944   1.00 28.40 ? 210  ARG B NE  1 
ATOM   1213 C CZ  . ARG B 1 64 ? 14.671  -5.450  6.697   1.00 26.56 ? 210  ARG B CZ  1 
ATOM   1214 N NH1 . ARG B 1 64 ? 14.483  -4.473  7.607   1.00 22.57 ? 210  ARG B NH1 1 
ATOM   1215 N NH2 . ARG B 1 64 ? 13.746  -6.402  6.557   1.00 30.16 ? 210  ARG B NH2 1 
ATOM   1216 N N   . LEU B 1 65 ? 18.974  -1.040  3.743   1.00 14.96 ? 211  LEU B N   1 
ATOM   1217 C CA  . LEU B 1 65 ? 19.674  0.228   3.626   1.00 16.70 ? 211  LEU B CA  1 
ATOM   1218 C C   . LEU B 1 65 ? 20.467  0.652   4.866   1.00 20.98 ? 211  LEU B C   1 
ATOM   1219 O O   . LEU B 1 65 ? 21.217  1.647   4.842   1.00 27.53 ? 211  LEU B O   1 
ATOM   1220 C CB  . LEU B 1 65 ? 18.731  1.327   3.171   1.00 17.31 ? 211  LEU B CB  1 
ATOM   1221 C CG  . LEU B 1 65 ? 18.106  1.194   1.782   1.00 16.87 ? 211  LEU B CG  1 
ATOM   1222 C CD1 . LEU B 1 65 ? 17.394  2.505   1.386   1.00 19.21 ? 211  LEU B CD1 1 
ATOM   1223 C CD2 . LEU B 1 65 ? 19.206  0.848   0.754   1.00 16.70 ? 211  LEU B CD2 1 
ATOM   1224 N N   . LEU B 1 66 ? 20.349  -0.146  5.906   1.00 22.91 ? 212  LEU B N   1 
ATOM   1225 C CA  . LEU B 1 66 ? 21.164  -0.043  7.093   1.00 25.82 ? 212  LEU B CA  1 
ATOM   1226 C C   . LEU B 1 66 ? 22.663  -0.022  6.793   1.00 19.41 ? 212  LEU B C   1 
ATOM   1227 O O   . LEU B 1 66 ? 23.235  -0.952  6.188   1.00 25.20 ? 212  LEU B O   1 
ATOM   1228 C CB  . LEU B 1 66 ? 20.814  -1.211  8.016   1.00 23.37 ? 212  LEU B CB  1 
ATOM   1229 C CG  . LEU B 1 66 ? 21.399  -1.191  9.419   1.00 32.27 ? 212  LEU B CG  1 
ATOM   1230 C CD1 . LEU B 1 66 ? 20.466  -1.841  10.423  1.00 43.44 ? 212  LEU B CD1 1 
ATOM   1231 C CD2 . LEU B 1 66 ? 22.741  -1.865  9.411   1.00 31.97 ? 212  LEU B CD2 1 
ATOM   1232 N N   . GLY B 1 67 ? 23.324  1.041   7.238   1.00 21.01 ? 213  GLY B N   1 
ATOM   1233 C CA  . GLY B 1 67 ? 24.747  1.168   7.072   1.00 18.01 ? 213  GLY B CA  1 
ATOM   1234 C C   . GLY B 1 67 ? 25.216  1.601   5.689   1.00 19.88 ? 213  GLY B C   1 
ATOM   1235 O O   . GLY B 1 67 ? 26.404  1.552   5.394   1.00 20.27 ? 213  GLY B O   1 
ATOM   1236 N N   . THR B 1 68 ? 24.298  1.984   4.822   1.00 20.52 ? 214  THR B N   1 
ATOM   1237 C CA  . THR B 1 68 ? 24.674  2.501   3.485   1.00 16.39 ? 214  THR B CA  1 
ATOM   1238 C C   . THR B 1 68 ? 24.821  4.021   3.526   1.00 17.97 ? 214  THR B C   1 
ATOM   1239 O O   . THR B 1 68 ? 23.935  4.667   4.097   1.00 17.52 ? 214  THR B O   1 
ATOM   1240 C CB  . THR B 1 68 ? 23.581  2.152   2.486   1.00 18.91 ? 214  THR B CB  1 
ATOM   1241 O OG1 . THR B 1 68 ? 22.304  2.572   2.986   1.00 20.71 ? 214  THR B OG1 1 
ATOM   1242 C CG2 . THR B 1 68 ? 23.559  0.663   2.268   1.00 19.11 ? 214  THR B CG2 1 
ATOM   1243 N N   . THR B 1 69 ? 25.872  4.585   2.927   1.00 16.66 ? 215  THR B N   1 
ATOM   1244 C CA  . THR B 1 69 ? 25.946  6.035   2.728   1.00 15.29 ? 215  THR B CA  1 
ATOM   1245 C C   . THR B 1 69 ? 24.845  6.489   1.804   1.00 18.37 ? 215  THR B C   1 
ATOM   1246 O O   . THR B 1 69 ? 24.190  5.685   1.158   1.00 18.25 ? 215  THR B O   1 
ATOM   1247 C CB  . THR B 1 69 ? 27.248  6.484   2.087   1.00 15.43 ? 215  THR B CB  1 
ATOM   1248 O OG1 . THR B 1 69 ? 27.297  5.991   0.737   1.00 18.32 ? 215  THR B OG1 1 
ATOM   1249 C CG2 . THR B 1 69 ? 28.440  5.986   2.894   1.00 19.81 ? 215  THR B CG2 1 
ATOM   1250 N N   . HIS B 1 70 ? 24.634  7.795   1.741   1.00 15.28 ? 216  HIS B N   1 
ATOM   1251 C CA  . HIS B 1 70 ? 23.613  8.317   0.849   1.00 16.98 ? 216  HIS B CA  1 
ATOM   1252 C C   . HIS B 1 70 ? 23.848  7.821   -0.571  1.00 16.76 ? 216  HIS B C   1 
ATOM   1253 O O   . HIS B 1 70 ? 22.926  7.372   -1.251  1.00 15.90 ? 216  HIS B O   1 
ATOM   1254 C CB  . HIS B 1 70 ? 23.582  9.845   0.900   1.00 16.38 ? 216  HIS B CB  1 
ATOM   1255 C CG  . HIS B 1 70 ? 22.468  10.444  0.098   1.00 17.61 ? 216  HIS B CG  1 
ATOM   1256 N ND1 . HIS B 1 70 ? 21.167  10.510  0.554   1.00 15.77 ? 216  HIS B ND1 1 
ATOM   1257 C CD2 . HIS B 1 70 ? 22.460  10.980  -1.142  1.00 16.45 ? 216  HIS B CD2 1 
ATOM   1258 C CE1 . HIS B 1 70 ? 20.418  11.093  -0.365  1.00 19.05 ? 216  HIS B CE1 1 
ATOM   1259 N NE2 . HIS B 1 70 ? 21.177  11.380  -1.409  1.00 20.96 ? 216  HIS B NE2 1 
ATOM   1260 N N   . ALA B 1 71 ? 25.087  7.960   -1.036  1.00 15.23 ? 217  ALA B N   1 
ATOM   1261 C CA  . ALA B 1 71 ? 25.437  7.550   -2.400  1.00 15.28 ? 217  ALA B CA  1 
ATOM   1262 C C   . ALA B 1 71 ? 25.169  6.084   -2.642  1.00 16.15 ? 217  ALA B C   1 
ATOM   1263 O O   . ALA B 1 71 ? 24.716  5.707   -3.722  1.00 18.22 ? 217  ALA B O   1 
ATOM   1264 C CB  . ALA B 1 71 ? 26.885  7.855   -2.679  1.00 15.42 ? 217  ALA B CB  1 
ATOM   1265 N N   . GLU B 1 72 ? 25.454  5.256   -1.622  1.00 14.79 ? 218  GLU B N   1 
ATOM   1266 C CA  . GLU B 1 72 ? 25.266  3.805   -1.703  1.00 12.67 ? 218  GLU B CA  1 
ATOM   1267 C C   . GLU B 1 72 ? 23.792  3.489   -1.779  1.00 19.13 ? 218  GLU B C   1 
ATOM   1268 O O   . GLU B 1 72 ? 23.373  2.608   -2.511  1.00 16.61 ? 218  GLU B O   1 
ATOM   1269 C CB  . GLU B 1 72 ? 25.910  3.072   -0.514  1.00 19.26 ? 218  GLU B CB  1 
ATOM   1270 C CG  . GLU B 1 72 ? 27.418  2.973   -0.631  1.00 18.74 ? 218  GLU B CG  1 
ATOM   1271 C CD  . GLU B 1 72 ? 28.099  2.412   0.607   1.00 31.51 ? 218  GLU B CD  1 
ATOM   1272 O OE1 . GLU B 1 72 ? 27.703  2.751   1.741   1.00 22.74 ? 218  GLU B OE1 1 
ATOM   1273 O OE2 . GLU B 1 72 ? 29.031  1.599   0.452   1.00 23.57 ? 218  GLU B OE2 1 
ATOM   1274 N N   . ALA B 1 73 ? 22.980  4.234   -1.029  1.00 18.25 ? 219  ALA B N   1 
ATOM   1275 C CA  . ALA B 1 73 ? 21.513  4.030   -1.072  1.00 17.90 ? 219  ALA B CA  1 
ATOM   1276 C C   . ALA B 1 73 ? 20.911  4.402   -2.422  1.00 18.51 ? 219  ALA B C   1 
ATOM   1277 O O   . ALA B 1 73 ? 20.133  3.664   -3.025  1.00 17.83 ? 219  ALA B O   1 
ATOM   1278 C CB  . ALA B 1 73 ? 20.831  4.845   0.033   1.00 19.62 ? 219  ALA B CB  1 
ATOM   1279 N N   . MET B 1 74 ? 21.289  5.569   -2.917  1.00 17.10 ? 220  MET B N   1 
ATOM   1280 C CA  . MET B 1 74 ? 20.831  6.027   -4.194  1.00 18.86 ? 220  MET B CA  1 
ATOM   1281 C C   . MET B 1 74 ? 21.272  5.033   -5.271  1.00 18.42 ? 220  MET B C   1 
ATOM   1282 O O   . MET B 1 74 ? 20.513  4.730   -6.199  1.00 18.27 ? 220  MET B O   1 
ATOM   1283 C CB  . MET B 1 74 ? 21.345  7.469   -4.405  1.00 23.46 ? 220  MET B CB  1 
ATOM   1284 C CG  . MET B 1 74 ? 21.260  8.018   -5.803  1.00 37.08 ? 220  MET B CG  1 
ATOM   1285 S SD  . MET B 1 74 ? 22.673  7.574   -6.834  1.00 35.70 ? 220  MET B SD  1 
ATOM   1286 C CE  . MET B 1 74 ? 24.079  8.380   -6.042  1.00 37.20 ? 220  MET B CE  1 
ATOM   1287 N N   . SER B 1 75 ? 22.509  4.523   -5.158  1.00 17.88 ? 221  SER B N   1 
ATOM   1288 C CA  . SER B 1 75 ? 23.035  3.537   -6.114  1.00 18.76 ? 221  SER B CA  1 
ATOM   1289 C C   . SER B 1 75 ? 22.188  2.279   -6.094  1.00 11.60 ? 221  SER B C   1 
ATOM   1290 O O   . SER B 1 75 ? 21.862  1.710   -7.127  1.00 14.81 ? 221  SER B O   1 
ATOM   1291 C CB  A SER B 1 75 ? 24.504  3.204   -5.794  0.50 19.35 ? 221  SER B CB  1 
ATOM   1292 C CB  B SER B 1 75 ? 24.479  3.158   -5.767  0.50 20.02 ? 221  SER B CB  1 
ATOM   1293 O OG  A SER B 1 75 ? 25.367  4.324   -6.016  0.50 13.57 ? 221  SER B OG  1 
ATOM   1294 O OG  B SER B 1 75 ? 24.899  2.011   -6.487  0.50 29.15 ? 221  SER B OG  1 
ATOM   1295 N N   . ILE B 1 76 ? 21.856  1.808   -4.909  1.00 13.79 ? 222  ILE B N   1 
ATOM   1296 C CA  . ILE B 1 76 ? 21.057  0.582   -4.791  1.00 12.07 ? 222  ILE B CA  1 
ATOM   1297 C C   . ILE B 1 76 ? 19.690  0.735   -5.462  1.00 15.85 ? 222  ILE B C   1 
ATOM   1298 O O   . ILE B 1 76 ? 19.240  -0.156  -6.155  1.00 17.91 ? 222  ILE B O   1 
ATOM   1299 C CB  . ILE B 1 76 ? 20.881  0.195   -3.288  1.00 16.57 ? 222  ILE B CB  1 
ATOM   1300 C CG1 . ILE B 1 76 ? 22.185  -0.438  -2.755  1.00 13.91 ? 222  ILE B CG1 1 
ATOM   1301 C CG2 . ILE B 1 76 ? 19.654  -0.727  -3.092  1.00 16.02 ? 222  ILE B CG2 1 
ATOM   1302 C CD1 . ILE B 1 76 ? 22.336  -0.420  -1.253  1.00 20.28 ? 222  ILE B CD1 1 
ATOM   1303 N N   . LEU B 1 77 ? 19.038  1.871   -5.257  1.00 15.15 ? 223  LEU B N   1 
ATOM   1304 C CA  . LEU B 1 77 ? 17.799  2.185   -5.964  1.00 14.26 ? 223  LEU B CA  1 
ATOM   1305 C C   . LEU B 1 77 ? 17.991  2.302   -7.490  1.00 15.79 ? 223  LEU B C   1 
ATOM   1306 O O   . LEU B 1 77 ? 17.108  1.913   -8.244  1.00 17.91 ? 223  LEU B O   1 
ATOM   1307 C CB  . LEU B 1 77 ? 17.215  3.497   -5.433  1.00 15.36 ? 223  LEU B CB  1 
ATOM   1308 C CG  . LEU B 1 77 ? 16.601  3.344   -4.036  1.00 20.05 ? 223  LEU B CG  1 
ATOM   1309 C CD1 . LEU B 1 77 ? 16.698  4.627   -3.255  1.00 20.04 ? 223  LEU B CD1 1 
ATOM   1310 C CD2 . LEU B 1 77 ? 15.129  2.877   -4.124  1.00 19.41 ? 223  LEU B CD2 1 
ATOM   1311 N N   . LYS B 1 78 ? 19.117  2.864   -7.929  1.00 14.72 ? 224  LYS B N   1 
ATOM   1312 C CA  . LYS B 1 78 ? 19.370  3.070   -9.365  1.00 16.68 ? 224  LYS B CA  1 
ATOM   1313 C C   . LYS B 1 78 ? 19.624  1.746   -10.040 1.00 18.21 ? 224  LYS B C   1 
ATOM   1314 O O   . LYS B 1 78 ? 19.215  1.533   -11.201 1.00 26.00 ? 224  LYS B O   1 
ATOM   1315 C CB  . LYS B 1 78 ? 20.580  3.992   -9.595  1.00 20.86 ? 224  LYS B CB  1 
ATOM   1316 C CG  . LYS B 1 78 ? 20.897  4.254   -11.058 1.00 34.41 ? 224  LYS B CG  1 
ATOM   1317 N N   . GLN B 1 79 ? 20.342  0.869   -9.335  1.00 18.02 ? 225  GLN B N   1 
ATOM   1318 C CA  . GLN B 1 79 ? 20.833  -0.386  -9.862  1.00 18.64 ? 225  GLN B CA  1 
ATOM   1319 C C   . GLN B 1 79 ? 19.851  -1.537  -9.713  1.00 19.41 ? 225  GLN B C   1 
ATOM   1320 O O   . GLN B 1 79 ? 20.085  -2.586  -10.267 1.00 21.74 ? 225  GLN B O   1 
ATOM   1321 C CB  . GLN B 1 79 ? 22.145  -0.770  -9.176  1.00 16.17 ? 225  GLN B CB  1 
ATOM   1322 C CG  . GLN B 1 79 ? 23.337  0.113   -9.496  1.00 19.37 ? 225  GLN B CG  1 
ATOM   1323 N N   . CYS B 1 80 ? 18.764  -1.378  -8.967  1.00 21.99 ? 226  CYS B N   1 
ATOM   1324 C CA  . CYS B 1 80 ? 17.894  -2.535  -8.730  1.00 25.40 ? 226  CYS B CA  1 
ATOM   1325 C C   . CYS B 1 80 ? 17.014  -2.845  -9.957  1.00 32.09 ? 226  CYS B C   1 
ATOM   1326 O O   . CYS B 1 80 ? 17.014  -2.096  -10.940 1.00 29.74 ? 226  CYS B O   1 
ATOM   1327 C CB  . CYS B 1 80 ? 17.080  -2.401  -7.430  1.00 22.81 ? 226  CYS B CB  1 
ATOM   1328 S SG  . CYS B 1 80 ? 15.792  -1.164  -7.408  1.00 25.87 ? 226  CYS B SG  1 
ATOM   1329 N N   . GLY B 1 81 ? 16.298  -3.968  -9.901  1.00 34.92 ? 227  GLY B N   1 
ATOM   1330 C CA  . GLY B 1 81 ? 15.394  -4.369  -10.978 1.00 41.97 ? 227  GLY B CA  1 
ATOM   1331 C C   . GLY B 1 81 ? 14.279  -3.363  -11.228 1.00 43.94 ? 227  GLY B C   1 
ATOM   1332 O O   . GLY B 1 81 ? 13.912  -2.590  -10.331 1.00 46.17 ? 227  GLY B O   1 
ATOM   1333 N N   . GLN B 1 82 ? 13.731  -3.385  -12.445 1.00 41.51 ? 228  GLN B N   1 
ATOM   1334 C CA  . GLN B 1 82 ? 12.670  -2.449  -12.832 1.00 40.89 ? 228  GLN B CA  1 
ATOM   1335 C C   . GLN B 1 82 ? 11.373  -2.674  -12.038 1.00 36.70 ? 228  GLN B C   1 
ATOM   1336 O O   . GLN B 1 82 ? 10.654  -1.709  -11.787 1.00 36.22 ? 228  GLN B O   1 
ATOM   1337 C CB  . GLN B 1 82 ? 12.410  -2.481  -14.344 1.00 39.38 ? 228  GLN B CB  1 
ATOM   1338 C CG  . GLN B 1 82 ? 13.633  -2.131  -15.206 1.00 41.94 ? 228  GLN B CG  1 
ATOM   1339 C CD  . GLN B 1 82 ? 14.131  -0.695  -15.028 1.00 51.79 ? 228  GLN B CD  1 
ATOM   1340 O OE1 . GLN B 1 82 ? 13.536  0.254   -15.556 1.00 49.83 ? 228  GLN B OE1 1 
ATOM   1341 N NE2 . GLN B 1 82 ? 15.250  -0.535  -14.316 1.00 35.89 ? 228  GLN B NE2 1 
ATOM   1342 N N   . GLU B 1 83 ? 11.075  -3.930  -11.664 1.00 29.29 ? 229  GLU B N   1 
ATOM   1343 C CA  . GLU B 1 83 ? 10.020  -4.232  -10.670 1.00 26.33 ? 229  GLU B CA  1 
ATOM   1344 C C   . GLU B 1 83 ? 10.706  -4.474  -9.330  1.00 26.89 ? 229  GLU B C   1 
ATOM   1345 O O   . GLU B 1 83 ? 11.523  -5.385  -9.236  1.00 30.03 ? 229  GLU B O   1 
ATOM   1346 C CB  . GLU B 1 83 ? 9.210   -5.487  -11.040 1.00 26.30 ? 229  GLU B CB  1 
ATOM   1347 C CG  . GLU B 1 83 ? 8.158   -5.836  -9.973  1.00 23.68 ? 229  GLU B CG  1 
ATOM   1348 C CD  . GLU B 1 83 ? 7.419   -7.144  -10.200 1.00 42.72 ? 229  GLU B CD  1 
ATOM   1349 O OE1 . GLU B 1 83 ? 7.587   -7.755  -11.272 1.00 49.34 ? 229  GLU B OE1 1 
ATOM   1350 O OE2 . GLU B 1 83 ? 6.653   -7.551  -9.294  1.00 44.65 ? 229  GLU B OE2 1 
ATOM   1351 N N   . ALA B 1 84 ? 10.361  -3.697  -8.294  1.00 25.26 ? 230  ALA B N   1 
ATOM   1352 C CA  . ALA B 1 84 ? 11.052  -3.771  -6.992  1.00 22.02 ? 230  ALA B CA  1 
ATOM   1353 C C   . ALA B 1 84 ? 10.105  -3.688  -5.807  1.00 22.78 ? 230  ALA B C   1 
ATOM   1354 O O   . ALA B 1 84 ? 9.174   -2.903  -5.809  1.00 26.05 ? 230  ALA B O   1 
ATOM   1355 C CB  . ALA B 1 84 ? 12.090  -2.657  -6.868  1.00 23.33 ? 230  ALA B CB  1 
ATOM   1356 N N   . ALA B 1 85 ? 10.382  -4.502  -4.789  1.00 25.75 ? 231  ALA B N   1 
ATOM   1357 C CA  . ALA B 1 85 ? 9.675   -4.489  -3.524  1.00 22.17 ? 231  ALA B CA  1 
ATOM   1358 C C   . ALA B 1 85 ? 10.451  -3.590  -2.566  1.00 21.09 ? 231  ALA B C   1 
ATOM   1359 O O   . ALA B 1 85 ? 11.642  -3.785  -2.316  1.00 20.65 ? 231  ALA B O   1 
ATOM   1360 C CB  . ALA B 1 85 ? 9.555   -5.924  -2.936  1.00 22.47 ? 231  ALA B CB  1 
ATOM   1361 N N   . LEU B 1 86 ? 9.789   -2.568  -2.078  1.00 18.03 ? 232  LEU B N   1 
ATOM   1362 C CA  . LEU B 1 86 ? 10.397  -1.679  -1.099  1.00 18.08 ? 232  LEU B CA  1 
ATOM   1363 C C   . LEU B 1 86 ? 9.753   -1.941  0.259   1.00 21.96 ? 232  LEU B C   1 
ATOM   1364 O O   . LEU B 1 86 ? 8.536   -2.138  0.357   1.00 21.82 ? 232  LEU B O   1 
ATOM   1365 C CB  . LEU B 1 86 ? 10.136  -0.231  -1.466  1.00 22.12 ? 232  LEU B CB  1 
ATOM   1366 C CG  . LEU B 1 86 ? 10.618  0.193   -2.846  1.00 21.49 ? 232  LEU B CG  1 
ATOM   1367 C CD1 . LEU B 1 86 ? 10.257  1.675   -2.984  1.00 20.73 ? 232  LEU B CD1 1 
ATOM   1368 C CD2 . LEU B 1 86 ? 12.092  -0.052  -3.082  1.00 27.67 ? 232  LEU B CD2 1 
ATOM   1369 N N   . LEU B 1 87 ? 10.553  -1.914  1.320   1.00 18.00 ? 233  LEU B N   1 
ATOM   1370 C CA  . LEU B 1 87 ? 9.987   -1.939  2.680   1.00 16.91 ? 233  LEU B CA  1 
ATOM   1371 C C   . LEU B 1 87 ? 10.110  -0.561  3.293   1.00 16.84 ? 233  LEU B C   1 
ATOM   1372 O O   . LEU B 1 87 ? 11.216  -0.006  3.361   1.00 18.14 ? 233  LEU B O   1 
ATOM   1373 C CB  . LEU B 1 87 ? 10.665  -2.947  3.622   1.00 17.91 ? 233  LEU B CB  1 
ATOM   1374 C CG  . LEU B 1 87 ? 10.437  -4.420  3.341   1.00 21.61 ? 233  LEU B CG  1 
ATOM   1375 C CD1 . LEU B 1 87 ? 11.201  -5.310  4.351   1.00 18.05 ? 233  LEU B CD1 1 
ATOM   1376 C CD2 . LEU B 1 87 ? 8.984   -4.827  3.355   1.00 23.02 ? 233  LEU B CD2 1 
ATOM   1377 N N   . ILE B 1 88 ? 8.964   0.001   3.677   1.00 18.45 ? 234  ILE B N   1 
ATOM   1378 C CA  . ILE B 1 88 ? 8.919   1.330   4.300   1.00 18.26 ? 234  ILE B CA  1 
ATOM   1379 C C   . ILE B 1 88 ? 8.334   1.190   5.697   1.00 16.75 ? 234  ILE B C   1 
ATOM   1380 O O   . ILE B 1 88 ? 7.764   0.177   6.051   1.00 18.33 ? 234  ILE B O   1 
ATOM   1381 C CB  . ILE B 1 88 ? 8.112   2.376   3.484   1.00 19.53 ? 234  ILE B CB  1 
ATOM   1382 C CG1 . ILE B 1 88 ? 6.669   1.922   3.281   1.00 20.06 ? 234  ILE B CG1 1 
ATOM   1383 C CG2 . ILE B 1 88 ? 8.793   2.620   2.169   1.00 20.18 ? 234  ILE B CG2 1 
ATOM   1384 C CD1 . ILE B 1 88 ? 5.798   2.952   2.530   1.00 21.09 ? 234  ILE B CD1 1 
ATOM   1385 N N   . GLU B 1 89 ? 8.497   2.235   6.491   1.00 17.92 ? 235  GLU B N   1 
ATOM   1386 C CA  . GLU B 1 89 ? 8.019   2.227   7.869   1.00 18.50 ? 235  GLU B CA  1 
ATOM   1387 C C   . GLU B 1 89 ? 7.346   3.550   8.210   1.00 19.63 ? 235  GLU B C   1 
ATOM   1388 O O   . GLU B 1 89 ? 7.900   4.590   7.958   1.00 19.01 ? 235  GLU B O   1 
ATOM   1389 C CB  . GLU B 1 89 ? 9.207   2.011   8.784   1.00 21.80 ? 235  GLU B CB  1 
ATOM   1390 C CG  . GLU B 1 89 ? 8.956   2.001   10.213  1.00 23.71 ? 235  GLU B CG  1 
ATOM   1391 C CD  . GLU B 1 89 ? 10.194  1.613   10.946  1.00 24.78 ? 235  GLU B CD  1 
ATOM   1392 O OE1 . GLU B 1 89 ? 11.124  2.442   10.992  1.00 23.48 ? 235  GLU B OE1 1 
ATOM   1393 O OE2 . GLU B 1 89 ? 10.283  0.475   11.402  1.00 24.77 ? 235  GLU B OE2 1 
ATOM   1394 N N   . TYR B 1 90 ? 6.148   3.479   8.756   1.00 18.64 ? 236  TYR B N   1 
ATOM   1395 C CA  . TYR B 1 90 ? 5.393   4.636   9.119   1.00 17.78 ? 236  TYR B CA  1 
ATOM   1396 C C   . TYR B 1 90 ? 4.253   4.230   10.054  1.00 18.18 ? 236  TYR B C   1 
ATOM   1397 O O   . TYR B 1 90 ? 4.114   3.061   10.402  1.00 16.76 ? 236  TYR B O   1 
ATOM   1398 C CB  . TYR B 1 90 ? 4.876   5.379   7.894   1.00 17.12 ? 236  TYR B CB  1 
ATOM   1399 C CG  . TYR B 1 90 ? 3.901   4.619   7.030   1.00 15.11 ? 236  TYR B CG  1 
ATOM   1400 C CD1 . TYR B 1 90 ? 2.537   4.734   7.222   1.00 18.93 ? 236  TYR B CD1 1 
ATOM   1401 C CD2 . TYR B 1 90 ? 4.343   3.726   6.064   1.00 17.89 ? 236  TYR B CD2 1 
ATOM   1402 C CE1 . TYR B 1 90 ? 1.681   3.994   6.446   1.00 20.86 ? 236  TYR B CE1 1 
ATOM   1403 C CE2 . TYR B 1 90 ? 3.506   3.025   5.259   1.00 20.29 ? 236  TYR B CE2 1 
ATOM   1404 C CZ  . TYR B 1 90 ? 2.147   3.127   5.448   1.00 18.28 ? 236  TYR B CZ  1 
ATOM   1405 O OH  . TYR B 1 90 ? 1.263   2.410   4.667   1.00 19.23 ? 236  TYR B OH  1 
ATOM   1406 N N   . ASP B 1 91 ? 3.530   5.226   10.563  1.00 19.55 ? 237  ASP B N   1 
ATOM   1407 C CA  . ASP B 1 91 ? 2.485   4.942   11.516  1.00 20.25 ? 237  ASP B CA  1 
ATOM   1408 C C   . ASP B 1 91 ? 1.216   4.551   10.758  1.00 21.45 ? 237  ASP B C   1 
ATOM   1409 O O   . ASP B 1 91 ? 0.572   5.384   10.110  1.00 18.10 ? 237  ASP B O   1 
ATOM   1410 C CB  . ASP B 1 91 ? 2.265   6.178   12.378  1.00 19.83 ? 237  ASP B CB  1 
ATOM   1411 C CG  . ASP B 1 91 ? 1.240   5.977   13.482  1.00 26.86 ? 237  ASP B CG  1 
ATOM   1412 O OD1 . ASP B 1 91 ? 0.758   4.867   13.715  1.00 24.32 ? 237  ASP B OD1 1 
ATOM   1413 O OD2 . ASP B 1 91 ? 0.921   6.996   14.150  1.00 31.47 ? 237  ASP B OD2 1 
ATOM   1414 N N   . VAL B 1 92 ? 0.889   3.273   10.845  1.00 17.37 ? 238  VAL B N   1 
ATOM   1415 C CA  . VAL B 1 92 ? -0.193  2.690   10.068  1.00 17.78 ? 238  VAL B CA  1 
ATOM   1416 C C   . VAL B 1 92 ? -1.498  2.535   10.863  1.00 19.53 ? 238  VAL B C   1 
ATOM   1417 O O   . VAL B 1 92 ? -1.497  2.075   12.018  1.00 20.04 ? 238  VAL B O   1 
ATOM   1418 C CB  . VAL B 1 92 ? 0.261   1.287   9.531   1.00 19.00 ? 238  VAL B CB  1 
ATOM   1419 C CG1 . VAL B 1 92 ? -0.919  0.471   8.958   1.00 23.43 ? 238  VAL B CG1 1 
ATOM   1420 C CG2 . VAL B 1 92 ? 1.472   1.387   8.561   1.00 19.83 ? 238  VAL B CG2 1 
ATOM   1421 N N   . SER B 1 93 ? -2.624  2.899   10.218  1.00 16.85 ? 239  SER B N   1 
ATOM   1422 C CA  . SER B 1 93 ? -3.938  2.511   10.708  1.00 15.24 ? 239  SER B CA  1 
ATOM   1423 C C   . SER B 1 93 ? -4.366  1.208   10.038  1.00 18.38 ? 239  SER B C   1 
ATOM   1424 O O   . SER B 1 93 ? -4.454  1.181   8.839   1.00 18.82 ? 239  SER B O   1 
ATOM   1425 C CB  . SER B 1 93 ? -4.928  3.628   10.393  1.00 20.01 ? 239  SER B CB  1 
ATOM   1426 O OG  . SER B 1 93 ? -4.567  4.821   11.031  1.00 20.80 ? 239  SER B OG  1 
ATOM   1427 N N   . GLU B 1 94 ? -4.640  0.184   10.818  1.00 18.54 ? 240  GLU B N   1 
ATOM   1428 C CA  . GLU B 1 94 ? -4.971  -1.148  10.325  1.00 16.50 ? 240  GLU B CA  1 
ATOM   1429 C C   . GLU B 1 94 ? -6.110  -1.760  11.179  1.00 18.00 ? 240  GLU B C   1 
ATOM   1430 O O   . GLU B 1 94 ? -6.048  -1.732  12.414  1.00 19.95 ? 240  GLU B O   1 
ATOM   1431 C CB  . GLU B 1 94 ? -3.705  -2.020  10.392  1.00 22.02 ? 240  GLU B CB  1 
ATOM   1432 C CG  . GLU B 1 94 ? -3.781  -3.265  9.560   1.00 21.35 ? 240  GLU B CG  1 
ATOM   1433 C CD  . GLU B 1 94 ? -2.495  -4.087  9.550   1.00 21.41 ? 240  GLU B CD  1 
ATOM   1434 O OE1 . GLU B 1 94 ? -1.597  -3.919  10.431  1.00 19.88 ? 240  GLU B OE1 1 
ATOM   1435 O OE2 . GLU B 1 94 ? -2.406  -5.003  8.685   1.00 18.89 ? 240  GLU B OE2 1 
ATOM   1436 N N   . THR B 1 95 ? -7.123  -2.320  10.538  1.00 17.20 ? 241  THR B N   1 
ATOM   1437 C CA  . THR B 1 95 ? -8.299  -2.872  11.206  1.00 17.38 ? 241  THR B CA  1 
ATOM   1438 C C   . THR B 1 95 ? -8.805  -4.121  10.505  1.00 16.10 ? 241  THR B C   1 
ATOM   1439 O O   . THR B 1 95 ? -8.866  -4.133  9.293   1.00 16.91 ? 241  THR B O   1 
ATOM   1440 C CB  . THR B 1 95 ? -9.406  -1.839  11.262  1.00 19.54 ? 241  THR B CB  1 
ATOM   1441 O OG1 . THR B 1 95 ? -8.916  -0.644  11.868  1.00 21.35 ? 241  THR B OG1 1 
ATOM   1442 C CG2 . THR B 1 95 ? -10.612 -2.404  12.068  1.00 20.50 ? 241  THR B CG2 1 
ATOM   1443 N N   . ALA B 1 96 ? -9.157  -5.159  11.271  1.00 16.12 ? 242  ALA B N   1 
ATOM   1444 C CA  . ALA B 1 96 ? -9.826  -6.336  10.769  1.00 14.46 ? 242  ALA B CA  1 
ATOM   1445 C C   . ALA B 1 96 ? -11.295 -5.968  10.560  1.00 21.41 ? 242  ALA B C   1 
ATOM   1446 O O   . ALA B 1 96 ? -11.920 -5.281  11.392  1.00 21.85 ? 242  ALA B O   1 
ATOM   1447 C CB  . ALA B 1 96 ? -9.725  -7.484  11.732  1.00 16.21 ? 242  ALA B CB  1 
ATOM   1448 N N   . VAL B 1 97 ? -11.819 -6.408  9.422   1.00 17.11 ? 243  VAL B N   1 
ATOM   1449 C CA  . VAL B 1 97 ? -13.194 -6.140  9.030   1.00 16.30 ? 243  VAL B CA  1 
ATOM   1450 C C   . VAL B 1 97 ? -13.836 -7.378  8.421   1.00 14.48 ? 243  VAL B C   1 
ATOM   1451 O O   . VAL B 1 97 ? -15.017 -7.278  8.003   1.00 19.04 ? 243  VAL B O   1 
ATOM   1452 C CB  . VAL B 1 97 ? -13.251 -4.978  8.004   1.00 19.36 ? 243  VAL B CB  1 
ATOM   1453 C CG1 . VAL B 1 97 ? -12.763 -3.700  8.611   1.00 17.06 ? 243  VAL B CG1 1 
ATOM   1454 C CG2 . VAL B 1 97 ? -12.445 -5.334  6.760   1.00 21.18 ? 243  VAL B CG2 1 
ATOM   1455 O OXT . VAL B 1 97 ? -13.279 -8.477  8.344   1.00 15.27 ? 243  VAL B OXT 1 
HETATM 1456 S S   . SCN C 2 .  ? -2.541  4.413   7.272   1.00 12.83 ? 1244 SCN A S   1 
HETATM 1457 C C   . SCN C 2 .  ? -1.866  3.319   6.118   1.00 10.01 ? 1244 SCN A C   1 
HETATM 1458 N N   . SCN C 2 .  ? -1.421  2.669   5.265   1.00 12.13 ? 1244 SCN A N   1 
HETATM 1459 S S   . SCN D 2 .  ? -5.662  -12.159 -12.600 1.00 16.42 ? 1245 SCN A S   1 
HETATM 1460 C C   . SCN D 2 .  ? -7.260  -12.080 -11.861 1.00 15.82 ? 1245 SCN A C   1 
HETATM 1461 N N   . SCN D 2 .  ? -8.333  -12.071 -11.392 1.00 18.05 ? 1245 SCN A N   1 
HETATM 1462 C C1  . EDO E 3 .  ? -11.465 -7.534  -14.817 1.00 31.55 ? 1246 EDO A C1  1 
HETATM 1463 O O1  . EDO E 3 .  ? -12.545 -8.470  -14.632 1.00 30.86 ? 1246 EDO A O1  1 
HETATM 1464 C C2  . EDO E 3 .  ? -12.029 -6.136  -15.008 1.00 41.12 ? 1246 EDO A C2  1 
HETATM 1465 O O2  . EDO E 3 .  ? -13.266 -6.060  -14.289 1.00 30.10 ? 1246 EDO A O2  1 
HETATM 1466 C C1  . EDO F 3 .  ? 7.847   -1.287  13.032  0.50 11.80 ? 1244 EDO B C1  1 
HETATM 1467 O O1  . EDO F 3 .  ? 8.226   -1.145  11.669  0.50 13.66 ? 1244 EDO B O1  1 
HETATM 1468 C C2  . EDO F 3 .  ? 8.893   -2.101  13.791  0.50 11.25 ? 1244 EDO B C2  1 
HETATM 1469 O O2  . EDO F 3 .  ? 8.624   -3.484  13.616  0.50 13.81 ? 1244 EDO B O2  1 
HETATM 1470 C C1  . EDO G 3 .  ? 10.349  15.059  -6.351  1.00 22.29 ? 1245 EDO B C1  1 
HETATM 1471 O O1  . EDO G 3 .  ? 8.968   15.327  -6.106  1.00 18.61 ? 1245 EDO B O1  1 
HETATM 1472 C C2  . EDO G 3 .  ? 10.631  14.264  -7.633  1.00 29.87 ? 1245 EDO B C2  1 
HETATM 1473 O O2  . EDO G 3 .  ? 10.782  12.864  -7.342  1.00 25.92 ? 1245 EDO B O2  1 
HETATM 1474 O O   . HOH H 4 .  ? -15.647 -3.698  -13.085 1.00 39.08 ? 2001 HOH A O   1 
HETATM 1475 O O   . HOH H 4 .  ? -11.196 -1.504  -14.983 1.00 29.13 ? 2002 HOH A O   1 
HETATM 1476 O O   . HOH H 4 .  ? -20.097 -1.653  -6.822  1.00 39.73 ? 2003 HOH A O   1 
HETATM 1477 O O   . HOH H 4 .  ? -15.821 -6.787  -12.304 1.00 24.16 ? 2004 HOH A O   1 
HETATM 1478 O O   . HOH H 4 .  ? -22.940 -3.471  -7.799  1.00 43.31 ? 2005 HOH A O   1 
HETATM 1479 O O   . HOH H 4 .  ? -19.794 -9.492  -8.307  1.00 30.28 ? 2006 HOH A O   1 
HETATM 1480 O O   . HOH H 4 .  ? -18.194 -11.964 -6.449  1.00 34.28 ? 2007 HOH A O   1 
HETATM 1481 O O   . HOH H 4 .  ? -24.806 -15.402 7.595   1.00 37.38 ? 2008 HOH A O   1 
HETATM 1482 O O   . HOH H 4 .  ? -19.929 -15.980 3.486   1.00 29.12 ? 2009 HOH A O   1 
HETATM 1483 O O   . HOH H 4 .  ? -18.597 -10.813 14.913  0.50 31.78 ? 2010 HOH A O   1 
HETATM 1484 O O   . HOH H 4 .  ? -24.447 -5.494  9.955   1.00 28.99 ? 2011 HOH A O   1 
HETATM 1485 O O   . HOH H 4 .  ? -16.421 -6.100  12.157  1.00 40.52 ? 2012 HOH A O   1 
HETATM 1486 O O   . HOH H 4 .  ? 0.298   -3.443  2.794   1.00 22.35 ? 2013 HOH A O   1 
HETATM 1487 O O   . HOH H 4 .  ? -7.284  7.867   8.091   1.00 25.96 ? 2014 HOH A O   1 
HETATM 1488 O O   . HOH H 4 .  ? -2.677  15.030  12.215  1.00 42.25 ? 2015 HOH A O   1 
HETATM 1489 O O   . HOH H 4 .  ? -1.288  8.034   6.851   1.00 25.77 ? 2016 HOH A O   1 
HETATM 1490 O O   . HOH H 4 .  ? -8.022  7.302   0.865   1.00 33.61 ? 2017 HOH A O   1 
HETATM 1491 O O   . HOH H 4 .  ? 2.250   10.930  6.818   1.00 26.80 ? 2018 HOH A O   1 
HETATM 1492 O O   . HOH H 4 .  ? -2.072  3.070   0.685   1.00 15.91 ? 2019 HOH A O   1 
HETATM 1493 O O   . HOH H 4 .  ? 0.369   -7.274  5.322   1.00 19.87 ? 2020 HOH A O   1 
HETATM 1494 O O   . HOH H 4 .  ? -6.604  -11.984 8.187   1.00 23.79 ? 2021 HOH A O   1 
HETATM 1495 O O   . HOH H 4 .  ? -4.675  -15.649 3.529   1.00 27.19 ? 2022 HOH A O   1 
HETATM 1496 O O   . HOH H 4 .  ? -11.593 -14.461 4.554   1.00 12.65 ? 2023 HOH A O   1 
HETATM 1497 O O   . HOH H 4 .  ? -8.868  -10.780 8.936   1.00 22.64 ? 2024 HOH A O   1 
HETATM 1498 O O   . HOH H 4 .  ? -15.105 -21.491 6.695   1.00 28.42 ? 2025 HOH A O   1 
HETATM 1499 O O   . HOH H 4 .  ? -18.341 -14.922 0.215   1.00 48.04 ? 2026 HOH A O   1 
HETATM 1500 O O   . HOH H 4 .  ? -9.118  -18.807 -1.838  1.00 33.31 ? 2027 HOH A O   1 
HETATM 1501 O O   . HOH H 4 .  ? -7.411  -15.770 -0.343  1.00 19.99 ? 2028 HOH A O   1 
HETATM 1502 O O   . HOH H 4 .  ? -16.861 -20.585 -2.648  1.00 42.48 ? 2029 HOH A O   1 
HETATM 1503 O O   . HOH H 4 .  ? -12.450 -12.126 -2.092  1.00 13.29 ? 2030 HOH A O   1 
HETATM 1504 O O   . HOH H 4 .  ? -7.920  -17.623 -3.980  1.00 21.15 ? 2031 HOH A O   1 
HETATM 1505 O O   . HOH H 4 .  ? -9.413  -14.327 -1.381  1.00 13.51 ? 2032 HOH A O   1 
HETATM 1506 O O   . HOH H 4 .  ? -0.779  -10.961 -2.467  1.00 30.22 ? 2033 HOH A O   1 
HETATM 1507 O O   . HOH H 4 .  ? -2.094  -5.753  -5.966  1.00 28.73 ? 2034 HOH A O   1 
HETATM 1508 O O   . HOH H 4 .  ? -0.177  -5.809  1.899   1.00 32.30 ? 2035 HOH A O   1 
HETATM 1509 O O   . HOH H 4 .  ? -2.436  -8.024  -4.604  1.00 18.42 ? 2036 HOH A O   1 
HETATM 1510 O O   . HOH H 4 .  ? -8.750  5.113   -3.144  1.00 31.19 ? 2037 HOH A O   1 
HETATM 1511 O O   . HOH H 4 .  ? -8.952  3.396   -1.538  1.00 20.46 ? 2038 HOH A O   1 
HETATM 1512 O O   . HOH H 4 .  ? -18.805 -0.674  -4.711  1.00 23.14 ? 2039 HOH A O   1 
HETATM 1513 O O   . HOH H 4 .  ? -17.536 3.270   -6.978  1.00 49.50 ? 2040 HOH A O   1 
HETATM 1514 O O   . HOH H 4 .  ? -24.184 -3.951  -3.081  1.00 42.41 ? 2041 HOH A O   1 
HETATM 1515 O O   . HOH H 4 .  ? -23.696 0.566   2.631   1.00 37.44 ? 2042 HOH A O   1 
HETATM 1516 O O   . HOH H 4 .  ? -21.107 5.915   -6.251  1.00 33.48 ? 2043 HOH A O   1 
HETATM 1517 O O   . HOH H 4 .  ? -5.259  -14.662 0.706   1.00 26.95 ? 2044 HOH A O   1 
HETATM 1518 O O   . HOH H 4 .  ? -13.471 12.332  5.570   1.00 29.72 ? 2045 HOH A O   1 
HETATM 1519 O O   . HOH H 4 .  ? -13.203 9.717   11.057  1.00 26.39 ? 2046 HOH A O   1 
HETATM 1520 O O   . HOH H 4 .  ? -9.464  7.231   11.136  1.00 20.48 ? 2047 HOH A O   1 
HETATM 1521 O O   . HOH H 4 .  ? -18.480 5.824   7.732   1.00 26.08 ? 2048 HOH A O   1 
HETATM 1522 O O   . HOH H 4 .  ? -11.108 13.705  6.096   1.00 37.86 ? 2049 HOH A O   1 
HETATM 1523 O O   . HOH H 4 .  ? -15.763 -3.058  10.053  1.00 27.77 ? 2050 HOH A O   1 
HETATM 1524 O O   . HOH H 4 .  ? -8.993  5.231   13.137  1.00 32.47 ? 2051 HOH A O   1 
HETATM 1525 O O   . HOH H 4 .  ? -22.202 0.866   4.639   1.00 24.25 ? 2052 HOH A O   1 
HETATM 1526 O O   . HOH H 4 .  ? -24.240 -3.483  10.993  1.00 32.68 ? 2053 HOH A O   1 
HETATM 1527 O O   . HOH H 4 .  ? -26.657 -0.343  9.442   1.00 35.67 ? 2054 HOH A O   1 
HETATM 1528 O O   . HOH H 4 .  ? -20.852 4.662   7.777   1.00 34.97 ? 2055 HOH A O   1 
HETATM 1529 O O   . HOH H 4 .  ? -22.487 3.311   6.132   1.00 29.90 ? 2056 HOH A O   1 
HETATM 1530 O O   . HOH H 4 .  ? -25.045 -6.932  7.589   1.00 26.48 ? 2057 HOH A O   1 
HETATM 1531 O O   . HOH H 4 .  ? -8.693  0.396   -12.806 1.00 31.78 ? 2058 HOH A O   1 
HETATM 1532 O O   . HOH H 4 .  ? -4.080  1.029   -7.473  1.00 39.95 ? 2059 HOH A O   1 
HETATM 1533 O O   . HOH H 4 .  ? -3.472  -3.294  -6.413  1.00 22.79 ? 2060 HOH A O   1 
HETATM 1534 O O   . HOH H 4 .  ? 1.019   -6.137  -15.971 1.00 41.81 ? 2061 HOH A O   1 
HETATM 1535 O O   . HOH H 4 .  ? -1.667  -6.363  -8.634  1.00 21.92 ? 2062 HOH A O   1 
HETATM 1536 O O   . HOH H 4 .  ? -2.476  -9.299  -9.433  1.00 30.16 ? 2063 HOH A O   1 
HETATM 1537 O O   . HOH H 4 .  ? -2.294  -10.527 -13.557 1.00 22.89 ? 2064 HOH A O   1 
HETATM 1538 O O   . HOH H 4 .  ? -1.355  -9.810  -17.663 1.00 55.67 ? 2065 HOH A O   1 
HETATM 1539 O O   . HOH H 4 .  ? -4.699  -9.477  -19.688 1.00 26.63 ? 2066 HOH A O   1 
HETATM 1540 O O   . HOH H 4 .  ? -6.968  -9.839  -23.537 1.00 29.96 ? 2067 HOH A O   1 
HETATM 1541 O O   . HOH H 4 .  ? -9.202  -6.517  -19.383 1.00 35.11 ? 2068 HOH A O   1 
HETATM 1542 O O   . HOH H 4 .  ? -7.250  -7.539  -21.175 1.00 42.14 ? 2069 HOH A O   1 
HETATM 1543 O O   . HOH H 4 .  ? -7.692  -13.522 -26.809 1.00 34.40 ? 2070 HOH A O   1 
HETATM 1544 O O   . HOH H 4 .  ? -8.687  -11.015 -25.182 1.00 21.34 ? 2071 HOH A O   1 
HETATM 1545 O O   . HOH H 4 .  ? -7.934  -16.919 -26.473 1.00 37.88 ? 2072 HOH A O   1 
HETATM 1546 O O   . HOH H 4 .  ? -10.876 -20.585 -26.718 1.00 25.45 ? 2073 HOH A O   1 
HETATM 1547 O O   . HOH I 4 .  ? 1.521   1.885   19.262  1.00 39.38 ? 2001 HOH B O   1 
HETATM 1548 O O   . HOH I 4 .  ? 4.006   2.717   17.450  1.00 20.28 ? 2002 HOH B O   1 
HETATM 1549 O O   . HOH I 4 .  ? 4.718   -5.732  9.095   1.00 16.63 ? 2003 HOH B O   1 
HETATM 1550 O O   . HOH I 4 .  ? 11.152  -3.405  10.474  1.00 8.03  ? 2004 HOH B O   1 
HETATM 1551 O O   . HOH I 4 .  ? 1.111   -2.758  0.261   1.00 21.95 ? 2005 HOH B O   1 
HETATM 1552 O O   . HOH I 4 .  ? 3.988   -5.586  -2.217  1.00 31.80 ? 2006 HOH B O   1 
HETATM 1553 O O   . HOH I 4 .  ? 5.123   -10.228 0.007   1.00 50.04 ? 2007 HOH B O   1 
HETATM 1554 O O   . HOH I 4 .  ? 9.850   -8.469  1.400   1.00 43.08 ? 2008 HOH B O   1 
HETATM 1555 O O   . HOH I 4 .  ? 2.897   -5.113  4.003   1.00 12.62 ? 2009 HOH B O   1 
HETATM 1556 O O   . HOH I 4 .  ? 2.489   -2.272  -3.588  1.00 27.63 ? 2010 HOH B O   1 
HETATM 1557 O O   . HOH I 4 .  ? 8.486   -3.240  -14.186 1.00 44.59 ? 2011 HOH B O   1 
HETATM 1558 O O   . HOH I 4 .  ? 11.953  15.344  5.318   1.00 37.62 ? 2012 HOH B O   1 
HETATM 1559 O O   . HOH I 4 .  ? 17.072  11.199  8.045   1.00 29.55 ? 2013 HOH B O   1 
HETATM 1560 O O   . HOH I 4 .  ? 24.654  11.403  6.287   1.00 41.68 ? 2014 HOH B O   1 
HETATM 1561 O O   . HOH I 4 .  ? 25.483  9.691   3.911   1.00 23.09 ? 2015 HOH B O   1 
HETATM 1562 O O   . HOH I 4 .  ? 23.387  -1.878  16.778  1.00 44.60 ? 2016 HOH B O   1 
HETATM 1563 O O   . HOH I 4 .  ? 24.578  11.017  17.580  1.00 23.65 ? 2017 HOH B O   1 
HETATM 1564 O O   . HOH I 4 .  ? 23.064  7.935   17.234  1.00 48.38 ? 2018 HOH B O   1 
HETATM 1565 O O   . HOH I 4 .  ? 25.680  3.667   10.236  1.00 34.91 ? 2019 HOH B O   1 
HETATM 1566 O O   . HOH I 4 .  ? 20.211  6.225   11.814  1.00 36.59 ? 2020 HOH B O   1 
HETATM 1567 O O   . HOH I 4 .  ? 21.453  5.341   7.789   1.00 23.13 ? 2021 HOH B O   1 
HETATM 1568 O O   . HOH I 4 .  ? 26.020  15.240  12.394  1.00 33.38 ? 2022 HOH B O   1 
HETATM 1569 O O   . HOH I 4 .  ? 16.359  4.142   6.827   1.00 23.14 ? 2023 HOH B O   1 
HETATM 1570 O O   . HOH I 4 .  ? 5.322   15.228  -2.299  1.00 19.75 ? 2024 HOH B O   1 
HETATM 1571 O O   . HOH I 4 .  ? 3.076   14.455  -3.968  1.00 28.10 ? 2025 HOH B O   1 
HETATM 1572 O O   . HOH I 4 .  ? 5.912   9.214   -8.114  1.00 14.35 ? 2026 HOH B O   1 
HETATM 1573 O O   . HOH I 4 .  ? 4.132   1.942   -9.561  1.00 30.61 ? 2027 HOH B O   1 
HETATM 1574 O O   . HOH I 4 .  ? -1.447  8.888   -5.119  1.00 27.15 ? 2028 HOH B O   1 
HETATM 1575 O O   . HOH I 4 .  ? 1.343   10.209  -3.300  1.00 24.94 ? 2029 HOH B O   1 
HETATM 1576 O O   . HOH I 4 .  ? -1.093  9.374   -9.794  1.00 34.13 ? 2030 HOH B O   1 
HETATM 1577 O O   . HOH I 4 .  ? -2.978  2.866   -5.527  1.00 38.04 ? 2031 HOH B O   1 
HETATM 1578 O O   . HOH I 4 .  ? 3.971   4.395   -3.342  1.00 11.90 ? 2032 HOH B O   1 
HETATM 1579 O O   . HOH I 4 .  ? -2.892  0.806   -3.634  1.00 32.02 ? 2033 HOH B O   1 
HETATM 1580 O O   . HOH I 4 .  ? -1.842  2.314   -2.081  1.00 25.38 ? 2034 HOH B O   1 
HETATM 1581 O O   . HOH I 4 .  ? -1.693  8.424   -2.449  1.00 19.15 ? 2035 HOH B O   1 
HETATM 1582 O O   . HOH I 4 .  ? 2.433   7.890   -3.137  1.00 11.38 ? 2036 HOH B O   1 
HETATM 1583 O O   . HOH I 4 .  ? 6.047   9.154   8.869   1.00 33.09 ? 2037 HOH B O   1 
HETATM 1584 O O   . HOH I 4 .  ? 9.721   14.682  4.960   1.00 38.79 ? 2038 HOH B O   1 
HETATM 1585 O O   . HOH I 4 .  ? 10.620  9.956   9.452   1.00 35.61 ? 2039 HOH B O   1 
HETATM 1586 O O   . HOH I 4 .  ? 1.675   -6.392  -3.038  1.00 34.11 ? 2040 HOH B O   1 
HETATM 1587 O O   . HOH I 4 .  ? 12.951  -8.460  2.580   1.00 34.07 ? 2041 HOH B O   1 
HETATM 1588 O O   . HOH I 4 .  ? 5.073   9.845   6.525   1.00 18.61 ? 2042 HOH B O   1 
HETATM 1589 O O   . HOH I 4 .  ? 16.156  5.639   14.325  1.00 37.46 ? 2043 HOH B O   1 
HETATM 1590 O O   . HOH I 4 .  ? 12.769  8.387   9.996   1.00 29.98 ? 2044 HOH B O   1 
HETATM 1591 O O   . HOH I 4 .  ? 17.509  -0.935  7.076   1.00 19.77 ? 2045 HOH B O   1 
HETATM 1592 O O   . HOH I 4 .  ? 16.005  -10.538 -2.752  1.00 51.52 ? 2046 HOH B O   1 
HETATM 1593 O O   . HOH I 4 .  ? 19.834  -9.157  0.539   1.00 15.39 ? 2047 HOH B O   1 
HETATM 1594 O O   . HOH I 4 .  ? 17.040  -9.131  2.934   1.00 21.39 ? 2048 HOH B O   1 
HETATM 1595 O O   . HOH I 4 .  ? 14.939  -6.895  3.641   1.00 28.51 ? 2049 HOH B O   1 
HETATM 1596 O O   . HOH I 4 .  ? 22.786  -2.938  1.772   1.00 31.15 ? 2050 HOH B O   1 
HETATM 1597 O O   . HOH I 4 .  ? 2.608   12.719  -1.637  1.00 30.88 ? 2051 HOH B O   1 
HETATM 1598 O O   . HOH I 4 .  ? 21.857  4.072   5.722   1.00 33.59 ? 2052 HOH B O   1 
HETATM 1599 O O   . HOH I 4 .  ? 23.994  -2.344  4.187   1.00 25.17 ? 2053 HOH B O   1 
HETATM 1600 O O   . HOH I 4 .  ? 27.141  9.906   0.214   1.00 22.71 ? 2054 HOH B O   1 
HETATM 1601 O O   . HOH I 4 .  ? 30.090  -0.407  2.075   1.00 32.36 ? 2055 HOH B O   1 
HETATM 1602 O O   . HOH I 4 .  ? 30.302  3.012   3.497   1.00 44.85 ? 2056 HOH B O   1 
HETATM 1603 O O   . HOH I 4 .  ? 30.495  0.887   -1.709  1.00 21.56 ? 2057 HOH B O   1 
HETATM 1604 O O   . HOH I 4 .  ? 18.664  6.090   -7.780  1.00 26.47 ? 2058 HOH B O   1 
HETATM 1605 O O   . HOH I 4 .  ? 31.441  0.648   4.123   1.00 37.40 ? 2059 HOH B O   1 
HETATM 1606 O O   . HOH I 4 .  ? 20.475  -2.660  -6.204  1.00 26.34 ? 2060 HOH B O   1 
HETATM 1607 O O   . HOH I 4 .  ? 15.377  -1.398  10.866  1.00 20.77 ? 2061 HOH B O   1 
HETATM 1608 O O   . HOH I 4 .  ? 12.737  -5.000  0.105   1.00 14.84 ? 2062 HOH B O   1 
HETATM 1609 O O   . HOH I 4 .  ? 7.967   7.144   9.302   1.00 18.82 ? 2063 HOH B O   1 
HETATM 1610 O O   . HOH I 4 .  ? 12.425  -1.338  11.699  1.00 12.49 ? 2064 HOH B O   1 
HETATM 1611 O O   . HOH I 4 .  ? 13.676  2.035   11.871  1.00 23.19 ? 2065 HOH B O   1 
HETATM 1612 O O   . HOH I 4 .  ? 4.160   8.001   10.199  1.00 15.59 ? 2066 HOH B O   1 
HETATM 1613 O O   . HOH I 4 .  ? 1.191   7.896   8.740   1.00 27.19 ? 2067 HOH B O   1 
HETATM 1614 O O   . HOH I 4 .  ? -2.063  6.237   10.405  1.00 23.61 ? 2068 HOH B O   1 
HETATM 1615 O O   . HOH I 4 .  ? -3.349  3.574   14.300  1.00 44.18 ? 2069 HOH B O   1 
HETATM 1616 O O   . HOH I 4 .  ? -4.156  0.689   13.759  1.00 24.86 ? 2070 HOH B O   1 
HETATM 1617 O O   . HOH I 4 .  ? -0.490  -2.333  12.252  1.00 19.86 ? 2071 HOH B O   1 
HETATM 1618 O O   . HOH I 4 .  ? -6.943  -2.270  14.863  1.00 34.94 ? 2072 HOH B O   1 
HETATM 1619 O O   . HOH I 4 .  ? -0.179  -5.880  11.773  1.00 19.39 ? 2073 HOH B O   1 
HETATM 1620 O O   . HOH I 4 .  ? -14.122 -3.888  12.165  1.00 33.21 ? 2074 HOH B O   1 
HETATM 1621 O O   . HOH I 4 .  ? -8.841  -4.930  14.170  1.00 17.33 ? 2075 HOH B O   1 
HETATM 1622 O O   . HOH I 4 .  ? -16.870 -5.526  8.938   1.00 24.61 ? 2076 HOH B O   1 
HETATM 1623 O O   . HOH I 4 .  ? -11.374 -10.012 9.707   1.00 21.03 ? 2077 HOH B O   1 
HETATM 1624 O O   . HOH I 4 .  ? 12.365  11.309  -8.742  1.00 27.13 ? 2078 HOH B O   1 
# 
loop_
_pdbx_poly_seq_scheme.asym_id 
_pdbx_poly_seq_scheme.entity_id 
_pdbx_poly_seq_scheme.seq_id 
_pdbx_poly_seq_scheme.mon_id 
_pdbx_poly_seq_scheme.ndb_seq_num 
_pdbx_poly_seq_scheme.pdb_seq_num 
_pdbx_poly_seq_scheme.auth_seq_num 
_pdbx_poly_seq_scheme.pdb_mon_id 
_pdbx_poly_seq_scheme.auth_mon_id 
_pdbx_poly_seq_scheme.pdb_strand_id 
_pdbx_poly_seq_scheme.pdb_ins_code 
_pdbx_poly_seq_scheme.hetero 
A 1 1  SER 1  -1  -1  SER SER A . n 
A 1 2  MET 2  0   0   MET MET A . n 
A 1 3  ARG 3  149 149 ARG ARG A . n 
A 1 4  THR 4  150 150 THR THR A . n 
A 1 5  VAL 5  151 151 VAL VAL A . n 
A 1 6  GLU 6  152 152 GLU GLU A . n 
A 1 7  VAL 7  153 153 VAL VAL A . n 
A 1 8  THR 8  154 154 THR THR A . n 
A 1 9  LEU 9  155 155 LEU LEU A . n 
A 1 10 HIS 10 156 156 HIS HIS A . n 
A 1 11 LYS 11 157 157 LYS LYS A . n 
A 1 12 GLU 12 158 158 GLU GLU A . n 
A 1 13 GLY 13 159 159 GLY GLY A . n 
A 1 14 ASN 14 160 160 ASN ASN A . n 
A 1 15 THR 15 161 161 THR THR A . n 
A 1 16 PHE 16 162 162 PHE PHE A . n 
A 1 17 GLY 17 163 163 GLY GLY A . n 
A 1 18 PHE 18 164 164 PHE PHE A . n 
A 1 19 VAL 19 165 165 VAL VAL A . n 
A 1 20 ILE 20 166 166 ILE ILE A . n 
A 1 21 ARG 21 167 167 ARG ARG A . n 
A 1 22 GLY 22 168 168 GLY GLY A . n 
A 1 23 GLY 23 169 169 GLY GLY A . n 
A 1 24 ALA 24 170 170 ALA ALA A . n 
A 1 25 HIS 25 171 171 HIS HIS A . n 
A 1 26 ASP 26 172 172 ASP ASP A . n 
A 1 27 ASP 27 173 173 ASP ASP A . n 
A 1 28 ARG 28 174 174 ARG ARG A . n 
A 1 29 ASN 29 175 ?   ?   ?   A . n 
A 1 30 LYS 30 176 ?   ?   ?   A . n 
A 1 31 SER 31 177 177 SER SER A . n 
A 1 32 ARG 32 178 178 ARG ARG A . n 
A 1 33 PRO 33 179 179 PRO PRO A . n 
A 1 34 VAL 34 180 180 VAL VAL A . n 
A 1 35 VAL 35 181 181 VAL VAL A . n 
A 1 36 ILE 36 182 182 ILE ILE A . n 
A 1 37 THR 37 183 183 THR THR A . n 
A 1 38 SER 38 184 184 SER SER A . n 
A 1 39 VAL 39 185 185 VAL VAL A . n 
A 1 40 ARG 40 186 186 ARG ARG A . n 
A 1 41 PRO 41 187 187 PRO PRO A . n 
A 1 42 GLY 42 188 188 GLY GLY A . n 
A 1 43 GLY 43 189 189 GLY GLY A . n 
A 1 44 PRO 44 190 190 PRO PRO A . n 
A 1 45 ALA 45 191 191 ALA ALA A . n 
A 1 46 ASP 46 192 192 ASP ASP A . n 
A 1 47 ARG 47 193 193 ARG ARG A . n 
A 1 48 GLU 48 194 194 GLU GLU A . n 
A 1 49 GLY 49 195 195 GLY GLY A . n 
A 1 50 THR 50 196 196 THR THR A . n 
A 1 51 ILE 51 197 197 ILE ILE A . n 
A 1 52 LYS 52 198 198 LYS LYS A . n 
A 1 53 PRO 53 199 199 PRO PRO A . n 
A 1 54 GLY 54 200 200 GLY GLY A . n 
A 1 55 ASP 55 201 201 ASP ASP A . n 
A 1 56 ARG 56 202 202 ARG ARG A . n 
A 1 57 LEU 57 203 203 LEU LEU A . n 
A 1 58 LEU 58 204 204 LEU LEU A . n 
A 1 59 SER 59 205 205 SER SER A . n 
A 1 60 VAL 60 206 206 VAL VAL A . n 
A 1 61 ASP 61 207 207 ASP ASP A . n 
A 1 62 GLY 62 208 208 GLY GLY A . n 
A 1 63 ILE 63 209 209 ILE ILE A . n 
A 1 64 ARG 64 210 210 ARG ARG A . n 
A 1 65 LEU 65 211 211 LEU LEU A . n 
A 1 66 LEU 66 212 212 LEU LEU A . n 
A 1 67 GLY 67 213 213 GLY GLY A . n 
A 1 68 THR 68 214 214 THR THR A . n 
A 1 69 THR 69 215 215 THR THR A . n 
A 1 70 HIS 70 216 216 HIS HIS A . n 
A 1 71 ALA 71 217 217 ALA ALA A . n 
A 1 72 GLU 72 218 218 GLU GLU A . n 
A 1 73 ALA 73 219 219 ALA ALA A . n 
A 1 74 MET 74 220 220 MET MET A . n 
A 1 75 SER 75 221 221 SER SER A . n 
A 1 76 ILE 76 222 222 ILE ILE A . n 
A 1 77 LEU 77 223 223 LEU LEU A . n 
A 1 78 LYS 78 224 224 LYS LYS A . n 
A 1 79 GLN 79 225 225 GLN GLN A . n 
A 1 80 CYS 80 226 226 CYS CYS A . n 
A 1 81 GLY 81 227 227 GLY GLY A . n 
A 1 82 GLN 82 228 228 GLN GLN A . n 
A 1 83 GLU 83 229 229 GLU GLU A . n 
A 1 84 ALA 84 230 230 ALA ALA A . n 
A 1 85 ALA 85 231 231 ALA ALA A . n 
A 1 86 LEU 86 232 232 LEU LEU A . n 
A 1 87 LEU 87 233 233 LEU LEU A . n 
A 1 88 ILE 88 234 234 ILE ILE A . n 
A 1 89 GLU 89 235 235 GLU GLU A . n 
A 1 90 TYR 90 236 236 TYR TYR A . n 
A 1 91 ASP 91 237 237 ASP ASP A . n 
A 1 92 VAL 92 238 238 VAL VAL A . n 
A 1 93 SER 93 239 239 SER SER A . n 
A 1 94 GLU 94 240 240 GLU GLU A . n 
A 1 95 THR 95 241 241 THR THR A . n 
A 1 96 ALA 96 242 242 ALA ALA A . n 
A 1 97 VAL 97 243 243 VAL VAL A . n 
B 1 1  SER 1  -1  -1  SER SER B . n 
B 1 2  MET 2  0   0   MET MET B . n 
B 1 3  ARG 3  149 149 ARG ARG B . n 
B 1 4  THR 4  150 150 THR THR B . n 
B 1 5  VAL 5  151 151 VAL VAL B . n 
B 1 6  GLU 6  152 152 GLU GLU B . n 
B 1 7  VAL 7  153 153 VAL VAL B . n 
B 1 8  THR 8  154 154 THR THR B . n 
B 1 9  LEU 9  155 155 LEU LEU B . n 
B 1 10 HIS 10 156 156 HIS HIS B . n 
B 1 11 LYS 11 157 157 LYS LYS B . n 
B 1 12 GLU 12 158 158 GLU GLU B . n 
B 1 13 GLY 13 159 159 GLY GLY B . n 
B 1 14 ASN 14 160 160 ASN ASN B . n 
B 1 15 THR 15 161 161 THR THR B . n 
B 1 16 PHE 16 162 162 PHE PHE B . n 
B 1 17 GLY 17 163 163 GLY GLY B . n 
B 1 18 PHE 18 164 164 PHE PHE B . n 
B 1 19 VAL 19 165 165 VAL VAL B . n 
B 1 20 ILE 20 166 166 ILE ILE B . n 
B 1 21 ARG 21 167 167 ARG ARG B . n 
B 1 22 GLY 22 168 168 GLY GLY B . n 
B 1 23 GLY 23 169 169 GLY GLY B . n 
B 1 24 ALA 24 170 170 ALA ALA B . n 
B 1 25 HIS 25 171 171 HIS HIS B . n 
B 1 26 ASP 26 172 172 ASP ASP B . n 
B 1 27 ASP 27 173 173 ASP ASP B . n 
B 1 28 ARG 28 174 174 ARG ARG B . n 
B 1 29 ASN 29 175 175 ASN ASN B . n 
B 1 30 LYS 30 176 176 LYS LYS B . n 
B 1 31 SER 31 177 177 SER SER B . n 
B 1 32 ARG 32 178 178 ARG ARG B . n 
B 1 33 PRO 33 179 179 PRO PRO B . n 
B 1 34 VAL 34 180 180 VAL VAL B . n 
B 1 35 VAL 35 181 181 VAL VAL B . n 
B 1 36 ILE 36 182 182 ILE ILE B . n 
B 1 37 THR 37 183 183 THR THR B . n 
B 1 38 SER 38 184 184 SER SER B . n 
B 1 39 VAL 39 185 185 VAL VAL B . n 
B 1 40 ARG 40 186 186 ARG ARG B . n 
B 1 41 PRO 41 187 187 PRO PRO B . n 
B 1 42 GLY 42 188 188 GLY GLY B . n 
B 1 43 GLY 43 189 189 GLY GLY B . n 
B 1 44 PRO 44 190 190 PRO PRO B . n 
B 1 45 ALA 45 191 191 ALA ALA B . n 
B 1 46 ASP 46 192 192 ASP ASP B . n 
B 1 47 ARG 47 193 193 ARG ARG B . n 
B 1 48 GLU 48 194 194 GLU GLU B . n 
B 1 49 GLY 49 195 195 GLY GLY B . n 
B 1 50 THR 50 196 196 THR THR B . n 
B 1 51 ILE 51 197 197 ILE ILE B . n 
B 1 52 LYS 52 198 198 LYS LYS B . n 
B 1 53 PRO 53 199 199 PRO PRO B . n 
B 1 54 GLY 54 200 200 GLY GLY B . n 
B 1 55 ASP 55 201 201 ASP ASP B . n 
B 1 56 ARG 56 202 202 ARG ARG B . n 
B 1 57 LEU 57 203 203 LEU LEU B . n 
B 1 58 LEU 58 204 204 LEU LEU B . n 
B 1 59 SER 59 205 205 SER SER B . n 
B 1 60 VAL 60 206 206 VAL VAL B . n 
B 1 61 ASP 61 207 207 ASP ASP B . n 
B 1 62 GLY 62 208 208 GLY GLY B . n 
B 1 63 ILE 63 209 209 ILE ILE B . n 
B 1 64 ARG 64 210 210 ARG ARG B . n 
B 1 65 LEU 65 211 211 LEU LEU B . n 
B 1 66 LEU 66 212 212 LEU LEU B . n 
B 1 67 GLY 67 213 213 GLY GLY B . n 
B 1 68 THR 68 214 214 THR THR B . n 
B 1 69 THR 69 215 215 THR THR B . n 
B 1 70 HIS 70 216 216 HIS HIS B . n 
B 1 71 ALA 71 217 217 ALA ALA B . n 
B 1 72 GLU 72 218 218 GLU GLU B . n 
B 1 73 ALA 73 219 219 ALA ALA B . n 
B 1 74 MET 74 220 220 MET MET B . n 
B 1 75 SER 75 221 221 SER SER B . n 
B 1 76 ILE 76 222 222 ILE ILE B . n 
B 1 77 LEU 77 223 223 LEU LEU B . n 
B 1 78 LYS 78 224 224 LYS LYS B . n 
B 1 79 GLN 79 225 225 GLN GLN B . n 
B 1 80 CYS 80 226 226 CYS CYS B . n 
B 1 81 GLY 81 227 227 GLY GLY B . n 
B 1 82 GLN 82 228 228 GLN GLN B . n 
B 1 83 GLU 83 229 229 GLU GLU B . n 
B 1 84 ALA 84 230 230 ALA ALA B . n 
B 1 85 ALA 85 231 231 ALA ALA B . n 
B 1 86 LEU 86 232 232 LEU LEU B . n 
B 1 87 LEU 87 233 233 LEU LEU B . n 
B 1 88 ILE 88 234 234 ILE ILE B . n 
B 1 89 GLU 89 235 235 GLU GLU B . n 
B 1 90 TYR 90 236 236 TYR TYR B . n 
B 1 91 ASP 91 237 237 ASP ASP B . n 
B 1 92 VAL 92 238 238 VAL VAL B . n 
B 1 93 SER 93 239 239 SER SER B . n 
B 1 94 GLU 94 240 240 GLU GLU B . n 
B 1 95 THR 95 241 241 THR THR B . n 
B 1 96 ALA 96 242 242 ALA ALA B . n 
B 1 97 VAL 97 243 243 VAL VAL B . n 
# 
loop_
_pdbx_nonpoly_scheme.asym_id 
_pdbx_nonpoly_scheme.entity_id 
_pdbx_nonpoly_scheme.mon_id 
_pdbx_nonpoly_scheme.ndb_seq_num 
_pdbx_nonpoly_scheme.pdb_seq_num 
_pdbx_nonpoly_scheme.auth_seq_num 
_pdbx_nonpoly_scheme.pdb_mon_id 
_pdbx_nonpoly_scheme.auth_mon_id 
_pdbx_nonpoly_scheme.pdb_strand_id 
_pdbx_nonpoly_scheme.pdb_ins_code 
C 2 SCN 1  1244 1244 SCN SCN A . 
D 2 SCN 1  1245 1245 SCN SCN A . 
E 3 EDO 1  1246 1246 EDO EDO A . 
F 3 EDO 1  1244 1244 EDO EDO B . 
G 3 EDO 1  1245 1245 EDO EDO B . 
H 4 HOH 1  2001 2001 HOH HOH A . 
H 4 HOH 2  2002 2002 HOH HOH A . 
H 4 HOH 3  2003 2003 HOH HOH A . 
H 4 HOH 4  2004 2004 HOH HOH A . 
H 4 HOH 5  2005 2005 HOH HOH A . 
H 4 HOH 6  2006 2006 HOH HOH A . 
H 4 HOH 7  2007 2007 HOH HOH A . 
H 4 HOH 8  2008 2008 HOH HOH A . 
H 4 HOH 9  2009 2009 HOH HOH A . 
H 4 HOH 10 2010 2010 HOH HOH A . 
H 4 HOH 11 2011 2011 HOH HOH A . 
H 4 HOH 12 2012 2012 HOH HOH A . 
H 4 HOH 13 2013 2013 HOH HOH A . 
H 4 HOH 14 2014 2014 HOH HOH A . 
H 4 HOH 15 2015 2015 HOH HOH A . 
H 4 HOH 16 2016 2016 HOH HOH A . 
H 4 HOH 17 2017 2017 HOH HOH A . 
H 4 HOH 18 2018 2018 HOH HOH A . 
H 4 HOH 19 2019 2019 HOH HOH A . 
H 4 HOH 20 2020 2020 HOH HOH A . 
H 4 HOH 21 2021 2021 HOH HOH A . 
H 4 HOH 22 2022 2022 HOH HOH A . 
H 4 HOH 23 2023 2023 HOH HOH A . 
H 4 HOH 24 2024 2024 HOH HOH A . 
H 4 HOH 25 2025 2025 HOH HOH A . 
H 4 HOH 26 2026 2026 HOH HOH A . 
H 4 HOH 27 2027 2027 HOH HOH A . 
H 4 HOH 28 2028 2028 HOH HOH A . 
H 4 HOH 29 2029 2029 HOH HOH A . 
H 4 HOH 30 2030 2030 HOH HOH A . 
H 4 HOH 31 2031 2031 HOH HOH A . 
H 4 HOH 32 2032 2032 HOH HOH A . 
H 4 HOH 33 2033 2033 HOH HOH A . 
H 4 HOH 34 2034 2034 HOH HOH A . 
H 4 HOH 35 2035 2035 HOH HOH A . 
H 4 HOH 36 2036 2036 HOH HOH A . 
H 4 HOH 37 2037 2037 HOH HOH A . 
H 4 HOH 38 2038 2038 HOH HOH A . 
H 4 HOH 39 2039 2039 HOH HOH A . 
H 4 HOH 40 2040 2040 HOH HOH A . 
H 4 HOH 41 2041 2041 HOH HOH A . 
H 4 HOH 42 2042 2042 HOH HOH A . 
H 4 HOH 43 2043 2043 HOH HOH A . 
H 4 HOH 44 2044 2044 HOH HOH A . 
H 4 HOH 45 2045 2045 HOH HOH A . 
H 4 HOH 46 2046 2046 HOH HOH A . 
H 4 HOH 47 2047 2047 HOH HOH A . 
H 4 HOH 48 2048 2048 HOH HOH A . 
H 4 HOH 49 2049 2049 HOH HOH A . 
H 4 HOH 50 2050 2050 HOH HOH A . 
H 4 HOH 51 2051 2051 HOH HOH A . 
H 4 HOH 52 2052 2052 HOH HOH A . 
H 4 HOH 53 2053 2053 HOH HOH A . 
H 4 HOH 54 2054 2054 HOH HOH A . 
H 4 HOH 55 2055 2055 HOH HOH A . 
H 4 HOH 56 2056 2056 HOH HOH A . 
H 4 HOH 57 2057 2057 HOH HOH A . 
H 4 HOH 58 2058 2058 HOH HOH A . 
H 4 HOH 59 2059 2059 HOH HOH A . 
H 4 HOH 60 2060 2060 HOH HOH A . 
H 4 HOH 61 2061 2061 HOH HOH A . 
H 4 HOH 62 2062 2062 HOH HOH A . 
H 4 HOH 63 2063 2063 HOH HOH A . 
H 4 HOH 64 2064 2064 HOH HOH A . 
H 4 HOH 65 2065 2065 HOH HOH A . 
H 4 HOH 66 2066 2066 HOH HOH A . 
H 4 HOH 67 2067 2067 HOH HOH A . 
H 4 HOH 68 2068 2068 HOH HOH A . 
H 4 HOH 69 2069 2069 HOH HOH A . 
H 4 HOH 70 2070 2070 HOH HOH A . 
H 4 HOH 71 2071 2071 HOH HOH A . 
H 4 HOH 72 2072 2072 HOH HOH A . 
H 4 HOH 73 2073 2073 HOH HOH A . 
I 4 HOH 1  2001 2001 HOH HOH B . 
I 4 HOH 2  2002 2002 HOH HOH B . 
I 4 HOH 3  2003 2003 HOH HOH B . 
I 4 HOH 4  2004 2004 HOH HOH B . 
I 4 HOH 5  2005 2005 HOH HOH B . 
I 4 HOH 6  2006 2006 HOH HOH B . 
I 4 HOH 7  2007 2007 HOH HOH B . 
I 4 HOH 8  2008 2008 HOH HOH B . 
I 4 HOH 9  2009 2009 HOH HOH B . 
I 4 HOH 10 2010 2010 HOH HOH B . 
I 4 HOH 11 2011 2011 HOH HOH B . 
I 4 HOH 12 2012 2012 HOH HOH B . 
I 4 HOH 13 2013 2013 HOH HOH B . 
I 4 HOH 14 2014 2014 HOH HOH B . 
I 4 HOH 15 2015 2015 HOH HOH B . 
I 4 HOH 16 2016 2016 HOH HOH B . 
I 4 HOH 17 2017 2017 HOH HOH B . 
I 4 HOH 18 2018 2018 HOH HOH B . 
I 4 HOH 19 2019 2019 HOH HOH B . 
I 4 HOH 20 2020 2020 HOH HOH B . 
I 4 HOH 21 2021 2021 HOH HOH B . 
I 4 HOH 22 2022 2022 HOH HOH B . 
I 4 HOH 23 2023 2023 HOH HOH B . 
I 4 HOH 24 2024 2024 HOH HOH B . 
I 4 HOH 25 2025 2025 HOH HOH B . 
I 4 HOH 26 2026 2026 HOH HOH B . 
I 4 HOH 27 2027 2027 HOH HOH B . 
I 4 HOH 28 2028 2028 HOH HOH B . 
I 4 HOH 29 2029 2029 HOH HOH B . 
I 4 HOH 30 2030 2030 HOH HOH B . 
I 4 HOH 31 2031 2031 HOH HOH B . 
I 4 HOH 32 2032 2032 HOH HOH B . 
I 4 HOH 33 2033 2033 HOH HOH B . 
I 4 HOH 34 2034 2034 HOH HOH B . 
I 4 HOH 35 2035 2035 HOH HOH B . 
I 4 HOH 36 2036 2036 HOH HOH B . 
I 4 HOH 37 2037 2037 HOH HOH B . 
I 4 HOH 38 2038 2038 HOH HOH B . 
I 4 HOH 39 2039 2039 HOH HOH B . 
I 4 HOH 40 2040 2040 HOH HOH B . 
I 4 HOH 41 2041 2041 HOH HOH B . 
I 4 HOH 42 2042 2042 HOH HOH B . 
I 4 HOH 43 2043 2043 HOH HOH B . 
I 4 HOH 44 2044 2044 HOH HOH B . 
I 4 HOH 45 2045 2045 HOH HOH B . 
I 4 HOH 46 2046 2046 HOH HOH B . 
I 4 HOH 47 2047 2047 HOH HOH B . 
I 4 HOH 48 2048 2048 HOH HOH B . 
I 4 HOH 49 2049 2049 HOH HOH B . 
I 4 HOH 50 2050 2050 HOH HOH B . 
I 4 HOH 51 2051 2051 HOH HOH B . 
I 4 HOH 52 2052 2052 HOH HOH B . 
I 4 HOH 53 2053 2053 HOH HOH B . 
I 4 HOH 54 2054 2054 HOH HOH B . 
I 4 HOH 55 2055 2055 HOH HOH B . 
I 4 HOH 56 2056 2056 HOH HOH B . 
I 4 HOH 57 2057 2057 HOH HOH B . 
I 4 HOH 58 2058 2058 HOH HOH B . 
I 4 HOH 59 2059 2059 HOH HOH B . 
I 4 HOH 60 2060 2060 HOH HOH B . 
I 4 HOH 61 2061 2061 HOH HOH B . 
I 4 HOH 62 2062 2062 HOH HOH B . 
I 4 HOH 63 2063 2063 HOH HOH B . 
I 4 HOH 64 2064 2064 HOH HOH B . 
I 4 HOH 65 2065 2065 HOH HOH B . 
I 4 HOH 66 2066 2066 HOH HOH B . 
I 4 HOH 67 2067 2067 HOH HOH B . 
I 4 HOH 68 2068 2068 HOH HOH B . 
I 4 HOH 69 2069 2069 HOH HOH B . 
I 4 HOH 70 2070 2070 HOH HOH B . 
I 4 HOH 71 2071 2071 HOH HOH B . 
I 4 HOH 72 2072 2072 HOH HOH B . 
I 4 HOH 73 2073 2073 HOH HOH B . 
I 4 HOH 74 2074 2074 HOH HOH B . 
I 4 HOH 75 2075 2075 HOH HOH B . 
I 4 HOH 76 2076 2076 HOH HOH B . 
I 4 HOH 77 2077 2077 HOH HOH B . 
I 4 HOH 78 2078 2078 HOH HOH B . 
# 
loop_
_pdbx_struct_assembly.id 
_pdbx_struct_assembly.details 
_pdbx_struct_assembly.method_details 
_pdbx_struct_assembly.oligomeric_details 
_pdbx_struct_assembly.oligomeric_count 
1 author_and_software_defined_assembly PQS monomeric 1 
2 author_and_software_defined_assembly PQS monomeric 1 
# 
loop_
_pdbx_struct_assembly_gen.assembly_id 
_pdbx_struct_assembly_gen.oper_expression 
_pdbx_struct_assembly_gen.asym_id_list 
1 1 A,C,D,E,H 
2 1 B,F,G,I   
# 
_pdbx_struct_oper_list.id                   1 
_pdbx_struct_oper_list.type                 'identity operation' 
_pdbx_struct_oper_list.name                 1_555 
_pdbx_struct_oper_list.symmetry_operation   x,y,z 
_pdbx_struct_oper_list.matrix[1][1]         1.0000000000 
_pdbx_struct_oper_list.matrix[1][2]         0.0000000000 
_pdbx_struct_oper_list.matrix[1][3]         0.0000000000 
_pdbx_struct_oper_list.vector[1]            0.0000000000 
_pdbx_struct_oper_list.matrix[2][1]         0.0000000000 
_pdbx_struct_oper_list.matrix[2][2]         1.0000000000 
_pdbx_struct_oper_list.matrix[2][3]         0.0000000000 
_pdbx_struct_oper_list.vector[2]            0.0000000000 
_pdbx_struct_oper_list.matrix[3][1]         0.0000000000 
_pdbx_struct_oper_list.matrix[3][2]         0.0000000000 
_pdbx_struct_oper_list.matrix[3][3]         1.0000000000 
_pdbx_struct_oper_list.vector[3]            0.0000000000 
# 
_pdbx_struct_special_symmetry.id              1 
_pdbx_struct_special_symmetry.PDB_model_num   1 
_pdbx_struct_special_symmetry.auth_asym_id    A 
_pdbx_struct_special_symmetry.auth_comp_id    HOH 
_pdbx_struct_special_symmetry.auth_seq_id     2010 
_pdbx_struct_special_symmetry.PDB_ins_code    ? 
_pdbx_struct_special_symmetry.label_asym_id   H 
_pdbx_struct_special_symmetry.label_comp_id   HOH 
_pdbx_struct_special_symmetry.label_seq_id    . 
# 
loop_
_pdbx_audit_revision_history.ordinal 
_pdbx_audit_revision_history.data_content_type 
_pdbx_audit_revision_history.major_revision 
_pdbx_audit_revision_history.minor_revision 
_pdbx_audit_revision_history.revision_date 
1 'Structure model' 1 0 2007-07-10 
2 'Structure model' 1 1 2011-07-13 
3 'Structure model' 1 2 2018-01-24 
4 'Structure model' 1 3 2023-12-13 
# 
_pdbx_audit_revision_details.ordinal             1 
_pdbx_audit_revision_details.revision_ordinal    1 
_pdbx_audit_revision_details.data_content_type   'Structure model' 
_pdbx_audit_revision_details.provider            repository 
_pdbx_audit_revision_details.type                'Initial release' 
_pdbx_audit_revision_details.description         ? 
_pdbx_audit_revision_details.details             ? 
# 
loop_
_pdbx_audit_revision_group.ordinal 
_pdbx_audit_revision_group.revision_ordinal 
_pdbx_audit_revision_group.data_content_type 
_pdbx_audit_revision_group.group 
1 2 'Structure model' Advisory                    
2 2 'Structure model' 'Version format compliance' 
3 3 'Structure model' 'Database references'       
4 4 'Structure model' 'Data collection'           
5 4 'Structure model' 'Database references'       
6 4 'Structure model' 'Derived calculations'      
7 4 'Structure model' Other                       
8 4 'Structure model' 'Refinement description'    
# 
loop_
_pdbx_audit_revision_category.ordinal 
_pdbx_audit_revision_category.revision_ordinal 
_pdbx_audit_revision_category.data_content_type 
_pdbx_audit_revision_category.category 
1 3 'Structure model' citation_author               
2 4 'Structure model' chem_comp_atom                
3 4 'Structure model' chem_comp_bond                
4 4 'Structure model' database_2                    
5 4 'Structure model' pdbx_database_status          
6 4 'Structure model' pdbx_initial_refinement_model 
7 4 'Structure model' pdbx_struct_special_symmetry  
# 
loop_
_pdbx_audit_revision_item.ordinal 
_pdbx_audit_revision_item.revision_ordinal 
_pdbx_audit_revision_item.data_content_type 
_pdbx_audit_revision_item.item 
1 3 'Structure model' '_citation_author.name'                
2 4 'Structure model' '_database_2.pdbx_DOI'                 
3 4 'Structure model' '_database_2.pdbx_database_accession'  
4 4 'Structure model' '_pdbx_database_status.status_code_sf' 
# 
loop_
_pdbx_refine_tls.pdbx_refine_id 
_pdbx_refine_tls.id 
_pdbx_refine_tls.details 
_pdbx_refine_tls.method 
_pdbx_refine_tls.origin_x 
_pdbx_refine_tls.origin_y 
_pdbx_refine_tls.origin_z 
_pdbx_refine_tls.T[1][1] 
_pdbx_refine_tls.T[2][2] 
_pdbx_refine_tls.T[3][3] 
_pdbx_refine_tls.T[1][2] 
_pdbx_refine_tls.T[1][3] 
_pdbx_refine_tls.T[2][3] 
_pdbx_refine_tls.L[1][1] 
_pdbx_refine_tls.L[2][2] 
_pdbx_refine_tls.L[3][3] 
_pdbx_refine_tls.L[1][2] 
_pdbx_refine_tls.L[1][3] 
_pdbx_refine_tls.L[2][3] 
_pdbx_refine_tls.S[1][1] 
_pdbx_refine_tls.S[1][2] 
_pdbx_refine_tls.S[1][3] 
_pdbx_refine_tls.S[2][1] 
_pdbx_refine_tls.S[2][2] 
_pdbx_refine_tls.S[2][3] 
_pdbx_refine_tls.S[3][1] 
_pdbx_refine_tls.S[3][2] 
_pdbx_refine_tls.S[3][3] 
'X-RAY DIFFRACTION' 1 ? refined -11.8357 -4.0724 -0.3332 -0.1554 -0.0348 -0.1137 -0.0258 -0.0113 0.0305 1.2373 2.2855 3.9541 -0.4425 0.7289  0.7462  -0.0173 0.0732 0.0742  -0.0372 0.1030 0.0857  -0.1099 -0.5833 -0.0857 
'X-RAY DIFFRACTION' 2 ? refined 12.0652  3.9493  0.4944  -0.0539 -0.1306 -0.1540 0.0072  -0.0196 0.0063 3.8999 2.1084 1.3056 0.9763  -0.5863 -0.6614 -0.0822 0.2031 -0.0260 -0.3068 0.0090 -0.0566 0.1221  0.1995  0.0732 
# 
loop_
_pdbx_refine_tls_group.pdbx_refine_id 
_pdbx_refine_tls_group.id 
_pdbx_refine_tls_group.refine_tls_id 
_pdbx_refine_tls_group.beg_auth_asym_id 
_pdbx_refine_tls_group.beg_auth_seq_id 
_pdbx_refine_tls_group.beg_label_asym_id 
_pdbx_refine_tls_group.beg_label_seq_id 
_pdbx_refine_tls_group.end_auth_asym_id 
_pdbx_refine_tls_group.end_auth_seq_id 
_pdbx_refine_tls_group.end_label_asym_id 
_pdbx_refine_tls_group.end_label_seq_id 
_pdbx_refine_tls_group.selection 
_pdbx_refine_tls_group.selection_details 
'X-RAY DIFFRACTION' 1 1 A -1 ? ? A 243 ? ? ? ? 
'X-RAY DIFFRACTION' 2 2 B -1 ? ? B 243 ? ? ? ? 
# 
loop_
_software.name 
_software.classification 
_software.version 
_software.citation_id 
_software.pdbx_ordinal 
REFMAC refinement       5.3.0037 ? 1 
MOSFLM 'data reduction' .        ? 2 
SCALA  'data scaling'   .        ? 3 
PHASER phasing          .        ? 4 
# 
_pdbx_entry_details.entry_id                 2JIL 
_pdbx_entry_details.compound_details         
;ENGINEERED RESIDUE IN CHAIN A, CYS 184 TO SER
ENGINEERED RESIDUE IN CHAIN B, CYS 184 TO SER
;
_pdbx_entry_details.source_details           ? 
_pdbx_entry_details.nonpolymer_details       ? 
_pdbx_entry_details.sequence_details         ? 
_pdbx_entry_details.has_ligand_of_interest   ? 
# 
loop_
_pdbx_validate_torsion.id 
_pdbx_validate_torsion.PDB_model_num 
_pdbx_validate_torsion.auth_comp_id 
_pdbx_validate_torsion.auth_asym_id 
_pdbx_validate_torsion.auth_seq_id 
_pdbx_validate_torsion.PDB_ins_code 
_pdbx_validate_torsion.label_alt_id 
_pdbx_validate_torsion.phi 
_pdbx_validate_torsion.psi 
1 1 LEU A 211 ? ? -96.37 36.23 
2 1 ASN B 160 ? ? 58.45  13.26 
# 
loop_
_pdbx_unobs_or_zero_occ_atoms.id 
_pdbx_unobs_or_zero_occ_atoms.PDB_model_num 
_pdbx_unobs_or_zero_occ_atoms.polymer_flag 
_pdbx_unobs_or_zero_occ_atoms.occupancy_flag 
_pdbx_unobs_or_zero_occ_atoms.auth_asym_id 
_pdbx_unobs_or_zero_occ_atoms.auth_comp_id 
_pdbx_unobs_or_zero_occ_atoms.auth_seq_id 
_pdbx_unobs_or_zero_occ_atoms.PDB_ins_code 
_pdbx_unobs_or_zero_occ_atoms.auth_atom_id 
_pdbx_unobs_or_zero_occ_atoms.label_alt_id 
_pdbx_unobs_or_zero_occ_atoms.label_asym_id 
_pdbx_unobs_or_zero_occ_atoms.label_comp_id 
_pdbx_unobs_or_zero_occ_atoms.label_seq_id 
_pdbx_unobs_or_zero_occ_atoms.label_atom_id 
1  1 Y 1 A ASP 172 ? CG  ? A ASP 26 CG  
2  1 Y 1 A ASP 172 ? OD1 ? A ASP 26 OD1 
3  1 Y 1 A ASP 172 ? OD2 ? A ASP 26 OD2 
4  1 Y 1 A ARG 174 ? CG  ? A ARG 28 CG  
5  1 Y 1 A ARG 174 ? CD  ? A ARG 28 CD  
6  1 Y 1 A ARG 174 ? NE  ? A ARG 28 NE  
7  1 Y 1 A ARG 174 ? CZ  ? A ARG 28 CZ  
8  1 Y 1 A ARG 174 ? NH1 ? A ARG 28 NH1 
9  1 Y 1 A ARG 174 ? NH2 ? A ARG 28 NH2 
10 1 Y 1 A LYS 224 ? CD  ? A LYS 78 CD  
11 1 Y 1 A LYS 224 ? CE  ? A LYS 78 CE  
12 1 Y 1 A LYS 224 ? NZ  ? A LYS 78 NZ  
13 1 Y 1 A GLN 228 ? CG  ? A GLN 82 CG  
14 1 Y 1 A GLN 228 ? CD  ? A GLN 82 CD  
15 1 Y 1 A GLN 228 ? OE1 ? A GLN 82 OE1 
16 1 Y 1 A GLN 228 ? NE2 ? A GLN 82 NE2 
17 1 Y 1 B GLU 158 ? OE1 ? B GLU 12 OE1 
18 1 Y 1 B GLU 158 ? OE2 ? B GLU 12 OE2 
19 1 Y 1 B ASP 172 ? CG  ? B ASP 26 CG  
20 1 Y 1 B ASP 172 ? OD1 ? B ASP 26 OD1 
21 1 Y 1 B ASP 172 ? OD2 ? B ASP 26 OD2 
22 1 Y 1 B ASN 175 ? OD1 ? B ASN 29 OD1 
23 1 Y 1 B ASN 175 ? ND2 ? B ASN 29 ND2 
24 1 Y 1 B LYS 176 ? CD  ? B LYS 30 CD  
25 1 Y 1 B LYS 176 ? CE  ? B LYS 30 CE  
26 1 Y 1 B LYS 176 ? NZ  ? B LYS 30 NZ  
27 1 Y 1 B LYS 224 ? CD  ? B LYS 78 CD  
28 1 Y 1 B LYS 224 ? CE  ? B LYS 78 CE  
29 1 Y 1 B LYS 224 ? NZ  ? B LYS 78 NZ  
30 1 Y 1 B GLN 225 ? CD  ? B GLN 79 CD  
31 1 Y 1 B GLN 225 ? OE1 ? B GLN 79 OE1 
32 1 Y 1 B GLN 225 ? NE2 ? B GLN 79 NE2 
# 
loop_
_pdbx_unobs_or_zero_occ_residues.id 
_pdbx_unobs_or_zero_occ_residues.PDB_model_num 
_pdbx_unobs_or_zero_occ_residues.polymer_flag 
_pdbx_unobs_or_zero_occ_residues.occupancy_flag 
_pdbx_unobs_or_zero_occ_residues.auth_asym_id 
_pdbx_unobs_or_zero_occ_residues.auth_comp_id 
_pdbx_unobs_or_zero_occ_residues.auth_seq_id 
_pdbx_unobs_or_zero_occ_residues.PDB_ins_code 
_pdbx_unobs_or_zero_occ_residues.label_asym_id 
_pdbx_unobs_or_zero_occ_residues.label_comp_id 
_pdbx_unobs_or_zero_occ_residues.label_seq_id 
1 1 Y 1 A ASN 175 ? A ASN 29 
2 1 Y 1 A LYS 176 ? A LYS 30 
# 
loop_
_chem_comp_atom.comp_id 
_chem_comp_atom.atom_id 
_chem_comp_atom.type_symbol 
_chem_comp_atom.pdbx_aromatic_flag 
_chem_comp_atom.pdbx_stereo_config 
_chem_comp_atom.pdbx_ordinal 
ALA N    N N N 1   
ALA CA   C N S 2   
ALA C    C N N 3   
ALA O    O N N 4   
ALA CB   C N N 5   
ALA OXT  O N N 6   
ALA H    H N N 7   
ALA H2   H N N 8   
ALA HA   H N N 9   
ALA HB1  H N N 10  
ALA HB2  H N N 11  
ALA HB3  H N N 12  
ALA HXT  H N N 13  
ARG N    N N N 14  
ARG CA   C N S 15  
ARG C    C N N 16  
ARG O    O N N 17  
ARG CB   C N N 18  
ARG CG   C N N 19  
ARG CD   C N N 20  
ARG NE   N N N 21  
ARG CZ   C N N 22  
ARG NH1  N N N 23  
ARG NH2  N N N 24  
ARG OXT  O N N 25  
ARG H    H N N 26  
ARG H2   H N N 27  
ARG HA   H N N 28  
ARG HB2  H N N 29  
ARG HB3  H N N 30  
ARG HG2  H N N 31  
ARG HG3  H N N 32  
ARG HD2  H N N 33  
ARG HD3  H N N 34  
ARG HE   H N N 35  
ARG HH11 H N N 36  
ARG HH12 H N N 37  
ARG HH21 H N N 38  
ARG HH22 H N N 39  
ARG HXT  H N N 40  
ASN N    N N N 41  
ASN CA   C N S 42  
ASN C    C N N 43  
ASN O    O N N 44  
ASN CB   C N N 45  
ASN CG   C N N 46  
ASN OD1  O N N 47  
ASN ND2  N N N 48  
ASN OXT  O N N 49  
ASN H    H N N 50  
ASN H2   H N N 51  
ASN HA   H N N 52  
ASN HB2  H N N 53  
ASN HB3  H N N 54  
ASN HD21 H N N 55  
ASN HD22 H N N 56  
ASN HXT  H N N 57  
ASP N    N N N 58  
ASP CA   C N S 59  
ASP C    C N N 60  
ASP O    O N N 61  
ASP CB   C N N 62  
ASP CG   C N N 63  
ASP OD1  O N N 64  
ASP OD2  O N N 65  
ASP OXT  O N N 66  
ASP H    H N N 67  
ASP H2   H N N 68  
ASP HA   H N N 69  
ASP HB2  H N N 70  
ASP HB3  H N N 71  
ASP HD2  H N N 72  
ASP HXT  H N N 73  
CYS N    N N N 74  
CYS CA   C N R 75  
CYS C    C N N 76  
CYS O    O N N 77  
CYS CB   C N N 78  
CYS SG   S N N 79  
CYS OXT  O N N 80  
CYS H    H N N 81  
CYS H2   H N N 82  
CYS HA   H N N 83  
CYS HB2  H N N 84  
CYS HB3  H N N 85  
CYS HG   H N N 86  
CYS HXT  H N N 87  
EDO C1   C N N 88  
EDO O1   O N N 89  
EDO C2   C N N 90  
EDO O2   O N N 91  
EDO H11  H N N 92  
EDO H12  H N N 93  
EDO HO1  H N N 94  
EDO H21  H N N 95  
EDO H22  H N N 96  
EDO HO2  H N N 97  
GLN N    N N N 98  
GLN CA   C N S 99  
GLN C    C N N 100 
GLN O    O N N 101 
GLN CB   C N N 102 
GLN CG   C N N 103 
GLN CD   C N N 104 
GLN OE1  O N N 105 
GLN NE2  N N N 106 
GLN OXT  O N N 107 
GLN H    H N N 108 
GLN H2   H N N 109 
GLN HA   H N N 110 
GLN HB2  H N N 111 
GLN HB3  H N N 112 
GLN HG2  H N N 113 
GLN HG3  H N N 114 
GLN HE21 H N N 115 
GLN HE22 H N N 116 
GLN HXT  H N N 117 
GLU N    N N N 118 
GLU CA   C N S 119 
GLU C    C N N 120 
GLU O    O N N 121 
GLU CB   C N N 122 
GLU CG   C N N 123 
GLU CD   C N N 124 
GLU OE1  O N N 125 
GLU OE2  O N N 126 
GLU OXT  O N N 127 
GLU H    H N N 128 
GLU H2   H N N 129 
GLU HA   H N N 130 
GLU HB2  H N N 131 
GLU HB3  H N N 132 
GLU HG2  H N N 133 
GLU HG3  H N N 134 
GLU HE2  H N N 135 
GLU HXT  H N N 136 
GLY N    N N N 137 
GLY CA   C N N 138 
GLY C    C N N 139 
GLY O    O N N 140 
GLY OXT  O N N 141 
GLY H    H N N 142 
GLY H2   H N N 143 
GLY HA2  H N N 144 
GLY HA3  H N N 145 
GLY HXT  H N N 146 
HIS N    N N N 147 
HIS CA   C N S 148 
HIS C    C N N 149 
HIS O    O N N 150 
HIS CB   C N N 151 
HIS CG   C Y N 152 
HIS ND1  N Y N 153 
HIS CD2  C Y N 154 
HIS CE1  C Y N 155 
HIS NE2  N Y N 156 
HIS OXT  O N N 157 
HIS H    H N N 158 
HIS H2   H N N 159 
HIS HA   H N N 160 
HIS HB2  H N N 161 
HIS HB3  H N N 162 
HIS HD1  H N N 163 
HIS HD2  H N N 164 
HIS HE1  H N N 165 
HIS HE2  H N N 166 
HIS HXT  H N N 167 
HOH O    O N N 168 
HOH H1   H N N 169 
HOH H2   H N N 170 
ILE N    N N N 171 
ILE CA   C N S 172 
ILE C    C N N 173 
ILE O    O N N 174 
ILE CB   C N S 175 
ILE CG1  C N N 176 
ILE CG2  C N N 177 
ILE CD1  C N N 178 
ILE OXT  O N N 179 
ILE H    H N N 180 
ILE H2   H N N 181 
ILE HA   H N N 182 
ILE HB   H N N 183 
ILE HG12 H N N 184 
ILE HG13 H N N 185 
ILE HG21 H N N 186 
ILE HG22 H N N 187 
ILE HG23 H N N 188 
ILE HD11 H N N 189 
ILE HD12 H N N 190 
ILE HD13 H N N 191 
ILE HXT  H N N 192 
LEU N    N N N 193 
LEU CA   C N S 194 
LEU C    C N N 195 
LEU O    O N N 196 
LEU CB   C N N 197 
LEU CG   C N N 198 
LEU CD1  C N N 199 
LEU CD2  C N N 200 
LEU OXT  O N N 201 
LEU H    H N N 202 
LEU H2   H N N 203 
LEU HA   H N N 204 
LEU HB2  H N N 205 
LEU HB3  H N N 206 
LEU HG   H N N 207 
LEU HD11 H N N 208 
LEU HD12 H N N 209 
LEU HD13 H N N 210 
LEU HD21 H N N 211 
LEU HD22 H N N 212 
LEU HD23 H N N 213 
LEU HXT  H N N 214 
LYS N    N N N 215 
LYS CA   C N S 216 
LYS C    C N N 217 
LYS O    O N N 218 
LYS CB   C N N 219 
LYS CG   C N N 220 
LYS CD   C N N 221 
LYS CE   C N N 222 
LYS NZ   N N N 223 
LYS OXT  O N N 224 
LYS H    H N N 225 
LYS H2   H N N 226 
LYS HA   H N N 227 
LYS HB2  H N N 228 
LYS HB3  H N N 229 
LYS HG2  H N N 230 
LYS HG3  H N N 231 
LYS HD2  H N N 232 
LYS HD3  H N N 233 
LYS HE2  H N N 234 
LYS HE3  H N N 235 
LYS HZ1  H N N 236 
LYS HZ2  H N N 237 
LYS HZ3  H N N 238 
LYS HXT  H N N 239 
MET N    N N N 240 
MET CA   C N S 241 
MET C    C N N 242 
MET O    O N N 243 
MET CB   C N N 244 
MET CG   C N N 245 
MET SD   S N N 246 
MET CE   C N N 247 
MET OXT  O N N 248 
MET H    H N N 249 
MET H2   H N N 250 
MET HA   H N N 251 
MET HB2  H N N 252 
MET HB3  H N N 253 
MET HG2  H N N 254 
MET HG3  H N N 255 
MET HE1  H N N 256 
MET HE2  H N N 257 
MET HE3  H N N 258 
MET HXT  H N N 259 
PHE N    N N N 260 
PHE CA   C N S 261 
PHE C    C N N 262 
PHE O    O N N 263 
PHE CB   C N N 264 
PHE CG   C Y N 265 
PHE CD1  C Y N 266 
PHE CD2  C Y N 267 
PHE CE1  C Y N 268 
PHE CE2  C Y N 269 
PHE CZ   C Y N 270 
PHE OXT  O N N 271 
PHE H    H N N 272 
PHE H2   H N N 273 
PHE HA   H N N 274 
PHE HB2  H N N 275 
PHE HB3  H N N 276 
PHE HD1  H N N 277 
PHE HD2  H N N 278 
PHE HE1  H N N 279 
PHE HE2  H N N 280 
PHE HZ   H N N 281 
PHE HXT  H N N 282 
PRO N    N N N 283 
PRO CA   C N S 284 
PRO C    C N N 285 
PRO O    O N N 286 
PRO CB   C N N 287 
PRO CG   C N N 288 
PRO CD   C N N 289 
PRO OXT  O N N 290 
PRO H    H N N 291 
PRO HA   H N N 292 
PRO HB2  H N N 293 
PRO HB3  H N N 294 
PRO HG2  H N N 295 
PRO HG3  H N N 296 
PRO HD2  H N N 297 
PRO HD3  H N N 298 
PRO HXT  H N N 299 
SCN S    S N N 300 
SCN C    C N N 301 
SCN N    N N N 302 
SER N    N N N 303 
SER CA   C N S 304 
SER C    C N N 305 
SER O    O N N 306 
SER CB   C N N 307 
SER OG   O N N 308 
SER OXT  O N N 309 
SER H    H N N 310 
SER H2   H N N 311 
SER HA   H N N 312 
SER HB2  H N N 313 
SER HB3  H N N 314 
SER HG   H N N 315 
SER HXT  H N N 316 
THR N    N N N 317 
THR CA   C N S 318 
THR C    C N N 319 
THR O    O N N 320 
THR CB   C N R 321 
THR OG1  O N N 322 
THR CG2  C N N 323 
THR OXT  O N N 324 
THR H    H N N 325 
THR H2   H N N 326 
THR HA   H N N 327 
THR HB   H N N 328 
THR HG1  H N N 329 
THR HG21 H N N 330 
THR HG22 H N N 331 
THR HG23 H N N 332 
THR HXT  H N N 333 
TYR N    N N N 334 
TYR CA   C N S 335 
TYR C    C N N 336 
TYR O    O N N 337 
TYR CB   C N N 338 
TYR CG   C Y N 339 
TYR CD1  C Y N 340 
TYR CD2  C Y N 341 
TYR CE1  C Y N 342 
TYR CE2  C Y N 343 
TYR CZ   C Y N 344 
TYR OH   O N N 345 
TYR OXT  O N N 346 
TYR H    H N N 347 
TYR H2   H N N 348 
TYR HA   H N N 349 
TYR HB2  H N N 350 
TYR HB3  H N N 351 
TYR HD1  H N N 352 
TYR HD2  H N N 353 
TYR HE1  H N N 354 
TYR HE2  H N N 355 
TYR HH   H N N 356 
TYR HXT  H N N 357 
VAL N    N N N 358 
VAL CA   C N S 359 
VAL C    C N N 360 
VAL O    O N N 361 
VAL CB   C N N 362 
VAL CG1  C N N 363 
VAL CG2  C N N 364 
VAL OXT  O N N 365 
VAL H    H N N 366 
VAL H2   H N N 367 
VAL HA   H N N 368 
VAL HB   H N N 369 
VAL HG11 H N N 370 
VAL HG12 H N N 371 
VAL HG13 H N N 372 
VAL HG21 H N N 373 
VAL HG22 H N N 374 
VAL HG23 H N N 375 
VAL HXT  H N N 376 
# 
loop_
_chem_comp_bond.comp_id 
_chem_comp_bond.atom_id_1 
_chem_comp_bond.atom_id_2 
_chem_comp_bond.value_order 
_chem_comp_bond.pdbx_aromatic_flag 
_chem_comp_bond.pdbx_stereo_config 
_chem_comp_bond.pdbx_ordinal 
ALA N   CA   sing N N 1   
ALA N   H    sing N N 2   
ALA N   H2   sing N N 3   
ALA CA  C    sing N N 4   
ALA CA  CB   sing N N 5   
ALA CA  HA   sing N N 6   
ALA C   O    doub N N 7   
ALA C   OXT  sing N N 8   
ALA CB  HB1  sing N N 9   
ALA CB  HB2  sing N N 10  
ALA CB  HB3  sing N N 11  
ALA OXT HXT  sing N N 12  
ARG N   CA   sing N N 13  
ARG N   H    sing N N 14  
ARG N   H2   sing N N 15  
ARG CA  C    sing N N 16  
ARG CA  CB   sing N N 17  
ARG CA  HA   sing N N 18  
ARG C   O    doub N N 19  
ARG C   OXT  sing N N 20  
ARG CB  CG   sing N N 21  
ARG CB  HB2  sing N N 22  
ARG CB  HB3  sing N N 23  
ARG CG  CD   sing N N 24  
ARG CG  HG2  sing N N 25  
ARG CG  HG3  sing N N 26  
ARG CD  NE   sing N N 27  
ARG CD  HD2  sing N N 28  
ARG CD  HD3  sing N N 29  
ARG NE  CZ   sing N N 30  
ARG NE  HE   sing N N 31  
ARG CZ  NH1  sing N N 32  
ARG CZ  NH2  doub N N 33  
ARG NH1 HH11 sing N N 34  
ARG NH1 HH12 sing N N 35  
ARG NH2 HH21 sing N N 36  
ARG NH2 HH22 sing N N 37  
ARG OXT HXT  sing N N 38  
ASN N   CA   sing N N 39  
ASN N   H    sing N N 40  
ASN N   H2   sing N N 41  
ASN CA  C    sing N N 42  
ASN CA  CB   sing N N 43  
ASN CA  HA   sing N N 44  
ASN C   O    doub N N 45  
ASN C   OXT  sing N N 46  
ASN CB  CG   sing N N 47  
ASN CB  HB2  sing N N 48  
ASN CB  HB3  sing N N 49  
ASN CG  OD1  doub N N 50  
ASN CG  ND2  sing N N 51  
ASN ND2 HD21 sing N N 52  
ASN ND2 HD22 sing N N 53  
ASN OXT HXT  sing N N 54  
ASP N   CA   sing N N 55  
ASP N   H    sing N N 56  
ASP N   H2   sing N N 57  
ASP CA  C    sing N N 58  
ASP CA  CB   sing N N 59  
ASP CA  HA   sing N N 60  
ASP C   O    doub N N 61  
ASP C   OXT  sing N N 62  
ASP CB  CG   sing N N 63  
ASP CB  HB2  sing N N 64  
ASP CB  HB3  sing N N 65  
ASP CG  OD1  doub N N 66  
ASP CG  OD2  sing N N 67  
ASP OD2 HD2  sing N N 68  
ASP OXT HXT  sing N N 69  
CYS N   CA   sing N N 70  
CYS N   H    sing N N 71  
CYS N   H2   sing N N 72  
CYS CA  C    sing N N 73  
CYS CA  CB   sing N N 74  
CYS CA  HA   sing N N 75  
CYS C   O    doub N N 76  
CYS C   OXT  sing N N 77  
CYS CB  SG   sing N N 78  
CYS CB  HB2  sing N N 79  
CYS CB  HB3  sing N N 80  
CYS SG  HG   sing N N 81  
CYS OXT HXT  sing N N 82  
EDO C1  O1   sing N N 83  
EDO C1  C2   sing N N 84  
EDO C1  H11  sing N N 85  
EDO C1  H12  sing N N 86  
EDO O1  HO1  sing N N 87  
EDO C2  O2   sing N N 88  
EDO C2  H21  sing N N 89  
EDO C2  H22  sing N N 90  
EDO O2  HO2  sing N N 91  
GLN N   CA   sing N N 92  
GLN N   H    sing N N 93  
GLN N   H2   sing N N 94  
GLN CA  C    sing N N 95  
GLN CA  CB   sing N N 96  
GLN CA  HA   sing N N 97  
GLN C   O    doub N N 98  
GLN C   OXT  sing N N 99  
GLN CB  CG   sing N N 100 
GLN CB  HB2  sing N N 101 
GLN CB  HB3  sing N N 102 
GLN CG  CD   sing N N 103 
GLN CG  HG2  sing N N 104 
GLN CG  HG3  sing N N 105 
GLN CD  OE1  doub N N 106 
GLN CD  NE2  sing N N 107 
GLN NE2 HE21 sing N N 108 
GLN NE2 HE22 sing N N 109 
GLN OXT HXT  sing N N 110 
GLU N   CA   sing N N 111 
GLU N   H    sing N N 112 
GLU N   H2   sing N N 113 
GLU CA  C    sing N N 114 
GLU CA  CB   sing N N 115 
GLU CA  HA   sing N N 116 
GLU C   O    doub N N 117 
GLU C   OXT  sing N N 118 
GLU CB  CG   sing N N 119 
GLU CB  HB2  sing N N 120 
GLU CB  HB3  sing N N 121 
GLU CG  CD   sing N N 122 
GLU CG  HG2  sing N N 123 
GLU CG  HG3  sing N N 124 
GLU CD  OE1  doub N N 125 
GLU CD  OE2  sing N N 126 
GLU OE2 HE2  sing N N 127 
GLU OXT HXT  sing N N 128 
GLY N   CA   sing N N 129 
GLY N   H    sing N N 130 
GLY N   H2   sing N N 131 
GLY CA  C    sing N N 132 
GLY CA  HA2  sing N N 133 
GLY CA  HA3  sing N N 134 
GLY C   O    doub N N 135 
GLY C   OXT  sing N N 136 
GLY OXT HXT  sing N N 137 
HIS N   CA   sing N N 138 
HIS N   H    sing N N 139 
HIS N   H2   sing N N 140 
HIS CA  C    sing N N 141 
HIS CA  CB   sing N N 142 
HIS CA  HA   sing N N 143 
HIS C   O    doub N N 144 
HIS C   OXT  sing N N 145 
HIS CB  CG   sing N N 146 
HIS CB  HB2  sing N N 147 
HIS CB  HB3  sing N N 148 
HIS CG  ND1  sing Y N 149 
HIS CG  CD2  doub Y N 150 
HIS ND1 CE1  doub Y N 151 
HIS ND1 HD1  sing N N 152 
HIS CD2 NE2  sing Y N 153 
HIS CD2 HD2  sing N N 154 
HIS CE1 NE2  sing Y N 155 
HIS CE1 HE1  sing N N 156 
HIS NE2 HE2  sing N N 157 
HIS OXT HXT  sing N N 158 
HOH O   H1   sing N N 159 
HOH O   H2   sing N N 160 
ILE N   CA   sing N N 161 
ILE N   H    sing N N 162 
ILE N   H2   sing N N 163 
ILE CA  C    sing N N 164 
ILE CA  CB   sing N N 165 
ILE CA  HA   sing N N 166 
ILE C   O    doub N N 167 
ILE C   OXT  sing N N 168 
ILE CB  CG1  sing N N 169 
ILE CB  CG2  sing N N 170 
ILE CB  HB   sing N N 171 
ILE CG1 CD1  sing N N 172 
ILE CG1 HG12 sing N N 173 
ILE CG1 HG13 sing N N 174 
ILE CG2 HG21 sing N N 175 
ILE CG2 HG22 sing N N 176 
ILE CG2 HG23 sing N N 177 
ILE CD1 HD11 sing N N 178 
ILE CD1 HD12 sing N N 179 
ILE CD1 HD13 sing N N 180 
ILE OXT HXT  sing N N 181 
LEU N   CA   sing N N 182 
LEU N   H    sing N N 183 
LEU N   H2   sing N N 184 
LEU CA  C    sing N N 185 
LEU CA  CB   sing N N 186 
LEU CA  HA   sing N N 187 
LEU C   O    doub N N 188 
LEU C   OXT  sing N N 189 
LEU CB  CG   sing N N 190 
LEU CB  HB2  sing N N 191 
LEU CB  HB3  sing N N 192 
LEU CG  CD1  sing N N 193 
LEU CG  CD2  sing N N 194 
LEU CG  HG   sing N N 195 
LEU CD1 HD11 sing N N 196 
LEU CD1 HD12 sing N N 197 
LEU CD1 HD13 sing N N 198 
LEU CD2 HD21 sing N N 199 
LEU CD2 HD22 sing N N 200 
LEU CD2 HD23 sing N N 201 
LEU OXT HXT  sing N N 202 
LYS N   CA   sing N N 203 
LYS N   H    sing N N 204 
LYS N   H2   sing N N 205 
LYS CA  C    sing N N 206 
LYS CA  CB   sing N N 207 
LYS CA  HA   sing N N 208 
LYS C   O    doub N N 209 
LYS C   OXT  sing N N 210 
LYS CB  CG   sing N N 211 
LYS CB  HB2  sing N N 212 
LYS CB  HB3  sing N N 213 
LYS CG  CD   sing N N 214 
LYS CG  HG2  sing N N 215 
LYS CG  HG3  sing N N 216 
LYS CD  CE   sing N N 217 
LYS CD  HD2  sing N N 218 
LYS CD  HD3  sing N N 219 
LYS CE  NZ   sing N N 220 
LYS CE  HE2  sing N N 221 
LYS CE  HE3  sing N N 222 
LYS NZ  HZ1  sing N N 223 
LYS NZ  HZ2  sing N N 224 
LYS NZ  HZ3  sing N N 225 
LYS OXT HXT  sing N N 226 
MET N   CA   sing N N 227 
MET N   H    sing N N 228 
MET N   H2   sing N N 229 
MET CA  C    sing N N 230 
MET CA  CB   sing N N 231 
MET CA  HA   sing N N 232 
MET C   O    doub N N 233 
MET C   OXT  sing N N 234 
MET CB  CG   sing N N 235 
MET CB  HB2  sing N N 236 
MET CB  HB3  sing N N 237 
MET CG  SD   sing N N 238 
MET CG  HG2  sing N N 239 
MET CG  HG3  sing N N 240 
MET SD  CE   sing N N 241 
MET CE  HE1  sing N N 242 
MET CE  HE2  sing N N 243 
MET CE  HE3  sing N N 244 
MET OXT HXT  sing N N 245 
PHE N   CA   sing N N 246 
PHE N   H    sing N N 247 
PHE N   H2   sing N N 248 
PHE CA  C    sing N N 249 
PHE CA  CB   sing N N 250 
PHE CA  HA   sing N N 251 
PHE C   O    doub N N 252 
PHE C   OXT  sing N N 253 
PHE CB  CG   sing N N 254 
PHE CB  HB2  sing N N 255 
PHE CB  HB3  sing N N 256 
PHE CG  CD1  doub Y N 257 
PHE CG  CD2  sing Y N 258 
PHE CD1 CE1  sing Y N 259 
PHE CD1 HD1  sing N N 260 
PHE CD2 CE2  doub Y N 261 
PHE CD2 HD2  sing N N 262 
PHE CE1 CZ   doub Y N 263 
PHE CE1 HE1  sing N N 264 
PHE CE2 CZ   sing Y N 265 
PHE CE2 HE2  sing N N 266 
PHE CZ  HZ   sing N N 267 
PHE OXT HXT  sing N N 268 
PRO N   CA   sing N N 269 
PRO N   CD   sing N N 270 
PRO N   H    sing N N 271 
PRO CA  C    sing N N 272 
PRO CA  CB   sing N N 273 
PRO CA  HA   sing N N 274 
PRO C   O    doub N N 275 
PRO C   OXT  sing N N 276 
PRO CB  CG   sing N N 277 
PRO CB  HB2  sing N N 278 
PRO CB  HB3  sing N N 279 
PRO CG  CD   sing N N 280 
PRO CG  HG2  sing N N 281 
PRO CG  HG3  sing N N 282 
PRO CD  HD2  sing N N 283 
PRO CD  HD3  sing N N 284 
PRO OXT HXT  sing N N 285 
SCN S   C    sing N N 286 
SCN C   N    trip N N 287 
SER N   CA   sing N N 288 
SER N   H    sing N N 289 
SER N   H2   sing N N 290 
SER CA  C    sing N N 291 
SER CA  CB   sing N N 292 
SER CA  HA   sing N N 293 
SER C   O    doub N N 294 
SER C   OXT  sing N N 295 
SER CB  OG   sing N N 296 
SER CB  HB2  sing N N 297 
SER CB  HB3  sing N N 298 
SER OG  HG   sing N N 299 
SER OXT HXT  sing N N 300 
THR N   CA   sing N N 301 
THR N   H    sing N N 302 
THR N   H2   sing N N 303 
THR CA  C    sing N N 304 
THR CA  CB   sing N N 305 
THR CA  HA   sing N N 306 
THR C   O    doub N N 307 
THR C   OXT  sing N N 308 
THR CB  OG1  sing N N 309 
THR CB  CG2  sing N N 310 
THR CB  HB   sing N N 311 
THR OG1 HG1  sing N N 312 
THR CG2 HG21 sing N N 313 
THR CG2 HG22 sing N N 314 
THR CG2 HG23 sing N N 315 
THR OXT HXT  sing N N 316 
TYR N   CA   sing N N 317 
TYR N   H    sing N N 318 
TYR N   H2   sing N N 319 
TYR CA  C    sing N N 320 
TYR CA  CB   sing N N 321 
TYR CA  HA   sing N N 322 
TYR C   O    doub N N 323 
TYR C   OXT  sing N N 324 
TYR CB  CG   sing N N 325 
TYR CB  HB2  sing N N 326 
TYR CB  HB3  sing N N 327 
TYR CG  CD1  doub Y N 328 
TYR CG  CD2  sing Y N 329 
TYR CD1 CE1  sing Y N 330 
TYR CD1 HD1  sing N N 331 
TYR CD2 CE2  doub Y N 332 
TYR CD2 HD2  sing N N 333 
TYR CE1 CZ   doub Y N 334 
TYR CE1 HE1  sing N N 335 
TYR CE2 CZ   sing Y N 336 
TYR CE2 HE2  sing N N 337 
TYR CZ  OH   sing N N 338 
TYR OH  HH   sing N N 339 
TYR OXT HXT  sing N N 340 
VAL N   CA   sing N N 341 
VAL N   H    sing N N 342 
VAL N   H2   sing N N 343 
VAL CA  C    sing N N 344 
VAL CA  CB   sing N N 345 
VAL CA  HA   sing N N 346 
VAL C   O    doub N N 347 
VAL C   OXT  sing N N 348 
VAL CB  CG1  sing N N 349 
VAL CB  CG2  sing N N 350 
VAL CB  HB   sing N N 351 
VAL CG1 HG11 sing N N 352 
VAL CG1 HG12 sing N N 353 
VAL CG1 HG13 sing N N 354 
VAL CG2 HG21 sing N N 355 
VAL CG2 HG22 sing N N 356 
VAL CG2 HG23 sing N N 357 
VAL OXT HXT  sing N N 358 
# 
loop_
_pdbx_entity_nonpoly.entity_id 
_pdbx_entity_nonpoly.name 
_pdbx_entity_nonpoly.comp_id 
2 'THIOCYANATE ION' SCN 
3 1,2-ETHANEDIOL    EDO 
4 water             HOH 
# 
loop_
_pdbx_initial_refinement_model.id 
_pdbx_initial_refinement_model.entity_id_list 
_pdbx_initial_refinement_model.type 
_pdbx_initial_refinement_model.source_name 
_pdbx_initial_refinement_model.accession_code 
_pdbx_initial_refinement_model.details 
1 ? 'experimental model' PDB 1N7E 'PDB ENTRY 1N7E 1TQ3 1BE9 1MFG 2HE2 1N7F' 
2 ? 'experimental model' PDB 1TQ3 'PDB ENTRY 1N7E 1TQ3 1BE9 1MFG 2HE2 1N7F' 
3 ? 'experimental model' PDB 1BE9 'PDB ENTRY 1N7E 1TQ3 1BE9 1MFG 2HE2 1N7F' 
4 ? 'experimental model' PDB 1MFG 'PDB ENTRY 1N7E 1TQ3 1BE9 1MFG 2HE2 1N7F' 
5 ? 'experimental model' PDB 2HE2 'PDB ENTRY 1N7E 1TQ3 1BE9 1MFG 2HE2 1N7F' 
6 ? 'experimental model' PDB 1N7F 'PDB ENTRY 1N7E 1TQ3 1BE9 1MFG 2HE2 1N7F' 
# 
